data_1ULY
# 
_entry.id   1ULY 
# 
_audit_conform.dict_name       mmcif_pdbx.dic 
_audit_conform.dict_version    5.398 
_audit_conform.dict_location   http://mmcif.pdb.org/dictionaries/ascii/mmcif_pdbx.dic 
# 
loop_
_database_2.database_id 
_database_2.database_code 
_database_2.pdbx_database_accession 
_database_2.pdbx_DOI 
PDB   1ULY         pdb_00001uly 10.2210/pdb1uly/pdb 
RCSB  RCSB005972   ?            ?                   
WWPDB D_1000005972 ?            ?                   
# 
loop_
_pdbx_audit_revision_history.ordinal 
_pdbx_audit_revision_history.data_content_type 
_pdbx_audit_revision_history.major_revision 
_pdbx_audit_revision_history.minor_revision 
_pdbx_audit_revision_history.revision_date 
1 'Structure model' 1 0 2004-10-19 
2 'Structure model' 1 1 2008-03-28 
3 'Structure model' 1 2 2011-07-13 
4 'Structure model' 1 3 2023-12-27 
5 'Structure model' 1 4 2024-11-13 
# 
_pdbx_audit_revision_details.ordinal             1 
_pdbx_audit_revision_details.revision_ordinal    1 
_pdbx_audit_revision_details.data_content_type   'Structure model' 
_pdbx_audit_revision_details.provider            repository 
_pdbx_audit_revision_details.type                'Initial release' 
_pdbx_audit_revision_details.description         ? 
_pdbx_audit_revision_details.details             ? 
# 
loop_
_pdbx_audit_revision_group.ordinal 
_pdbx_audit_revision_group.revision_ordinal 
_pdbx_audit_revision_group.data_content_type 
_pdbx_audit_revision_group.group 
1 2 'Structure model' 'Version format compliance' 
2 3 'Structure model' 'Source and taxonomy'       
3 3 'Structure model' 'Version format compliance' 
4 4 'Structure model' 'Data collection'           
5 4 'Structure model' 'Database references'       
6 4 'Structure model' 'Derived calculations'      
7 5 'Structure model' 'Structure summary'         
# 
loop_
_pdbx_audit_revision_category.ordinal 
_pdbx_audit_revision_category.revision_ordinal 
_pdbx_audit_revision_category.data_content_type 
_pdbx_audit_revision_category.category 
1 4 'Structure model' chem_comp_atom            
2 4 'Structure model' chem_comp_bond            
3 4 'Structure model' database_2                
4 4 'Structure model' struct_conn               
5 5 'Structure model' pdbx_entry_details        
6 5 'Structure model' pdbx_modification_feature 
# 
loop_
_pdbx_audit_revision_item.ordinal 
_pdbx_audit_revision_item.revision_ordinal 
_pdbx_audit_revision_item.data_content_type 
_pdbx_audit_revision_item.item 
1 4 'Structure model' '_database_2.pdbx_DOI'                
2 4 'Structure model' '_database_2.pdbx_database_accession' 
3 4 'Structure model' '_struct_conn.pdbx_leaving_atom_flag' 
# 
_pdbx_database_status.status_code                     REL 
_pdbx_database_status.entry_id                        1ULY 
_pdbx_database_status.recvd_initial_deposition_date   2003-09-17 
_pdbx_database_status.deposit_site                    PDBJ 
_pdbx_database_status.process_site                    PDBJ 
_pdbx_database_status.status_code_sf                  REL 
_pdbx_database_status.status_code_mr                  ? 
_pdbx_database_status.SG_entry                        Y 
_pdbx_database_status.pdb_format_compatible           Y 
_pdbx_database_status.status_code_cs                  ? 
_pdbx_database_status.status_code_nmr_data            ? 
_pdbx_database_status.methods_development_category    ? 
# 
loop_
_audit_author.name 
_audit_author.pdbx_ordinal 
'Itou, H.'     1 
'Yao, M.'      2 
'Watanabe, N.' 3 
'Tanaka, I.'   4 
# 
_citation.id                        primary 
_citation.title                     
'Crystal structure of the PH1932 protein, a unique archaeal ArsR type winged-HTH transcription factor from Pyrococcus horikoshii OT3' 
_citation.journal_abbrev            Proteins 
_citation.journal_volume            70 
_citation.page_first                1631 
_citation.page_last                 1634 
_citation.year                      2008 
_citation.journal_id_ASTM           PSFGEY 
_citation.country                   US 
_citation.journal_id_ISSN           0887-3585 
_citation.journal_id_CSD            0867 
_citation.book_publisher            ? 
_citation.pdbx_database_id_PubMed   18076033 
_citation.pdbx_database_id_DOI      10.1002/prot.21851 
# 
loop_
_citation_author.citation_id 
_citation_author.name 
_citation_author.ordinal 
_citation_author.identifier_ORCID 
primary 'Itou, H.'     1 ? 
primary 'Yao, M.'      2 ? 
primary 'Watanabe, N.' 3 ? 
primary 'Tanaka, I.'   4 ? 
# 
loop_
_entity.id 
_entity.type 
_entity.src_method 
_entity.pdbx_description 
_entity.formula_weight 
_entity.pdbx_number_of_molecules 
_entity.pdbx_ec 
_entity.pdbx_mutation 
_entity.pdbx_fragment 
_entity.details 
1 polymer man 'hypothetical protein PH1932' 23081.928 1  ? ? ? ? 
2 water   nat water                         18.015    25 ? ? ? ? 
# 
_entity_name_com.entity_id   1 
_entity_name_com.name        'ArsR homologue protein' 
# 
_entity_poly.entity_id                      1 
_entity_poly.type                           'polypeptide(L)' 
_entity_poly.nstd_linkage                   no 
_entity_poly.nstd_monomer                   yes 
_entity_poly.pdbx_seq_one_letter_code       
;(MSE)AKKVKVITDPEVIKV(MSE)LEDTRRKILKLLRNKE(MSE)TISQLSEILGKTPQTIYHHIEKLKEAGLVEVKRT
E(MSE)KGNLVEKYYGRTADVFYINLYLGDEELRYIARSRLKTKIDIFKRLGYQFEENELLNI(MSE)DR(MSE)SQKEF
DATVRISKYIEEKEDALKDFSNEDIIHAIEWLSTAELARDEEYLELLKRLGSILKR
;
_entity_poly.pdbx_seq_one_letter_code_can   
;MAKKVKVITDPEVIKVMLEDTRRKILKLLRNKEMTISQLSEILGKTPQTIYHHIEKLKEAGLVEVKRTEMKGNLVEKYYG
RTADVFYINLYLGDEELRYIARSRLKTKIDIFKRLGYQFEENELLNIMDRMSQKEFDATVRISKYIEEKEDALKDFSNED
IIHAIEWLSTAELARDEEYLELLKRLGSILKR
;
_entity_poly.pdbx_strand_id                 A 
_entity_poly.pdbx_target_identifier         ? 
# 
_pdbx_entity_nonpoly.entity_id   2 
_pdbx_entity_nonpoly.name        water 
_pdbx_entity_nonpoly.comp_id     HOH 
# 
loop_
_entity_poly_seq.entity_id 
_entity_poly_seq.num 
_entity_poly_seq.mon_id 
_entity_poly_seq.hetero 
1 1   MSE n 
1 2   ALA n 
1 3   LYS n 
1 4   LYS n 
1 5   VAL n 
1 6   LYS n 
1 7   VAL n 
1 8   ILE n 
1 9   THR n 
1 10  ASP n 
1 11  PRO n 
1 12  GLU n 
1 13  VAL n 
1 14  ILE n 
1 15  LYS n 
1 16  VAL n 
1 17  MSE n 
1 18  LEU n 
1 19  GLU n 
1 20  ASP n 
1 21  THR n 
1 22  ARG n 
1 23  ARG n 
1 24  LYS n 
1 25  ILE n 
1 26  LEU n 
1 27  LYS n 
1 28  LEU n 
1 29  LEU n 
1 30  ARG n 
1 31  ASN n 
1 32  LYS n 
1 33  GLU n 
1 34  MSE n 
1 35  THR n 
1 36  ILE n 
1 37  SER n 
1 38  GLN n 
1 39  LEU n 
1 40  SER n 
1 41  GLU n 
1 42  ILE n 
1 43  LEU n 
1 44  GLY n 
1 45  LYS n 
1 46  THR n 
1 47  PRO n 
1 48  GLN n 
1 49  THR n 
1 50  ILE n 
1 51  TYR n 
1 52  HIS n 
1 53  HIS n 
1 54  ILE n 
1 55  GLU n 
1 56  LYS n 
1 57  LEU n 
1 58  LYS n 
1 59  GLU n 
1 60  ALA n 
1 61  GLY n 
1 62  LEU n 
1 63  VAL n 
1 64  GLU n 
1 65  VAL n 
1 66  LYS n 
1 67  ARG n 
1 68  THR n 
1 69  GLU n 
1 70  MSE n 
1 71  LYS n 
1 72  GLY n 
1 73  ASN n 
1 74  LEU n 
1 75  VAL n 
1 76  GLU n 
1 77  LYS n 
1 78  TYR n 
1 79  TYR n 
1 80  GLY n 
1 81  ARG n 
1 82  THR n 
1 83  ALA n 
1 84  ASP n 
1 85  VAL n 
1 86  PHE n 
1 87  TYR n 
1 88  ILE n 
1 89  ASN n 
1 90  LEU n 
1 91  TYR n 
1 92  LEU n 
1 93  GLY n 
1 94  ASP n 
1 95  GLU n 
1 96  GLU n 
1 97  LEU n 
1 98  ARG n 
1 99  TYR n 
1 100 ILE n 
1 101 ALA n 
1 102 ARG n 
1 103 SER n 
1 104 ARG n 
1 105 LEU n 
1 106 LYS n 
1 107 THR n 
1 108 LYS n 
1 109 ILE n 
1 110 ASP n 
1 111 ILE n 
1 112 PHE n 
1 113 LYS n 
1 114 ARG n 
1 115 LEU n 
1 116 GLY n 
1 117 TYR n 
1 118 GLN n 
1 119 PHE n 
1 120 GLU n 
1 121 GLU n 
1 122 ASN n 
1 123 GLU n 
1 124 LEU n 
1 125 LEU n 
1 126 ASN n 
1 127 ILE n 
1 128 MSE n 
1 129 ASP n 
1 130 ARG n 
1 131 MSE n 
1 132 SER n 
1 133 GLN n 
1 134 LYS n 
1 135 GLU n 
1 136 PHE n 
1 137 ASP n 
1 138 ALA n 
1 139 THR n 
1 140 VAL n 
1 141 ARG n 
1 142 ILE n 
1 143 SER n 
1 144 LYS n 
1 145 TYR n 
1 146 ILE n 
1 147 GLU n 
1 148 GLU n 
1 149 LYS n 
1 150 GLU n 
1 151 ASP n 
1 152 ALA n 
1 153 LEU n 
1 154 LYS n 
1 155 ASP n 
1 156 PHE n 
1 157 SER n 
1 158 ASN n 
1 159 GLU n 
1 160 ASP n 
1 161 ILE n 
1 162 ILE n 
1 163 HIS n 
1 164 ALA n 
1 165 ILE n 
1 166 GLU n 
1 167 TRP n 
1 168 LEU n 
1 169 SER n 
1 170 THR n 
1 171 ALA n 
1 172 GLU n 
1 173 LEU n 
1 174 ALA n 
1 175 ARG n 
1 176 ASP n 
1 177 GLU n 
1 178 GLU n 
1 179 TYR n 
1 180 LEU n 
1 181 GLU n 
1 182 LEU n 
1 183 LEU n 
1 184 LYS n 
1 185 ARG n 
1 186 LEU n 
1 187 GLY n 
1 188 SER n 
1 189 ILE n 
1 190 LEU n 
1 191 LYS n 
1 192 ARG n 
# 
_entity_src_gen.entity_id                          1 
_entity_src_gen.pdbx_src_id                        1 
_entity_src_gen.pdbx_alt_source_flag               sample 
_entity_src_gen.pdbx_seq_type                      ? 
_entity_src_gen.pdbx_beg_seq_num                   ? 
_entity_src_gen.pdbx_end_seq_num                   ? 
_entity_src_gen.gene_src_common_name               ? 
_entity_src_gen.gene_src_genus                     Pyrococcus 
_entity_src_gen.pdbx_gene_src_gene                 PH1932 
_entity_src_gen.gene_src_species                   'Pyrococcus horikoshii' 
_entity_src_gen.gene_src_strain                    OT3 
_entity_src_gen.gene_src_tissue                    ? 
_entity_src_gen.gene_src_tissue_fraction           ? 
_entity_src_gen.gene_src_details                   ? 
_entity_src_gen.pdbx_gene_src_fragment             ? 
_entity_src_gen.pdbx_gene_src_scientific_name      'Pyrococcus horikoshii' 
_entity_src_gen.pdbx_gene_src_ncbi_taxonomy_id     70601 
_entity_src_gen.pdbx_gene_src_variant              ? 
_entity_src_gen.pdbx_gene_src_cell_line            ? 
_entity_src_gen.pdbx_gene_src_atcc                 ? 
_entity_src_gen.pdbx_gene_src_organ                ? 
_entity_src_gen.pdbx_gene_src_organelle            ? 
_entity_src_gen.pdbx_gene_src_cell                 ? 
_entity_src_gen.pdbx_gene_src_cellular_location    ? 
_entity_src_gen.host_org_common_name               ? 
_entity_src_gen.pdbx_host_org_scientific_name      'Escherichia coli' 
_entity_src_gen.pdbx_host_org_ncbi_taxonomy_id     562 
_entity_src_gen.host_org_genus                     Escherichia 
_entity_src_gen.pdbx_host_org_gene                 ? 
_entity_src_gen.pdbx_host_org_organ                ? 
_entity_src_gen.host_org_species                   ? 
_entity_src_gen.pdbx_host_org_tissue               ? 
_entity_src_gen.pdbx_host_org_tissue_fraction      ? 
_entity_src_gen.pdbx_host_org_strain               'BL21(DE3)star' 
_entity_src_gen.pdbx_host_org_variant              ? 
_entity_src_gen.pdbx_host_org_cell_line            ? 
_entity_src_gen.pdbx_host_org_atcc                 ? 
_entity_src_gen.pdbx_host_org_culture_collection   ? 
_entity_src_gen.pdbx_host_org_cell                 ? 
_entity_src_gen.pdbx_host_org_organelle            ? 
_entity_src_gen.pdbx_host_org_cellular_location    ? 
_entity_src_gen.pdbx_host_org_vector_type          plasmid 
_entity_src_gen.pdbx_host_org_vector               ? 
_entity_src_gen.host_org_details                   ? 
_entity_src_gen.expression_system_id               ? 
_entity_src_gen.plasmid_name                       pET26b 
_entity_src_gen.plasmid_details                    ? 
_entity_src_gen.pdbx_description                   ? 
# 
loop_
_chem_comp.id 
_chem_comp.type 
_chem_comp.mon_nstd_flag 
_chem_comp.name 
_chem_comp.pdbx_synonyms 
_chem_comp.formula 
_chem_comp.formula_weight 
ALA 'L-peptide linking' y ALANINE          ? 'C3 H7 N O2'     89.093  
ARG 'L-peptide linking' y ARGININE         ? 'C6 H15 N4 O2 1' 175.209 
ASN 'L-peptide linking' y ASPARAGINE       ? 'C4 H8 N2 O3'    132.118 
ASP 'L-peptide linking' y 'ASPARTIC ACID'  ? 'C4 H7 N O4'     133.103 
GLN 'L-peptide linking' y GLUTAMINE        ? 'C5 H10 N2 O3'   146.144 
GLU 'L-peptide linking' y 'GLUTAMIC ACID'  ? 'C5 H9 N O4'     147.129 
GLY 'peptide linking'   y GLYCINE          ? 'C2 H5 N O2'     75.067  
HIS 'L-peptide linking' y HISTIDINE        ? 'C6 H10 N3 O2 1' 156.162 
HOH non-polymer         . WATER            ? 'H2 O'           18.015  
ILE 'L-peptide linking' y ISOLEUCINE       ? 'C6 H13 N O2'    131.173 
LEU 'L-peptide linking' y LEUCINE          ? 'C6 H13 N O2'    131.173 
LYS 'L-peptide linking' y LYSINE           ? 'C6 H15 N2 O2 1' 147.195 
MSE 'L-peptide linking' n SELENOMETHIONINE ? 'C5 H11 N O2 Se' 196.106 
PHE 'L-peptide linking' y PHENYLALANINE    ? 'C9 H11 N O2'    165.189 
PRO 'L-peptide linking' y PROLINE          ? 'C5 H9 N O2'     115.130 
SER 'L-peptide linking' y SERINE           ? 'C3 H7 N O3'     105.093 
THR 'L-peptide linking' y THREONINE        ? 'C4 H9 N O3'     119.119 
TRP 'L-peptide linking' y TRYPTOPHAN       ? 'C11 H12 N2 O2'  204.225 
TYR 'L-peptide linking' y TYROSINE         ? 'C9 H11 N O3'    181.189 
VAL 'L-peptide linking' y VALINE           ? 'C5 H11 N O2'    117.146 
# 
loop_
_pdbx_poly_seq_scheme.asym_id 
_pdbx_poly_seq_scheme.entity_id 
_pdbx_poly_seq_scheme.seq_id 
_pdbx_poly_seq_scheme.mon_id 
_pdbx_poly_seq_scheme.ndb_seq_num 
_pdbx_poly_seq_scheme.pdb_seq_num 
_pdbx_poly_seq_scheme.auth_seq_num 
_pdbx_poly_seq_scheme.pdb_mon_id 
_pdbx_poly_seq_scheme.auth_mon_id 
_pdbx_poly_seq_scheme.pdb_strand_id 
_pdbx_poly_seq_scheme.pdb_ins_code 
_pdbx_poly_seq_scheme.hetero 
A 1 1   MSE 1   1   ?   ?   ?   A . n 
A 1 2   ALA 2   2   2   ALA ALA A . n 
A 1 3   LYS 3   3   3   LYS LYS A . n 
A 1 4   LYS 4   4   4   LYS LYS A . n 
A 1 5   VAL 5   5   5   VAL VAL A . n 
A 1 6   LYS 6   6   6   LYS LYS A . n 
A 1 7   VAL 7   7   7   VAL VAL A . n 
A 1 8   ILE 8   8   8   ILE ILE A . n 
A 1 9   THR 9   9   9   THR THR A . n 
A 1 10  ASP 10  10  10  ASP ASP A . n 
A 1 11  PRO 11  11  11  PRO PRO A . n 
A 1 12  GLU 12  12  12  GLU GLU A . n 
A 1 13  VAL 13  13  13  VAL VAL A . n 
A 1 14  ILE 14  14  14  ILE ILE A . n 
A 1 15  LYS 15  15  15  LYS LYS A . n 
A 1 16  VAL 16  16  16  VAL VAL A . n 
A 1 17  MSE 17  17  17  MSE MSE A . n 
A 1 18  LEU 18  18  18  LEU LEU A . n 
A 1 19  GLU 19  19  19  GLU GLU A . n 
A 1 20  ASP 20  20  20  ASP ASP A . n 
A 1 21  THR 21  21  21  THR THR A . n 
A 1 22  ARG 22  22  22  ARG ARG A . n 
A 1 23  ARG 23  23  23  ARG ARG A . n 
A 1 24  LYS 24  24  24  LYS LYS A . n 
A 1 25  ILE 25  25  25  ILE ILE A . n 
A 1 26  LEU 26  26  26  LEU LEU A . n 
A 1 27  LYS 27  27  27  LYS LYS A . n 
A 1 28  LEU 28  28  28  LEU LEU A . n 
A 1 29  LEU 29  29  29  LEU LEU A . n 
A 1 30  ARG 30  30  30  ARG ARG A . n 
A 1 31  ASN 31  31  31  ASN ASN A . n 
A 1 32  LYS 32  32  32  LYS LYS A . n 
A 1 33  GLU 33  33  33  GLU GLU A . n 
A 1 34  MSE 34  34  34  MSE MSE A . n 
A 1 35  THR 35  35  35  THR THR A . n 
A 1 36  ILE 36  36  36  ILE ILE A . n 
A 1 37  SER 37  37  37  SER SER A . n 
A 1 38  GLN 38  38  38  GLN GLN A . n 
A 1 39  LEU 39  39  39  LEU LEU A . n 
A 1 40  SER 40  40  40  SER SER A . n 
A 1 41  GLU 41  41  41  GLU GLU A . n 
A 1 42  ILE 42  42  42  ILE ILE A . n 
A 1 43  LEU 43  43  43  LEU LEU A . n 
A 1 44  GLY 44  44  44  GLY GLY A . n 
A 1 45  LYS 45  45  45  LYS LYS A . n 
A 1 46  THR 46  46  46  THR THR A . n 
A 1 47  PRO 47  47  47  PRO PRO A . n 
A 1 48  GLN 48  48  48  GLN GLN A . n 
A 1 49  THR 49  49  49  THR THR A . n 
A 1 50  ILE 50  50  50  ILE ILE A . n 
A 1 51  TYR 51  51  51  TYR TYR A . n 
A 1 52  HIS 52  52  52  HIS HIS A . n 
A 1 53  HIS 53  53  53  HIS HIS A . n 
A 1 54  ILE 54  54  54  ILE ILE A . n 
A 1 55  GLU 55  55  55  GLU GLU A . n 
A 1 56  LYS 56  56  56  LYS LYS A . n 
A 1 57  LEU 57  57  57  LEU LEU A . n 
A 1 58  LYS 58  58  58  LYS LYS A . n 
A 1 59  GLU 59  59  59  GLU GLU A . n 
A 1 60  ALA 60  60  60  ALA ALA A . n 
A 1 61  GLY 61  61  61  GLY GLY A . n 
A 1 62  LEU 62  62  62  LEU LEU A . n 
A 1 63  VAL 63  63  63  VAL VAL A . n 
A 1 64  GLU 64  64  64  GLU GLU A . n 
A 1 65  VAL 65  65  65  VAL VAL A . n 
A 1 66  LYS 66  66  66  LYS LYS A . n 
A 1 67  ARG 67  67  67  ARG ARG A . n 
A 1 68  THR 68  68  68  THR THR A . n 
A 1 69  GLU 69  69  69  GLU GLU A . n 
A 1 70  MSE 70  70  70  MSE MSE A . n 
A 1 71  LYS 71  71  71  LYS LYS A . n 
A 1 72  GLY 72  72  72  GLY GLY A . n 
A 1 73  ASN 73  73  73  ASN ASN A . n 
A 1 74  LEU 74  74  74  LEU LEU A . n 
A 1 75  VAL 75  75  75  VAL VAL A . n 
A 1 76  GLU 76  76  76  GLU GLU A . n 
A 1 77  LYS 77  77  77  LYS LYS A . n 
A 1 78  TYR 78  78  78  TYR TYR A . n 
A 1 79  TYR 79  79  79  TYR TYR A . n 
A 1 80  GLY 80  80  80  GLY GLY A . n 
A 1 81  ARG 81  81  81  ARG ARG A . n 
A 1 82  THR 82  82  82  THR THR A . n 
A 1 83  ALA 83  83  83  ALA ALA A . n 
A 1 84  ASP 84  84  84  ASP ASP A . n 
A 1 85  VAL 85  85  85  VAL VAL A . n 
A 1 86  PHE 86  86  86  PHE PHE A . n 
A 1 87  TYR 87  87  87  TYR TYR A . n 
A 1 88  ILE 88  88  88  ILE ILE A . n 
A 1 89  ASN 89  89  89  ASN ASN A . n 
A 1 90  LEU 90  90  90  LEU LEU A . n 
A 1 91  TYR 91  91  91  TYR TYR A . n 
A 1 92  LEU 92  92  92  LEU LEU A . n 
A 1 93  GLY 93  93  93  GLY GLY A . n 
A 1 94  ASP 94  94  94  ASP ASP A . n 
A 1 95  GLU 95  95  95  GLU GLU A . n 
A 1 96  GLU 96  96  96  GLU GLU A . n 
A 1 97  LEU 97  97  97  LEU LEU A . n 
A 1 98  ARG 98  98  98  ARG ARG A . n 
A 1 99  TYR 99  99  99  TYR TYR A . n 
A 1 100 ILE 100 100 100 ILE ILE A . n 
A 1 101 ALA 101 101 101 ALA ALA A . n 
A 1 102 ARG 102 102 102 ARG ARG A . n 
A 1 103 SER 103 103 103 SER SER A . n 
A 1 104 ARG 104 104 104 ARG ARG A . n 
A 1 105 LEU 105 105 105 LEU LEU A . n 
A 1 106 LYS 106 106 106 LYS LYS A . n 
A 1 107 THR 107 107 107 THR THR A . n 
A 1 108 LYS 108 108 108 LYS LYS A . n 
A 1 109 ILE 109 109 109 ILE ILE A . n 
A 1 110 ASP 110 110 110 ASP ASP A . n 
A 1 111 ILE 111 111 111 ILE ILE A . n 
A 1 112 PHE 112 112 112 PHE PHE A . n 
A 1 113 LYS 113 113 113 LYS LYS A . n 
A 1 114 ARG 114 114 114 ARG ARG A . n 
A 1 115 LEU 115 115 115 LEU LEU A . n 
A 1 116 GLY 116 116 116 GLY GLY A . n 
A 1 117 TYR 117 117 117 TYR TYR A . n 
A 1 118 GLN 118 118 118 GLN GLN A . n 
A 1 119 PHE 119 119 119 PHE PHE A . n 
A 1 120 GLU 120 120 120 GLU GLU A . n 
A 1 121 GLU 121 121 121 GLU GLU A . n 
A 1 122 ASN 122 122 122 ASN ASN A . n 
A 1 123 GLU 123 123 123 GLU GLU A . n 
A 1 124 LEU 124 124 124 LEU LEU A . n 
A 1 125 LEU 125 125 125 LEU LEU A . n 
A 1 126 ASN 126 126 126 ASN ASN A . n 
A 1 127 ILE 127 127 127 ILE ILE A . n 
A 1 128 MSE 128 128 128 MSE MSE A . n 
A 1 129 ASP 129 129 129 ASP ASP A . n 
A 1 130 ARG 130 130 130 ARG ARG A . n 
A 1 131 MSE 131 131 131 MSE MSE A . n 
A 1 132 SER 132 132 132 SER SER A . n 
A 1 133 GLN 133 133 133 GLN GLN A . n 
A 1 134 LYS 134 134 134 LYS LYS A . n 
A 1 135 GLU 135 135 135 GLU GLU A . n 
A 1 136 PHE 136 136 136 PHE PHE A . n 
A 1 137 ASP 137 137 137 ASP ASP A . n 
A 1 138 ALA 138 138 138 ALA ALA A . n 
A 1 139 THR 139 139 139 THR THR A . n 
A 1 140 VAL 140 140 140 VAL VAL A . n 
A 1 141 ARG 141 141 141 ARG ARG A . n 
A 1 142 ILE 142 142 142 ILE ILE A . n 
A 1 143 SER 143 143 143 SER SER A . n 
A 1 144 LYS 144 144 144 LYS LYS A . n 
A 1 145 TYR 145 145 145 TYR TYR A . n 
A 1 146 ILE 146 146 146 ILE ILE A . n 
A 1 147 GLU 147 147 147 GLU GLU A . n 
A 1 148 GLU 148 148 148 GLU GLU A . n 
A 1 149 LYS 149 149 149 LYS LYS A . n 
A 1 150 GLU 150 150 150 GLU GLU A . n 
A 1 151 ASP 151 151 151 ASP ASP A . n 
A 1 152 ALA 152 152 152 ALA ALA A . n 
A 1 153 LEU 153 153 153 LEU LEU A . n 
A 1 154 LYS 154 154 154 LYS LYS A . n 
A 1 155 ASP 155 155 155 ASP ASP A . n 
A 1 156 PHE 156 156 156 PHE PHE A . n 
A 1 157 SER 157 157 157 SER SER A . n 
A 1 158 ASN 158 158 158 ASN ASN A . n 
A 1 159 GLU 159 159 159 GLU GLU A . n 
A 1 160 ASP 160 160 160 ASP ASP A . n 
A 1 161 ILE 161 161 161 ILE ILE A . n 
A 1 162 ILE 162 162 162 ILE ILE A . n 
A 1 163 HIS 163 163 163 HIS HIS A . n 
A 1 164 ALA 164 164 164 ALA ALA A . n 
A 1 165 ILE 165 165 165 ILE ILE A . n 
A 1 166 GLU 166 166 166 GLU GLU A . n 
A 1 167 TRP 167 167 167 TRP TRP A . n 
A 1 168 LEU 168 168 168 LEU LEU A . n 
A 1 169 SER 169 169 169 SER SER A . n 
A 1 170 THR 170 170 170 THR THR A . n 
A 1 171 ALA 171 171 171 ALA ALA A . n 
A 1 172 GLU 172 172 172 GLU GLU A . n 
A 1 173 LEU 173 173 173 LEU LEU A . n 
A 1 174 ALA 174 174 174 ALA ALA A . n 
A 1 175 ARG 175 175 175 ARG ARG A . n 
A 1 176 ASP 176 176 176 ASP ASP A . n 
A 1 177 GLU 177 177 177 GLU GLU A . n 
A 1 178 GLU 178 178 178 GLU GLU A . n 
A 1 179 TYR 179 179 179 TYR TYR A . n 
A 1 180 LEU 180 180 180 LEU LEU A . n 
A 1 181 GLU 181 181 181 GLU GLU A . n 
A 1 182 LEU 182 182 182 LEU LEU A . n 
A 1 183 LEU 183 183 183 LEU LEU A . n 
A 1 184 LYS 184 184 184 LYS LYS A . n 
A 1 185 ARG 185 185 185 ARG ARG A . n 
A 1 186 LEU 186 186 186 LEU LEU A . n 
A 1 187 GLY 187 187 187 GLY GLY A . n 
A 1 188 SER 188 188 188 SER SER A . n 
A 1 189 ILE 189 189 189 ILE ILE A . n 
A 1 190 LEU 190 190 190 LEU LEU A . n 
A 1 191 LYS 191 191 191 LYS LYS A . n 
A 1 192 ARG 192 192 ?   ?   ?   A . n 
# 
loop_
_pdbx_nonpoly_scheme.asym_id 
_pdbx_nonpoly_scheme.entity_id 
_pdbx_nonpoly_scheme.mon_id 
_pdbx_nonpoly_scheme.ndb_seq_num 
_pdbx_nonpoly_scheme.pdb_seq_num 
_pdbx_nonpoly_scheme.auth_seq_num 
_pdbx_nonpoly_scheme.pdb_mon_id 
_pdbx_nonpoly_scheme.auth_mon_id 
_pdbx_nonpoly_scheme.pdb_strand_id 
_pdbx_nonpoly_scheme.pdb_ins_code 
B 2 HOH 1  193 1  HOH HOH A . 
B 2 HOH 2  194 2  HOH HOH A . 
B 2 HOH 3  195 3  HOH HOH A . 
B 2 HOH 4  196 4  HOH HOH A . 
B 2 HOH 5  197 5  HOH HOH A . 
B 2 HOH 6  198 6  HOH HOH A . 
B 2 HOH 7  199 7  HOH HOH A . 
B 2 HOH 8  200 8  HOH HOH A . 
B 2 HOH 9  201 9  HOH HOH A . 
B 2 HOH 10 202 10 HOH HOH A . 
B 2 HOH 11 203 11 HOH HOH A . 
B 2 HOH 12 204 12 HOH HOH A . 
B 2 HOH 13 205 13 HOH HOH A . 
B 2 HOH 14 206 14 HOH HOH A . 
B 2 HOH 15 207 15 HOH HOH A . 
B 2 HOH 16 208 16 HOH HOH A . 
B 2 HOH 17 209 17 HOH HOH A . 
B 2 HOH 18 210 18 HOH HOH A . 
B 2 HOH 19 211 19 HOH HOH A . 
B 2 HOH 20 212 20 HOH HOH A . 
B 2 HOH 21 213 21 HOH HOH A . 
B 2 HOH 22 214 22 HOH HOH A . 
B 2 HOH 23 215 23 HOH HOH A . 
B 2 HOH 24 216 24 HOH HOH A . 
B 2 HOH 25 217 25 HOH HOH A . 
# 
loop_
_software.name 
_software.classification 
_software.version 
_software.citation_id 
_software.pdbx_ordinal 
HKL-2000  'data collection' .   ? 1 
SCALEPACK 'data scaling'    .   ? 2 
SOLVE     phasing           .   ? 3 
CNS       refinement        1.1 ? 4 
HKL-2000  'data reduction'  .   ? 5 
# 
_cell.entry_id           1ULY 
_cell.length_a           90.640 
_cell.length_b           90.640 
_cell.length_c           132.260 
_cell.angle_alpha        90.00 
_cell.angle_beta         90.00 
_cell.angle_gamma        120.00 
_cell.Z_PDB              18 
_cell.pdbx_unique_axis   ? 
_cell.length_a_esd       ? 
_cell.length_b_esd       ? 
_cell.length_c_esd       ? 
_cell.angle_alpha_esd    ? 
_cell.angle_beta_esd     ? 
_cell.angle_gamma_esd    ? 
# 
_symmetry.entry_id                         1ULY 
_symmetry.space_group_name_H-M             'H 3 2' 
_symmetry.pdbx_full_space_group_name_H-M   ? 
_symmetry.cell_setting                     ? 
_symmetry.Int_Tables_number                155 
_symmetry.space_group_name_Hall            ? 
# 
_exptl.entry_id          1ULY 
_exptl.method            'X-RAY DIFFRACTION' 
_exptl.crystals_number   1 
# 
_exptl_crystal.id                    1 
_exptl_crystal.density_meas          ? 
_exptl_crystal.density_Matthews      2.26 
_exptl_crystal.density_percent_sol   45.69 
_exptl_crystal.description           ? 
_exptl_crystal.F_000                 ? 
_exptl_crystal.preparation           ? 
# 
_exptl_crystal_grow.crystal_id      1 
_exptl_crystal_grow.method          'VAPOR DIFFUSION, HANGING DROP' 
_exptl_crystal_grow.temp            293 
_exptl_crystal_grow.temp_details    ? 
_exptl_crystal_grow.pH              6.8 
_exptl_crystal_grow.pdbx_details    
'PEG400, HEPES, magnesium chloride, glycerol, pH 6.8, VAPOR DIFFUSION, HANGING DROP, temperature 293K' 
_exptl_crystal_grow.pdbx_pH_range   . 
# 
_diffrn.id                     1 
_diffrn.ambient_temp           100 
_diffrn.ambient_temp_details   ? 
_diffrn.crystal_id             1 
# 
_diffrn_detector.diffrn_id              1 
_diffrn_detector.detector               CCD 
_diffrn_detector.type                   MARRESEARCH 
_diffrn_detector.pdbx_collection_date   2003-06-27 
_diffrn_detector.details                ? 
# 
_diffrn_radiation.diffrn_id                        1 
_diffrn_radiation.wavelength_id                    1 
_diffrn_radiation.pdbx_monochromatic_or_laue_m_l   M 
_diffrn_radiation.monochromator                    'Si 111 CHANNEL' 
_diffrn_radiation.pdbx_diffrn_protocol             MAD 
_diffrn_radiation.pdbx_scattering_type             x-ray 
# 
loop_
_diffrn_radiation_wavelength.id 
_diffrn_radiation_wavelength.wavelength 
_diffrn_radiation_wavelength.wt 
1 0.9792 1.0 
2 0.9795 1.0 
3 0.9685 1.0 
# 
_diffrn_source.diffrn_id                   1 
_diffrn_source.source                      SYNCHROTRON 
_diffrn_source.type                        'SPRING-8 BEAMLINE BL41XU' 
_diffrn_source.pdbx_synchrotron_site       SPring-8 
_diffrn_source.pdbx_synchrotron_beamline   BL41XU 
_diffrn_source.pdbx_wavelength             ? 
_diffrn_source.pdbx_wavelength_list        '0.9792, 0.9795, 0.9685' 
# 
_reflns.entry_id                     1ULY 
_reflns.observed_criterion_sigma_F   -3.0 
_reflns.observed_criterion_sigma_I   ? 
_reflns.d_resolution_high            2.5 
_reflns.d_resolution_low             40 
_reflns.number_all                   ? 
_reflns.number_obs                   7284 
_reflns.percent_possible_obs         99.4 
_reflns.pdbx_Rmerge_I_obs            0.083 
_reflns.pdbx_Rsym_value              ? 
_reflns.pdbx_netI_over_sigmaI        8.0 
_reflns.B_iso_Wilson_estimate        26.3 
_reflns.pdbx_redundancy              10.5 
_reflns.R_free_details               ? 
_reflns.limit_h_max                  ? 
_reflns.limit_h_min                  ? 
_reflns.limit_k_max                  ? 
_reflns.limit_k_min                  ? 
_reflns.limit_l_max                  ? 
_reflns.limit_l_min                  ? 
_reflns.observed_criterion_F_max     ? 
_reflns.observed_criterion_F_min     ? 
_reflns.pdbx_chi_squared             ? 
_reflns.pdbx_scaling_rejects         ? 
_reflns.pdbx_ordinal                 1 
_reflns.pdbx_diffrn_id               1 
# 
_reflns_shell.d_res_high             2.5 
_reflns_shell.d_res_low              2.59 
_reflns_shell.percent_possible_all   99.4 
_reflns_shell.Rmerge_I_obs           0.295 
_reflns_shell.pdbx_Rsym_value        ? 
_reflns_shell.meanI_over_sigI_obs    ? 
_reflns_shell.pdbx_redundancy        5.8 
_reflns_shell.percent_possible_obs   ? 
_reflns_shell.number_unique_all      699 
_reflns_shell.number_measured_all    ? 
_reflns_shell.number_measured_obs    ? 
_reflns_shell.number_unique_obs      ? 
_reflns_shell.pdbx_chi_squared       ? 
_reflns_shell.pdbx_ordinal           1 
_reflns_shell.pdbx_diffrn_id         1 
# 
_refine.entry_id                                 1ULY 
_refine.ls_d_res_high                            2.5 
_refine.ls_d_res_low                             10.0 
_refine.pdbx_ls_sigma_F                          0.0 
_refine.pdbx_ls_sigma_I                          ? 
_refine.ls_number_reflns_all                     7284 
_refine.ls_number_reflns_obs                     7284 
_refine.ls_number_reflns_R_free                  710 
_refine.ls_percent_reflns_obs                    99.4 
_refine.ls_R_factor_all                          ? 
_refine.ls_R_factor_obs                          ? 
_refine.ls_R_factor_R_work                       0.204 
_refine.ls_R_factor_R_free                       0.268 
_refine.ls_redundancy_reflns_obs                 ? 
_refine.pdbx_data_cutoff_high_absF               ? 
_refine.pdbx_data_cutoff_low_absF                ? 
_refine.ls_number_parameters                     ? 
_refine.ls_number_restraints                     ? 
_refine.ls_percent_reflns_R_free                 ? 
_refine.ls_R_factor_R_free_error                 ? 
_refine.ls_R_factor_R_free_error_details         ? 
_refine.pdbx_method_to_determine_struct          MAD 
_refine.pdbx_starting_model                      ? 
_refine.pdbx_ls_cross_valid_method               THROUGHOUT 
_refine.pdbx_R_Free_selection_details            RANDOM 
_refine.pdbx_stereochem_target_val_spec_case     ? 
_refine.pdbx_stereochemistry_target_values       'Engh & Huber' 
_refine.solvent_model_details                    ? 
_refine.solvent_model_param_bsol                 ? 
_refine.solvent_model_param_ksol                 ? 
_refine.occupancy_max                            ? 
_refine.occupancy_min                            ? 
_refine.pdbx_isotropic_thermal_model             isotropic 
_refine.B_iso_mean                               28.1 
_refine.aniso_B[1][1]                            -2.4 
_refine.aniso_B[1][2]                            4.41 
_refine.aniso_B[1][3]                            0 
_refine.aniso_B[2][2]                            -2.4 
_refine.aniso_B[2][3]                            0 
_refine.aniso_B[3][3]                            4.88 
_refine.details                                  ? 
_refine.B_iso_min                                ? 
_refine.B_iso_max                                ? 
_refine.correlation_coeff_Fo_to_Fc               ? 
_refine.correlation_coeff_Fo_to_Fc_free          ? 
_refine.pdbx_solvent_vdw_probe_radii             ? 
_refine.pdbx_solvent_ion_probe_radii             ? 
_refine.pdbx_solvent_shrinkage_radii             ? 
_refine.overall_SU_R_Cruickshank_DPI             ? 
_refine.overall_SU_R_free                        ? 
_refine.overall_SU_B                             ? 
_refine.overall_SU_ML                            ? 
_refine.pdbx_overall_ESU_R                       ? 
_refine.pdbx_overall_ESU_R_Free                  ? 
_refine.pdbx_data_cutoff_high_rms_absF           ? 
_refine.ls_wR_factor_R_free                      ? 
_refine.ls_wR_factor_R_work                      ? 
_refine.overall_FOM_free_R_set                   ? 
_refine.overall_FOM_work_R_set                   ? 
_refine.pdbx_overall_phase_error                 ? 
_refine.pdbx_refine_id                           'X-RAY DIFFRACTION' 
_refine.pdbx_diffrn_id                           1 
_refine.pdbx_TLS_residual_ADP_flag               ? 
_refine.pdbx_overall_SU_R_free_Cruickshank_DPI   ? 
_refine.pdbx_overall_SU_R_Blow_DPI               ? 
_refine.pdbx_overall_SU_R_free_Blow_DPI          ? 
# 
_refine_analyze.entry_id                        1ULY 
_refine_analyze.Luzzati_coordinate_error_obs    0.28 
_refine_analyze.Luzzati_sigma_a_obs             0.23 
_refine_analyze.Luzzati_d_res_low_obs           5.0 
_refine_analyze.Luzzati_coordinate_error_free   0.38 
_refine_analyze.Luzzati_sigma_a_free            0.31 
_refine_analyze.Luzzati_d_res_low_free          ? 
_refine_analyze.number_disordered_residues      ? 
_refine_analyze.occupancy_sum_non_hydrogen      ? 
_refine_analyze.occupancy_sum_hydrogen          ? 
_refine_analyze.pdbx_Luzzati_d_res_high_obs     ? 
_refine_analyze.pdbx_refine_id                  'X-RAY DIFFRACTION' 
# 
_refine_hist.pdbx_refine_id                   'X-RAY DIFFRACTION' 
_refine_hist.cycle_id                         LAST 
_refine_hist.pdbx_number_atoms_protein        1580 
_refine_hist.pdbx_number_atoms_nucleic_acid   0 
_refine_hist.pdbx_number_atoms_ligand         0 
_refine_hist.number_atoms_solvent             25 
_refine_hist.number_atoms_total               1605 
_refine_hist.d_res_high                       2.5 
_refine_hist.d_res_low                        10.0 
# 
loop_
_refine_ls_restr.type 
_refine_ls_restr.dev_ideal 
_refine_ls_restr.dev_ideal_target 
_refine_ls_restr.weight 
_refine_ls_restr.number 
_refine_ls_restr.pdbx_refine_id 
_refine_ls_restr.pdbx_restraint_function 
c_bond_d    0.004 ? ? ? 'X-RAY DIFFRACTION' ? 
c_angle_deg 0.9   ? ? ? 'X-RAY DIFFRACTION' ? 
# 
_refine_ls_shell.pdbx_total_number_of_bins_used   ? 
_refine_ls_shell.d_res_high                       2.5 
_refine_ls_shell.d_res_low                        2.65 
_refine_ls_shell.number_reflns_R_work             ? 
_refine_ls_shell.R_factor_R_work                  0.244 
_refine_ls_shell.percent_reflns_obs               97.2 
_refine_ls_shell.R_factor_R_free                  0.308 
_refine_ls_shell.R_factor_R_free_error            0.029 
_refine_ls_shell.percent_reflns_R_free            ? 
_refine_ls_shell.number_reflns_R_free             112 
_refine_ls_shell.number_reflns_obs                1053 
_refine_ls_shell.redundancy_reflns_obs            ? 
_refine_ls_shell.number_reflns_all                ? 
_refine_ls_shell.R_factor_all                     ? 
_refine_ls_shell.pdbx_refine_id                   'X-RAY DIFFRACTION' 
# 
_struct.entry_id                  1ULY 
_struct.title                     'Crystal structure analysis of the ArsR homologue DNA-binding protein from P. horikoshii OT3' 
_struct.pdbx_model_details        ? 
_struct.pdbx_CASP_flag            ? 
_struct.pdbx_model_type_details   ? 
# 
_struct_keywords.entry_id        1ULY 
_struct_keywords.pdbx_keywords   'DNA BINDING PROTEIN' 
_struct_keywords.text            'helix-turn-helix, structural genomics, DNA BINDING PROTEIN' 
# 
loop_
_struct_asym.id 
_struct_asym.pdbx_blank_PDB_chainid_flag 
_struct_asym.pdbx_modified 
_struct_asym.entity_id 
_struct_asym.details 
A N N 1 ? 
B N N 2 ? 
# 
_struct_ref.id                         1 
_struct_ref.db_name                    UNP 
_struct_ref.db_code                    O59595_PYRHO 
_struct_ref.entity_id                  1 
_struct_ref.pdbx_seq_one_letter_code   
;MAKKVKVITDPEVIKVMLEDTRRKILKLLRNKEMTISQLSEILGKTPQTIYHHIEKLKEAGLVEVKRTEMKGNLVEKYYG
RTADVFYINLYLGDEELRYIARSRLKTKIDIFKRLGYQFEENELLNIMDRMSQKEFDATVRISKYIEEKEDALKDFSNED
IIHAIEWLSTAELARDEEYLELLKRLGSILKR
;
_struct_ref.pdbx_align_begin           1 
_struct_ref.pdbx_db_accession          O59595 
_struct_ref.pdbx_db_isoform            ? 
# 
_struct_ref_seq.align_id                      1 
_struct_ref_seq.ref_id                        1 
_struct_ref_seq.pdbx_PDB_id_code              1ULY 
_struct_ref_seq.pdbx_strand_id                A 
_struct_ref_seq.seq_align_beg                 1 
_struct_ref_seq.pdbx_seq_align_beg_ins_code   ? 
_struct_ref_seq.seq_align_end                 192 
_struct_ref_seq.pdbx_seq_align_end_ins_code   ? 
_struct_ref_seq.pdbx_db_accession             O59595 
_struct_ref_seq.db_align_beg                  1 
_struct_ref_seq.pdbx_db_align_beg_ins_code    ? 
_struct_ref_seq.db_align_end                  192 
_struct_ref_seq.pdbx_db_align_end_ins_code    ? 
_struct_ref_seq.pdbx_auth_seq_align_beg       1 
_struct_ref_seq.pdbx_auth_seq_align_end       192 
# 
_pdbx_struct_assembly.id                   1 
_pdbx_struct_assembly.details              author_and_software_defined_assembly 
_pdbx_struct_assembly.method_details       PISA 
_pdbx_struct_assembly.oligomeric_details   dimeric 
_pdbx_struct_assembly.oligomeric_count     2 
# 
loop_
_pdbx_struct_assembly_prop.biol_id 
_pdbx_struct_assembly_prop.type 
_pdbx_struct_assembly_prop.value 
_pdbx_struct_assembly_prop.details 
1 'ABSA (A^2)' 4190  ? 
1 MORE         -33.3 ? 
1 'SSA (A^2)'  18700 ? 
# 
_pdbx_struct_assembly_gen.assembly_id       1 
_pdbx_struct_assembly_gen.oper_expression   1,2 
_pdbx_struct_assembly_gen.asym_id_list      A,B 
# 
loop_
_pdbx_struct_oper_list.id 
_pdbx_struct_oper_list.type 
_pdbx_struct_oper_list.name 
_pdbx_struct_oper_list.symmetry_operation 
_pdbx_struct_oper_list.matrix[1][1] 
_pdbx_struct_oper_list.matrix[1][2] 
_pdbx_struct_oper_list.matrix[1][3] 
_pdbx_struct_oper_list.vector[1] 
_pdbx_struct_oper_list.matrix[2][1] 
_pdbx_struct_oper_list.matrix[2][2] 
_pdbx_struct_oper_list.matrix[2][3] 
_pdbx_struct_oper_list.vector[2] 
_pdbx_struct_oper_list.matrix[3][1] 
_pdbx_struct_oper_list.matrix[3][2] 
_pdbx_struct_oper_list.matrix[3][3] 
_pdbx_struct_oper_list.vector[3] 
1 'identity operation'         1_555  x,y,z              1.0000000000  0.0000000000  0.0000000000  0.0000000000   0.0000000000  1.0000000000  0.0000000000 0.0000000000 0.0000000000  0.0000000000 1.0000000000 0.0000000000  
2 'crystal symmetry operation' 10_455 y-1/3,x+1/3,-z+1/3 -0.5967806186 -0.0510825623 -0.8007767886 -16.7776028765 -0.0510825623 -0.9935285150 0.1014478274 0.2225619678 -0.8007767886 0.1014478274 0.5903091336 -8.4623128262 
# 
_struct_biol.id        1 
_struct_biol.details   ? 
# 
loop_
_struct_conf.conf_type_id 
_struct_conf.id 
_struct_conf.pdbx_PDB_helix_id 
_struct_conf.beg_label_comp_id 
_struct_conf.beg_label_asym_id 
_struct_conf.beg_label_seq_id 
_struct_conf.pdbx_beg_PDB_ins_code 
_struct_conf.end_label_comp_id 
_struct_conf.end_label_asym_id 
_struct_conf.end_label_seq_id 
_struct_conf.pdbx_end_PDB_ins_code 
_struct_conf.beg_auth_comp_id 
_struct_conf.beg_auth_asym_id 
_struct_conf.beg_auth_seq_id 
_struct_conf.end_auth_comp_id 
_struct_conf.end_auth_asym_id 
_struct_conf.end_auth_seq_id 
_struct_conf.pdbx_PDB_helix_class 
_struct_conf.details 
_struct_conf.pdbx_PDB_helix_length 
HELX_P HELX_P1 1 ASP A 10  ? GLU A 19  ? ASP A 10  GLU A 19  1 ? 10 
HELX_P HELX_P2 2 GLU A 19  ? ARG A 30  ? GLU A 19  ARG A 30  1 ? 12 
HELX_P HELX_P3 3 THR A 35  ? GLY A 44  ? THR A 35  GLY A 44  1 ? 10 
HELX_P HELX_P4 4 THR A 46  ? ALA A 60  ? THR A 46  ALA A 60  1 ? 15 
HELX_P HELX_P5 5 ASP A 94  ? LEU A 115 ? ASP A 94  LEU A 115 1 ? 22 
HELX_P HELX_P6 6 GLU A 120 ? LYS A 149 ? GLU A 120 LYS A 149 1 ? 30 
HELX_P HELX_P7 7 GLU A 150 ? LYS A 154 ? GLU A 150 LYS A 154 5 ? 5  
HELX_P HELX_P8 8 SER A 157 ? ALA A 174 ? SER A 157 ALA A 174 1 ? 18 
HELX_P HELX_P9 9 ASP A 176 ? LEU A 190 ? ASP A 176 LEU A 190 1 ? 15 
# 
_struct_conf_type.id          HELX_P 
_struct_conf_type.criteria    ? 
_struct_conf_type.reference   ? 
# 
loop_
_struct_conn.id 
_struct_conn.conn_type_id 
_struct_conn.pdbx_leaving_atom_flag 
_struct_conn.pdbx_PDB_id 
_struct_conn.ptnr1_label_asym_id 
_struct_conn.ptnr1_label_comp_id 
_struct_conn.ptnr1_label_seq_id 
_struct_conn.ptnr1_label_atom_id 
_struct_conn.pdbx_ptnr1_label_alt_id 
_struct_conn.pdbx_ptnr1_PDB_ins_code 
_struct_conn.pdbx_ptnr1_standard_comp_id 
_struct_conn.ptnr1_symmetry 
_struct_conn.ptnr2_label_asym_id 
_struct_conn.ptnr2_label_comp_id 
_struct_conn.ptnr2_label_seq_id 
_struct_conn.ptnr2_label_atom_id 
_struct_conn.pdbx_ptnr2_label_alt_id 
_struct_conn.pdbx_ptnr2_PDB_ins_code 
_struct_conn.ptnr1_auth_asym_id 
_struct_conn.ptnr1_auth_comp_id 
_struct_conn.ptnr1_auth_seq_id 
_struct_conn.ptnr2_auth_asym_id 
_struct_conn.ptnr2_auth_comp_id 
_struct_conn.ptnr2_auth_seq_id 
_struct_conn.ptnr2_symmetry 
_struct_conn.pdbx_ptnr3_label_atom_id 
_struct_conn.pdbx_ptnr3_label_seq_id 
_struct_conn.pdbx_ptnr3_label_comp_id 
_struct_conn.pdbx_ptnr3_label_asym_id 
_struct_conn.pdbx_ptnr3_label_alt_id 
_struct_conn.pdbx_ptnr3_PDB_ins_code 
_struct_conn.details 
_struct_conn.pdbx_dist_value 
_struct_conn.pdbx_value_order 
_struct_conn.pdbx_role 
covale1  covale both ? A VAL 16  C ? ? ? 1_555 A MSE 17  N ? ? A VAL 16  A MSE 17  1_555 ? ? ? ? ? ? ? 1.331 ? ? 
covale2  covale both ? A MSE 17  C ? ? ? 1_555 A LEU 18  N ? ? A MSE 17  A LEU 18  1_555 ? ? ? ? ? ? ? 1.327 ? ? 
covale3  covale both ? A GLU 33  C ? ? ? 1_555 A MSE 34  N ? ? A GLU 33  A MSE 34  1_555 ? ? ? ? ? ? ? 1.327 ? ? 
covale4  covale both ? A MSE 34  C ? ? ? 1_555 A THR 35  N ? ? A MSE 34  A THR 35  1_555 ? ? ? ? ? ? ? 1.328 ? ? 
covale5  covale both ? A GLU 69  C ? ? ? 1_555 A MSE 70  N ? ? A GLU 69  A MSE 70  1_555 ? ? ? ? ? ? ? 1.329 ? ? 
covale6  covale both ? A MSE 70  C ? ? ? 1_555 A LYS 71  N ? ? A MSE 70  A LYS 71  1_555 ? ? ? ? ? ? ? 1.329 ? ? 
covale7  covale both ? A ILE 127 C ? ? ? 1_555 A MSE 128 N ? ? A ILE 127 A MSE 128 1_555 ? ? ? ? ? ? ? 1.330 ? ? 
covale8  covale both ? A MSE 128 C ? ? ? 1_555 A ASP 129 N ? ? A MSE 128 A ASP 129 1_555 ? ? ? ? ? ? ? 1.331 ? ? 
covale9  covale both ? A ARG 130 C ? ? ? 1_555 A MSE 131 N ? ? A ARG 130 A MSE 131 1_555 ? ? ? ? ? ? ? 1.331 ? ? 
covale10 covale both ? A MSE 131 C ? ? ? 1_555 A SER 132 N ? ? A MSE 131 A SER 132 1_555 ? ? ? ? ? ? ? 1.328 ? ? 
# 
_struct_conn_type.id          covale 
_struct_conn_type.criteria    ? 
_struct_conn_type.reference   ? 
# 
loop_
_pdbx_modification_feature.ordinal 
_pdbx_modification_feature.label_comp_id 
_pdbx_modification_feature.label_asym_id 
_pdbx_modification_feature.label_seq_id 
_pdbx_modification_feature.label_alt_id 
_pdbx_modification_feature.modified_residue_label_comp_id 
_pdbx_modification_feature.modified_residue_label_asym_id 
_pdbx_modification_feature.modified_residue_label_seq_id 
_pdbx_modification_feature.modified_residue_label_alt_id 
_pdbx_modification_feature.auth_comp_id 
_pdbx_modification_feature.auth_asym_id 
_pdbx_modification_feature.auth_seq_id 
_pdbx_modification_feature.PDB_ins_code 
_pdbx_modification_feature.symmetry 
_pdbx_modification_feature.modified_residue_auth_comp_id 
_pdbx_modification_feature.modified_residue_auth_asym_id 
_pdbx_modification_feature.modified_residue_auth_seq_id 
_pdbx_modification_feature.modified_residue_PDB_ins_code 
_pdbx_modification_feature.modified_residue_symmetry 
_pdbx_modification_feature.comp_id_linking_atom 
_pdbx_modification_feature.modified_residue_id_linking_atom 
_pdbx_modification_feature.modified_residue_id 
_pdbx_modification_feature.ref_pcm_id 
_pdbx_modification_feature.ref_comp_id 
_pdbx_modification_feature.type 
_pdbx_modification_feature.category 
1 MSE A 17  ? . . . . MSE A 17  ? 1_555 . . . . . . . MET 1 MSE Selenomethionine 'Named protein modification' 
2 MSE A 34  ? . . . . MSE A 34  ? 1_555 . . . . . . . MET 1 MSE Selenomethionine 'Named protein modification' 
3 MSE A 70  ? . . . . MSE A 70  ? 1_555 . . . . . . . MET 1 MSE Selenomethionine 'Named protein modification' 
4 MSE A 128 ? . . . . MSE A 128 ? 1_555 . . . . . . . MET 1 MSE Selenomethionine 'Named protein modification' 
5 MSE A 131 ? . . . . MSE A 131 ? 1_555 . . . . . . . MET 1 MSE Selenomethionine 'Named protein modification' 
# 
loop_
_struct_sheet.id 
_struct_sheet.type 
_struct_sheet.number_strands 
_struct_sheet.details 
A ? 2 ? 
B ? 2 ? 
# 
loop_
_struct_sheet_order.sheet_id 
_struct_sheet_order.range_id_1 
_struct_sheet_order.range_id_2 
_struct_sheet_order.offset 
_struct_sheet_order.sense 
A 1 2 ? parallel      
B 1 2 ? anti-parallel 
# 
loop_
_struct_sheet_range.sheet_id 
_struct_sheet_range.id 
_struct_sheet_range.beg_label_comp_id 
_struct_sheet_range.beg_label_asym_id 
_struct_sheet_range.beg_label_seq_id 
_struct_sheet_range.pdbx_beg_PDB_ins_code 
_struct_sheet_range.end_label_comp_id 
_struct_sheet_range.end_label_asym_id 
_struct_sheet_range.end_label_seq_id 
_struct_sheet_range.pdbx_end_PDB_ins_code 
_struct_sheet_range.beg_auth_comp_id 
_struct_sheet_range.beg_auth_asym_id 
_struct_sheet_range.beg_auth_seq_id 
_struct_sheet_range.end_auth_comp_id 
_struct_sheet_range.end_auth_asym_id 
_struct_sheet_range.end_auth_seq_id 
A 1 VAL A 5  ? ILE A 8  ? VAL A 5  ILE A 8  
A 2 VAL A 85 ? ILE A 88 ? VAL A 85 ILE A 88 
B 1 VAL A 63 ? LYS A 71 ? VAL A 63 LYS A 71 
B 2 LEU A 74 ? ARG A 81 ? LEU A 74 ARG A 81 
# 
loop_
_pdbx_struct_sheet_hbond.sheet_id 
_pdbx_struct_sheet_hbond.range_id_1 
_pdbx_struct_sheet_hbond.range_id_2 
_pdbx_struct_sheet_hbond.range_1_label_atom_id 
_pdbx_struct_sheet_hbond.range_1_label_comp_id 
_pdbx_struct_sheet_hbond.range_1_label_asym_id 
_pdbx_struct_sheet_hbond.range_1_label_seq_id 
_pdbx_struct_sheet_hbond.range_1_PDB_ins_code 
_pdbx_struct_sheet_hbond.range_1_auth_atom_id 
_pdbx_struct_sheet_hbond.range_1_auth_comp_id 
_pdbx_struct_sheet_hbond.range_1_auth_asym_id 
_pdbx_struct_sheet_hbond.range_1_auth_seq_id 
_pdbx_struct_sheet_hbond.range_2_label_atom_id 
_pdbx_struct_sheet_hbond.range_2_label_comp_id 
_pdbx_struct_sheet_hbond.range_2_label_asym_id 
_pdbx_struct_sheet_hbond.range_2_label_seq_id 
_pdbx_struct_sheet_hbond.range_2_PDB_ins_code 
_pdbx_struct_sheet_hbond.range_2_auth_atom_id 
_pdbx_struct_sheet_hbond.range_2_auth_comp_id 
_pdbx_struct_sheet_hbond.range_2_auth_asym_id 
_pdbx_struct_sheet_hbond.range_2_auth_seq_id 
A 1 2 N ILE A 8  ? N ILE A 8  O TYR A 87 ? O TYR A 87 
B 1 2 N ARG A 67 ? N ARG A 67 O TYR A 78 ? O TYR A 78 
# 
_pdbx_entry_details.entry_id                   1ULY 
_pdbx_entry_details.compound_details           ? 
_pdbx_entry_details.source_details             ? 
_pdbx_entry_details.nonpolymer_details         ? 
_pdbx_entry_details.sequence_details           ? 
_pdbx_entry_details.has_ligand_of_interest     ? 
_pdbx_entry_details.has_protein_modification   Y 
# 
loop_
_pdbx_validate_torsion.id 
_pdbx_validate_torsion.PDB_model_num 
_pdbx_validate_torsion.auth_comp_id 
_pdbx_validate_torsion.auth_asym_id 
_pdbx_validate_torsion.auth_seq_id 
_pdbx_validate_torsion.PDB_ins_code 
_pdbx_validate_torsion.label_alt_id 
_pdbx_validate_torsion.phi 
_pdbx_validate_torsion.psi 
1 1 LYS A 32 ? ? 173.03  167.81 
2 1 ARG A 67 ? ? 178.64  159.49 
3 1 TYR A 91 ? ? -113.53 59.53  
# 
_pdbx_SG_project.id                    1 
_pdbx_SG_project.project_name          'NPPSFA, National Project on Protein Structural and Functional Analyses' 
_pdbx_SG_project.full_name_of_center   ? 
_pdbx_SG_project.initial_of_center     ? 
# 
loop_
_pdbx_struct_mod_residue.id 
_pdbx_struct_mod_residue.label_asym_id 
_pdbx_struct_mod_residue.label_comp_id 
_pdbx_struct_mod_residue.label_seq_id 
_pdbx_struct_mod_residue.auth_asym_id 
_pdbx_struct_mod_residue.auth_comp_id 
_pdbx_struct_mod_residue.auth_seq_id 
_pdbx_struct_mod_residue.PDB_ins_code 
_pdbx_struct_mod_residue.parent_comp_id 
_pdbx_struct_mod_residue.details 
1 A MSE 17  A MSE 17  ? MET SELENOMETHIONINE 
2 A MSE 34  A MSE 34  ? MET SELENOMETHIONINE 
3 A MSE 70  A MSE 70  ? MET SELENOMETHIONINE 
4 A MSE 128 A MSE 128 ? MET SELENOMETHIONINE 
5 A MSE 131 A MSE 131 ? MET SELENOMETHIONINE 
# 
loop_
_pdbx_unobs_or_zero_occ_residues.id 
_pdbx_unobs_or_zero_occ_residues.PDB_model_num 
_pdbx_unobs_or_zero_occ_residues.polymer_flag 
_pdbx_unobs_or_zero_occ_residues.occupancy_flag 
_pdbx_unobs_or_zero_occ_residues.auth_asym_id 
_pdbx_unobs_or_zero_occ_residues.auth_comp_id 
_pdbx_unobs_or_zero_occ_residues.auth_seq_id 
_pdbx_unobs_or_zero_occ_residues.PDB_ins_code 
_pdbx_unobs_or_zero_occ_residues.label_asym_id 
_pdbx_unobs_or_zero_occ_residues.label_comp_id 
_pdbx_unobs_or_zero_occ_residues.label_seq_id 
1 1 Y 1 A MSE 1   ? A MSE 1   
2 1 Y 1 A ARG 192 ? A ARG 192 
# 
loop_
_chem_comp_atom.comp_id 
_chem_comp_atom.atom_id 
_chem_comp_atom.type_symbol 
_chem_comp_atom.pdbx_aromatic_flag 
_chem_comp_atom.pdbx_stereo_config 
_chem_comp_atom.pdbx_ordinal 
ALA N    N  N N 1   
ALA CA   C  N S 2   
ALA C    C  N N 3   
ALA O    O  N N 4   
ALA CB   C  N N 5   
ALA OXT  O  N N 6   
ALA H    H  N N 7   
ALA H2   H  N N 8   
ALA HA   H  N N 9   
ALA HB1  H  N N 10  
ALA HB2  H  N N 11  
ALA HB3  H  N N 12  
ALA HXT  H  N N 13  
ARG N    N  N N 14  
ARG CA   C  N S 15  
ARG C    C  N N 16  
ARG O    O  N N 17  
ARG CB   C  N N 18  
ARG CG   C  N N 19  
ARG CD   C  N N 20  
ARG NE   N  N N 21  
ARG CZ   C  N N 22  
ARG NH1  N  N N 23  
ARG NH2  N  N N 24  
ARG OXT  O  N N 25  
ARG H    H  N N 26  
ARG H2   H  N N 27  
ARG HA   H  N N 28  
ARG HB2  H  N N 29  
ARG HB3  H  N N 30  
ARG HG2  H  N N 31  
ARG HG3  H  N N 32  
ARG HD2  H  N N 33  
ARG HD3  H  N N 34  
ARG HE   H  N N 35  
ARG HH11 H  N N 36  
ARG HH12 H  N N 37  
ARG HH21 H  N N 38  
ARG HH22 H  N N 39  
ARG HXT  H  N N 40  
ASN N    N  N N 41  
ASN CA   C  N S 42  
ASN C    C  N N 43  
ASN O    O  N N 44  
ASN CB   C  N N 45  
ASN CG   C  N N 46  
ASN OD1  O  N N 47  
ASN ND2  N  N N 48  
ASN OXT  O  N N 49  
ASN H    H  N N 50  
ASN H2   H  N N 51  
ASN HA   H  N N 52  
ASN HB2  H  N N 53  
ASN HB3  H  N N 54  
ASN HD21 H  N N 55  
ASN HD22 H  N N 56  
ASN HXT  H  N N 57  
ASP N    N  N N 58  
ASP CA   C  N S 59  
ASP C    C  N N 60  
ASP O    O  N N 61  
ASP CB   C  N N 62  
ASP CG   C  N N 63  
ASP OD1  O  N N 64  
ASP OD2  O  N N 65  
ASP OXT  O  N N 66  
ASP H    H  N N 67  
ASP H2   H  N N 68  
ASP HA   H  N N 69  
ASP HB2  H  N N 70  
ASP HB3  H  N N 71  
ASP HD2  H  N N 72  
ASP HXT  H  N N 73  
GLN N    N  N N 74  
GLN CA   C  N S 75  
GLN C    C  N N 76  
GLN O    O  N N 77  
GLN CB   C  N N 78  
GLN CG   C  N N 79  
GLN CD   C  N N 80  
GLN OE1  O  N N 81  
GLN NE2  N  N N 82  
GLN OXT  O  N N 83  
GLN H    H  N N 84  
GLN H2   H  N N 85  
GLN HA   H  N N 86  
GLN HB2  H  N N 87  
GLN HB3  H  N N 88  
GLN HG2  H  N N 89  
GLN HG3  H  N N 90  
GLN HE21 H  N N 91  
GLN HE22 H  N N 92  
GLN HXT  H  N N 93  
GLU N    N  N N 94  
GLU CA   C  N S 95  
GLU C    C  N N 96  
GLU O    O  N N 97  
GLU CB   C  N N 98  
GLU CG   C  N N 99  
GLU CD   C  N N 100 
GLU OE1  O  N N 101 
GLU OE2  O  N N 102 
GLU OXT  O  N N 103 
GLU H    H  N N 104 
GLU H2   H  N N 105 
GLU HA   H  N N 106 
GLU HB2  H  N N 107 
GLU HB3  H  N N 108 
GLU HG2  H  N N 109 
GLU HG3  H  N N 110 
GLU HE2  H  N N 111 
GLU HXT  H  N N 112 
GLY N    N  N N 113 
GLY CA   C  N N 114 
GLY C    C  N N 115 
GLY O    O  N N 116 
GLY OXT  O  N N 117 
GLY H    H  N N 118 
GLY H2   H  N N 119 
GLY HA2  H  N N 120 
GLY HA3  H  N N 121 
GLY HXT  H  N N 122 
HIS N    N  N N 123 
HIS CA   C  N S 124 
HIS C    C  N N 125 
HIS O    O  N N 126 
HIS CB   C  N N 127 
HIS CG   C  Y N 128 
HIS ND1  N  Y N 129 
HIS CD2  C  Y N 130 
HIS CE1  C  Y N 131 
HIS NE2  N  Y N 132 
HIS OXT  O  N N 133 
HIS H    H  N N 134 
HIS H2   H  N N 135 
HIS HA   H  N N 136 
HIS HB2  H  N N 137 
HIS HB3  H  N N 138 
HIS HD1  H  N N 139 
HIS HD2  H  N N 140 
HIS HE1  H  N N 141 
HIS HE2  H  N N 142 
HIS HXT  H  N N 143 
HOH O    O  N N 144 
HOH H1   H  N N 145 
HOH H2   H  N N 146 
ILE N    N  N N 147 
ILE CA   C  N S 148 
ILE C    C  N N 149 
ILE O    O  N N 150 
ILE CB   C  N S 151 
ILE CG1  C  N N 152 
ILE CG2  C  N N 153 
ILE CD1  C  N N 154 
ILE OXT  O  N N 155 
ILE H    H  N N 156 
ILE H2   H  N N 157 
ILE HA   H  N N 158 
ILE HB   H  N N 159 
ILE HG12 H  N N 160 
ILE HG13 H  N N 161 
ILE HG21 H  N N 162 
ILE HG22 H  N N 163 
ILE HG23 H  N N 164 
ILE HD11 H  N N 165 
ILE HD12 H  N N 166 
ILE HD13 H  N N 167 
ILE HXT  H  N N 168 
LEU N    N  N N 169 
LEU CA   C  N S 170 
LEU C    C  N N 171 
LEU O    O  N N 172 
LEU CB   C  N N 173 
LEU CG   C  N N 174 
LEU CD1  C  N N 175 
LEU CD2  C  N N 176 
LEU OXT  O  N N 177 
LEU H    H  N N 178 
LEU H2   H  N N 179 
LEU HA   H  N N 180 
LEU HB2  H  N N 181 
LEU HB3  H  N N 182 
LEU HG   H  N N 183 
LEU HD11 H  N N 184 
LEU HD12 H  N N 185 
LEU HD13 H  N N 186 
LEU HD21 H  N N 187 
LEU HD22 H  N N 188 
LEU HD23 H  N N 189 
LEU HXT  H  N N 190 
LYS N    N  N N 191 
LYS CA   C  N S 192 
LYS C    C  N N 193 
LYS O    O  N N 194 
LYS CB   C  N N 195 
LYS CG   C  N N 196 
LYS CD   C  N N 197 
LYS CE   C  N N 198 
LYS NZ   N  N N 199 
LYS OXT  O  N N 200 
LYS H    H  N N 201 
LYS H2   H  N N 202 
LYS HA   H  N N 203 
LYS HB2  H  N N 204 
LYS HB3  H  N N 205 
LYS HG2  H  N N 206 
LYS HG3  H  N N 207 
LYS HD2  H  N N 208 
LYS HD3  H  N N 209 
LYS HE2  H  N N 210 
LYS HE3  H  N N 211 
LYS HZ1  H  N N 212 
LYS HZ2  H  N N 213 
LYS HZ3  H  N N 214 
LYS HXT  H  N N 215 
MSE N    N  N N 216 
MSE CA   C  N S 217 
MSE C    C  N N 218 
MSE O    O  N N 219 
MSE OXT  O  N N 220 
MSE CB   C  N N 221 
MSE CG   C  N N 222 
MSE SE   SE N N 223 
MSE CE   C  N N 224 
MSE H    H  N N 225 
MSE H2   H  N N 226 
MSE HA   H  N N 227 
MSE HXT  H  N N 228 
MSE HB2  H  N N 229 
MSE HB3  H  N N 230 
MSE HG2  H  N N 231 
MSE HG3  H  N N 232 
MSE HE1  H  N N 233 
MSE HE2  H  N N 234 
MSE HE3  H  N N 235 
PHE N    N  N N 236 
PHE CA   C  N S 237 
PHE C    C  N N 238 
PHE O    O  N N 239 
PHE CB   C  N N 240 
PHE CG   C  Y N 241 
PHE CD1  C  Y N 242 
PHE CD2  C  Y N 243 
PHE CE1  C  Y N 244 
PHE CE2  C  Y N 245 
PHE CZ   C  Y N 246 
PHE OXT  O  N N 247 
PHE H    H  N N 248 
PHE H2   H  N N 249 
PHE HA   H  N N 250 
PHE HB2  H  N N 251 
PHE HB3  H  N N 252 
PHE HD1  H  N N 253 
PHE HD2  H  N N 254 
PHE HE1  H  N N 255 
PHE HE2  H  N N 256 
PHE HZ   H  N N 257 
PHE HXT  H  N N 258 
PRO N    N  N N 259 
PRO CA   C  N S 260 
PRO C    C  N N 261 
PRO O    O  N N 262 
PRO CB   C  N N 263 
PRO CG   C  N N 264 
PRO CD   C  N N 265 
PRO OXT  O  N N 266 
PRO H    H  N N 267 
PRO HA   H  N N 268 
PRO HB2  H  N N 269 
PRO HB3  H  N N 270 
PRO HG2  H  N N 271 
PRO HG3  H  N N 272 
PRO HD2  H  N N 273 
PRO HD3  H  N N 274 
PRO HXT  H  N N 275 
SER N    N  N N 276 
SER CA   C  N S 277 
SER C    C  N N 278 
SER O    O  N N 279 
SER CB   C  N N 280 
SER OG   O  N N 281 
SER OXT  O  N N 282 
SER H    H  N N 283 
SER H2   H  N N 284 
SER HA   H  N N 285 
SER HB2  H  N N 286 
SER HB3  H  N N 287 
SER HG   H  N N 288 
SER HXT  H  N N 289 
THR N    N  N N 290 
THR CA   C  N S 291 
THR C    C  N N 292 
THR O    O  N N 293 
THR CB   C  N R 294 
THR OG1  O  N N 295 
THR CG2  C  N N 296 
THR OXT  O  N N 297 
THR H    H  N N 298 
THR H2   H  N N 299 
THR HA   H  N N 300 
THR HB   H  N N 301 
THR HG1  H  N N 302 
THR HG21 H  N N 303 
THR HG22 H  N N 304 
THR HG23 H  N N 305 
THR HXT  H  N N 306 
TRP N    N  N N 307 
TRP CA   C  N S 308 
TRP C    C  N N 309 
TRP O    O  N N 310 
TRP CB   C  N N 311 
TRP CG   C  Y N 312 
TRP CD1  C  Y N 313 
TRP CD2  C  Y N 314 
TRP NE1  N  Y N 315 
TRP CE2  C  Y N 316 
TRP CE3  C  Y N 317 
TRP CZ2  C  Y N 318 
TRP CZ3  C  Y N 319 
TRP CH2  C  Y N 320 
TRP OXT  O  N N 321 
TRP H    H  N N 322 
TRP H2   H  N N 323 
TRP HA   H  N N 324 
TRP HB2  H  N N 325 
TRP HB3  H  N N 326 
TRP HD1  H  N N 327 
TRP HE1  H  N N 328 
TRP HE3  H  N N 329 
TRP HZ2  H  N N 330 
TRP HZ3  H  N N 331 
TRP HH2  H  N N 332 
TRP HXT  H  N N 333 
TYR N    N  N N 334 
TYR CA   C  N S 335 
TYR C    C  N N 336 
TYR O    O  N N 337 
TYR CB   C  N N 338 
TYR CG   C  Y N 339 
TYR CD1  C  Y N 340 
TYR CD2  C  Y N 341 
TYR CE1  C  Y N 342 
TYR CE2  C  Y N 343 
TYR CZ   C  Y N 344 
TYR OH   O  N N 345 
TYR OXT  O  N N 346 
TYR H    H  N N 347 
TYR H2   H  N N 348 
TYR HA   H  N N 349 
TYR HB2  H  N N 350 
TYR HB3  H  N N 351 
TYR HD1  H  N N 352 
TYR HD2  H  N N 353 
TYR HE1  H  N N 354 
TYR HE2  H  N N 355 
TYR HH   H  N N 356 
TYR HXT  H  N N 357 
VAL N    N  N N 358 
VAL CA   C  N S 359 
VAL C    C  N N 360 
VAL O    O  N N 361 
VAL CB   C  N N 362 
VAL CG1  C  N N 363 
VAL CG2  C  N N 364 
VAL OXT  O  N N 365 
VAL H    H  N N 366 
VAL H2   H  N N 367 
VAL HA   H  N N 368 
VAL HB   H  N N 369 
VAL HG11 H  N N 370 
VAL HG12 H  N N 371 
VAL HG13 H  N N 372 
VAL HG21 H  N N 373 
VAL HG22 H  N N 374 
VAL HG23 H  N N 375 
VAL HXT  H  N N 376 
# 
loop_
_chem_comp_bond.comp_id 
_chem_comp_bond.atom_id_1 
_chem_comp_bond.atom_id_2 
_chem_comp_bond.value_order 
_chem_comp_bond.pdbx_aromatic_flag 
_chem_comp_bond.pdbx_stereo_config 
_chem_comp_bond.pdbx_ordinal 
ALA N   CA   sing N N 1   
ALA N   H    sing N N 2   
ALA N   H2   sing N N 3   
ALA CA  C    sing N N 4   
ALA CA  CB   sing N N 5   
ALA CA  HA   sing N N 6   
ALA C   O    doub N N 7   
ALA C   OXT  sing N N 8   
ALA CB  HB1  sing N N 9   
ALA CB  HB2  sing N N 10  
ALA CB  HB3  sing N N 11  
ALA OXT HXT  sing N N 12  
ARG N   CA   sing N N 13  
ARG N   H    sing N N 14  
ARG N   H2   sing N N 15  
ARG CA  C    sing N N 16  
ARG CA  CB   sing N N 17  
ARG CA  HA   sing N N 18  
ARG C   O    doub N N 19  
ARG C   OXT  sing N N 20  
ARG CB  CG   sing N N 21  
ARG CB  HB2  sing N N 22  
ARG CB  HB3  sing N N 23  
ARG CG  CD   sing N N 24  
ARG CG  HG2  sing N N 25  
ARG CG  HG3  sing N N 26  
ARG CD  NE   sing N N 27  
ARG CD  HD2  sing N N 28  
ARG CD  HD3  sing N N 29  
ARG NE  CZ   sing N N 30  
ARG NE  HE   sing N N 31  
ARG CZ  NH1  sing N N 32  
ARG CZ  NH2  doub N N 33  
ARG NH1 HH11 sing N N 34  
ARG NH1 HH12 sing N N 35  
ARG NH2 HH21 sing N N 36  
ARG NH2 HH22 sing N N 37  
ARG OXT HXT  sing N N 38  
ASN N   CA   sing N N 39  
ASN N   H    sing N N 40  
ASN N   H2   sing N N 41  
ASN CA  C    sing N N 42  
ASN CA  CB   sing N N 43  
ASN CA  HA   sing N N 44  
ASN C   O    doub N N 45  
ASN C   OXT  sing N N 46  
ASN CB  CG   sing N N 47  
ASN CB  HB2  sing N N 48  
ASN CB  HB3  sing N N 49  
ASN CG  OD1  doub N N 50  
ASN CG  ND2  sing N N 51  
ASN ND2 HD21 sing N N 52  
ASN ND2 HD22 sing N N 53  
ASN OXT HXT  sing N N 54  
ASP N   CA   sing N N 55  
ASP N   H    sing N N 56  
ASP N   H2   sing N N 57  
ASP CA  C    sing N N 58  
ASP CA  CB   sing N N 59  
ASP CA  HA   sing N N 60  
ASP C   O    doub N N 61  
ASP C   OXT  sing N N 62  
ASP CB  CG   sing N N 63  
ASP CB  HB2  sing N N 64  
ASP CB  HB3  sing N N 65  
ASP CG  OD1  doub N N 66  
ASP CG  OD2  sing N N 67  
ASP OD2 HD2  sing N N 68  
ASP OXT HXT  sing N N 69  
GLN N   CA   sing N N 70  
GLN N   H    sing N N 71  
GLN N   H2   sing N N 72  
GLN CA  C    sing N N 73  
GLN CA  CB   sing N N 74  
GLN CA  HA   sing N N 75  
GLN C   O    doub N N 76  
GLN C   OXT  sing N N 77  
GLN CB  CG   sing N N 78  
GLN CB  HB2  sing N N 79  
GLN CB  HB3  sing N N 80  
GLN CG  CD   sing N N 81  
GLN CG  HG2  sing N N 82  
GLN CG  HG3  sing N N 83  
GLN CD  OE1  doub N N 84  
GLN CD  NE2  sing N N 85  
GLN NE2 HE21 sing N N 86  
GLN NE2 HE22 sing N N 87  
GLN OXT HXT  sing N N 88  
GLU N   CA   sing N N 89  
GLU N   H    sing N N 90  
GLU N   H2   sing N N 91  
GLU CA  C    sing N N 92  
GLU CA  CB   sing N N 93  
GLU CA  HA   sing N N 94  
GLU C   O    doub N N 95  
GLU C   OXT  sing N N 96  
GLU CB  CG   sing N N 97  
GLU CB  HB2  sing N N 98  
GLU CB  HB3  sing N N 99  
GLU CG  CD   sing N N 100 
GLU CG  HG2  sing N N 101 
GLU CG  HG3  sing N N 102 
GLU CD  OE1  doub N N 103 
GLU CD  OE2  sing N N 104 
GLU OE2 HE2  sing N N 105 
GLU OXT HXT  sing N N 106 
GLY N   CA   sing N N 107 
GLY N   H    sing N N 108 
GLY N   H2   sing N N 109 
GLY CA  C    sing N N 110 
GLY CA  HA2  sing N N 111 
GLY CA  HA3  sing N N 112 
GLY C   O    doub N N 113 
GLY C   OXT  sing N N 114 
GLY OXT HXT  sing N N 115 
HIS N   CA   sing N N 116 
HIS N   H    sing N N 117 
HIS N   H2   sing N N 118 
HIS CA  C    sing N N 119 
HIS CA  CB   sing N N 120 
HIS CA  HA   sing N N 121 
HIS C   O    doub N N 122 
HIS C   OXT  sing N N 123 
HIS CB  CG   sing N N 124 
HIS CB  HB2  sing N N 125 
HIS CB  HB3  sing N N 126 
HIS CG  ND1  sing Y N 127 
HIS CG  CD2  doub Y N 128 
HIS ND1 CE1  doub Y N 129 
HIS ND1 HD1  sing N N 130 
HIS CD2 NE2  sing Y N 131 
HIS CD2 HD2  sing N N 132 
HIS CE1 NE2  sing Y N 133 
HIS CE1 HE1  sing N N 134 
HIS NE2 HE2  sing N N 135 
HIS OXT HXT  sing N N 136 
HOH O   H1   sing N N 137 
HOH O   H2   sing N N 138 
ILE N   CA   sing N N 139 
ILE N   H    sing N N 140 
ILE N   H2   sing N N 141 
ILE CA  C    sing N N 142 
ILE CA  CB   sing N N 143 
ILE CA  HA   sing N N 144 
ILE C   O    doub N N 145 
ILE C   OXT  sing N N 146 
ILE CB  CG1  sing N N 147 
ILE CB  CG2  sing N N 148 
ILE CB  HB   sing N N 149 
ILE CG1 CD1  sing N N 150 
ILE CG1 HG12 sing N N 151 
ILE CG1 HG13 sing N N 152 
ILE CG2 HG21 sing N N 153 
ILE CG2 HG22 sing N N 154 
ILE CG2 HG23 sing N N 155 
ILE CD1 HD11 sing N N 156 
ILE CD1 HD12 sing N N 157 
ILE CD1 HD13 sing N N 158 
ILE OXT HXT  sing N N 159 
LEU N   CA   sing N N 160 
LEU N   H    sing N N 161 
LEU N   H2   sing N N 162 
LEU CA  C    sing N N 163 
LEU CA  CB   sing N N 164 
LEU CA  HA   sing N N 165 
LEU C   O    doub N N 166 
LEU C   OXT  sing N N 167 
LEU CB  CG   sing N N 168 
LEU CB  HB2  sing N N 169 
LEU CB  HB3  sing N N 170 
LEU CG  CD1  sing N N 171 
LEU CG  CD2  sing N N 172 
LEU CG  HG   sing N N 173 
LEU CD1 HD11 sing N N 174 
LEU CD1 HD12 sing N N 175 
LEU CD1 HD13 sing N N 176 
LEU CD2 HD21 sing N N 177 
LEU CD2 HD22 sing N N 178 
LEU CD2 HD23 sing N N 179 
LEU OXT HXT  sing N N 180 
LYS N   CA   sing N N 181 
LYS N   H    sing N N 182 
LYS N   H2   sing N N 183 
LYS CA  C    sing N N 184 
LYS CA  CB   sing N N 185 
LYS CA  HA   sing N N 186 
LYS C   O    doub N N 187 
LYS C   OXT  sing N N 188 
LYS CB  CG   sing N N 189 
LYS CB  HB2  sing N N 190 
LYS CB  HB3  sing N N 191 
LYS CG  CD   sing N N 192 
LYS CG  HG2  sing N N 193 
LYS CG  HG3  sing N N 194 
LYS CD  CE   sing N N 195 
LYS CD  HD2  sing N N 196 
LYS CD  HD3  sing N N 197 
LYS CE  NZ   sing N N 198 
LYS CE  HE2  sing N N 199 
LYS CE  HE3  sing N N 200 
LYS NZ  HZ1  sing N N 201 
LYS NZ  HZ2  sing N N 202 
LYS NZ  HZ3  sing N N 203 
LYS OXT HXT  sing N N 204 
MSE N   CA   sing N N 205 
MSE N   H    sing N N 206 
MSE N   H2   sing N N 207 
MSE CA  C    sing N N 208 
MSE CA  CB   sing N N 209 
MSE CA  HA   sing N N 210 
MSE C   O    doub N N 211 
MSE C   OXT  sing N N 212 
MSE OXT HXT  sing N N 213 
MSE CB  CG   sing N N 214 
MSE CB  HB2  sing N N 215 
MSE CB  HB3  sing N N 216 
MSE CG  SE   sing N N 217 
MSE CG  HG2  sing N N 218 
MSE CG  HG3  sing N N 219 
MSE SE  CE   sing N N 220 
MSE CE  HE1  sing N N 221 
MSE CE  HE2  sing N N 222 
MSE CE  HE3  sing N N 223 
PHE N   CA   sing N N 224 
PHE N   H    sing N N 225 
PHE N   H2   sing N N 226 
PHE CA  C    sing N N 227 
PHE CA  CB   sing N N 228 
PHE CA  HA   sing N N 229 
PHE C   O    doub N N 230 
PHE C   OXT  sing N N 231 
PHE CB  CG   sing N N 232 
PHE CB  HB2  sing N N 233 
PHE CB  HB3  sing N N 234 
PHE CG  CD1  doub Y N 235 
PHE CG  CD2  sing Y N 236 
PHE CD1 CE1  sing Y N 237 
PHE CD1 HD1  sing N N 238 
PHE CD2 CE2  doub Y N 239 
PHE CD2 HD2  sing N N 240 
PHE CE1 CZ   doub Y N 241 
PHE CE1 HE1  sing N N 242 
PHE CE2 CZ   sing Y N 243 
PHE CE2 HE2  sing N N 244 
PHE CZ  HZ   sing N N 245 
PHE OXT HXT  sing N N 246 
PRO N   CA   sing N N 247 
PRO N   CD   sing N N 248 
PRO N   H    sing N N 249 
PRO CA  C    sing N N 250 
PRO CA  CB   sing N N 251 
PRO CA  HA   sing N N 252 
PRO C   O    doub N N 253 
PRO C   OXT  sing N N 254 
PRO CB  CG   sing N N 255 
PRO CB  HB2  sing N N 256 
PRO CB  HB3  sing N N 257 
PRO CG  CD   sing N N 258 
PRO CG  HG2  sing N N 259 
PRO CG  HG3  sing N N 260 
PRO CD  HD2  sing N N 261 
PRO CD  HD3  sing N N 262 
PRO OXT HXT  sing N N 263 
SER N   CA   sing N N 264 
SER N   H    sing N N 265 
SER N   H2   sing N N 266 
SER CA  C    sing N N 267 
SER CA  CB   sing N N 268 
SER CA  HA   sing N N 269 
SER C   O    doub N N 270 
SER C   OXT  sing N N 271 
SER CB  OG   sing N N 272 
SER CB  HB2  sing N N 273 
SER CB  HB3  sing N N 274 
SER OG  HG   sing N N 275 
SER OXT HXT  sing N N 276 
THR N   CA   sing N N 277 
THR N   H    sing N N 278 
THR N   H2   sing N N 279 
THR CA  C    sing N N 280 
THR CA  CB   sing N N 281 
THR CA  HA   sing N N 282 
THR C   O    doub N N 283 
THR C   OXT  sing N N 284 
THR CB  OG1  sing N N 285 
THR CB  CG2  sing N N 286 
THR CB  HB   sing N N 287 
THR OG1 HG1  sing N N 288 
THR CG2 HG21 sing N N 289 
THR CG2 HG22 sing N N 290 
THR CG2 HG23 sing N N 291 
THR OXT HXT  sing N N 292 
TRP N   CA   sing N N 293 
TRP N   H    sing N N 294 
TRP N   H2   sing N N 295 
TRP CA  C    sing N N 296 
TRP CA  CB   sing N N 297 
TRP CA  HA   sing N N 298 
TRP C   O    doub N N 299 
TRP C   OXT  sing N N 300 
TRP CB  CG   sing N N 301 
TRP CB  HB2  sing N N 302 
TRP CB  HB3  sing N N 303 
TRP CG  CD1  doub Y N 304 
TRP CG  CD2  sing Y N 305 
TRP CD1 NE1  sing Y N 306 
TRP CD1 HD1  sing N N 307 
TRP CD2 CE2  doub Y N 308 
TRP CD2 CE3  sing Y N 309 
TRP NE1 CE2  sing Y N 310 
TRP NE1 HE1  sing N N 311 
TRP CE2 CZ2  sing Y N 312 
TRP CE3 CZ3  doub Y N 313 
TRP CE3 HE3  sing N N 314 
TRP CZ2 CH2  doub Y N 315 
TRP CZ2 HZ2  sing N N 316 
TRP CZ3 CH2  sing Y N 317 
TRP CZ3 HZ3  sing N N 318 
TRP CH2 HH2  sing N N 319 
TRP OXT HXT  sing N N 320 
TYR N   CA   sing N N 321 
TYR N   H    sing N N 322 
TYR N   H2   sing N N 323 
TYR CA  C    sing N N 324 
TYR CA  CB   sing N N 325 
TYR CA  HA   sing N N 326 
TYR C   O    doub N N 327 
TYR C   OXT  sing N N 328 
TYR CB  CG   sing N N 329 
TYR CB  HB2  sing N N 330 
TYR CB  HB3  sing N N 331 
TYR CG  CD1  doub Y N 332 
TYR CG  CD2  sing Y N 333 
TYR CD1 CE1  sing Y N 334 
TYR CD1 HD1  sing N N 335 
TYR CD2 CE2  doub Y N 336 
TYR CD2 HD2  sing N N 337 
TYR CE1 CZ   doub Y N 338 
TYR CE1 HE1  sing N N 339 
TYR CE2 CZ   sing Y N 340 
TYR CE2 HE2  sing N N 341 
TYR CZ  OH   sing N N 342 
TYR OH  HH   sing N N 343 
TYR OXT HXT  sing N N 344 
VAL N   CA   sing N N 345 
VAL N   H    sing N N 346 
VAL N   H2   sing N N 347 
VAL CA  C    sing N N 348 
VAL CA  CB   sing N N 349 
VAL CA  HA   sing N N 350 
VAL C   O    doub N N 351 
VAL C   OXT  sing N N 352 
VAL CB  CG1  sing N N 353 
VAL CB  CG2  sing N N 354 
VAL CB  HB   sing N N 355 
VAL CG1 HG11 sing N N 356 
VAL CG1 HG12 sing N N 357 
VAL CG1 HG13 sing N N 358 
VAL CG2 HG21 sing N N 359 
VAL CG2 HG22 sing N N 360 
VAL CG2 HG23 sing N N 361 
VAL OXT HXT  sing N N 362 
# 
_atom_sites.entry_id                    1ULY 
_atom_sites.fract_transf_matrix[1][1]   -0.00157237 
_atom_sites.fract_transf_matrix[1][2]   0.00584909 
_atom_sites.fract_transf_matrix[1][3]   0.01120802 
_atom_sites.fract_transf_matrix[2][1]   -0.00833501 
_atom_sites.fract_transf_matrix[2][2]   -0.00459364 
_atom_sites.fract_transf_matrix[2][3]   0.00846807 
_atom_sites.fract_transf_matrix[3][1]   0.00543427 
_atom_sites.fract_transf_matrix[3][2]   -0.00430928 
_atom_sites.fract_transf_matrix[3][3]   0.00301124 
_atom_sites.fract_transf_vector[1]      -0.000135 
_atom_sites.fract_transf_vector[2]      0.266026 
_atom_sites.fract_transf_vector[3]      0.225477 
# 
loop_
_atom_type.symbol 
C  
N  
O  
SE 
# 
loop_
_atom_site.group_PDB 
_atom_site.id 
_atom_site.type_symbol 
_atom_site.label_atom_id 
_atom_site.label_alt_id 
_atom_site.label_comp_id 
_atom_site.label_asym_id 
_atom_site.label_entity_id 
_atom_site.label_seq_id 
_atom_site.pdbx_PDB_ins_code 
_atom_site.Cartn_x 
_atom_site.Cartn_y 
_atom_site.Cartn_z 
_atom_site.occupancy 
_atom_site.B_iso_or_equiv 
_atom_site.pdbx_formal_charge 
_atom_site.auth_seq_id 
_atom_site.auth_comp_id 
_atom_site.auth_asym_id 
_atom_site.auth_atom_id 
_atom_site.pdbx_PDB_model_num 
ATOM   1    N  N   . ALA A 1 2   ? 3.828   -15.617 1.029   1.00 49.90 ? 2   ALA A N   1 
ATOM   2    C  CA  . ALA A 1 2   ? 4.381   -16.352 -0.143  1.00 46.73 ? 2   ALA A CA  1 
ATOM   3    C  C   . ALA A 1 2   ? 4.368   -15.492 -1.407  1.00 47.09 ? 2   ALA A C   1 
ATOM   4    O  O   . ALA A 1 2   ? 4.961   -14.413 -1.431  1.00 47.18 ? 2   ALA A O   1 
ATOM   5    C  CB  . ALA A 1 2   ? 3.590   -17.638 -0.371  1.00 47.32 ? 2   ALA A CB  1 
ATOM   6    N  N   . LYS A 1 3   ? 3.682   -15.968 -2.445  1.00 45.91 ? 3   LYS A N   1 
ATOM   7    C  CA  . LYS A 1 3   ? 3.607   -15.262 -3.723  1.00 42.02 ? 3   LYS A CA  1 
ATOM   8    C  C   . LYS A 1 3   ? 2.298   -14.490 -3.928  1.00 40.77 ? 3   LYS A C   1 
ATOM   9    O  O   . LYS A 1 3   ? 2.260   -13.507 -4.672  1.00 36.90 ? 3   LYS A O   1 
ATOM   10   C  CB  . LYS A 1 3   ? 3.821   -16.261 -4.867  1.00 39.42 ? 3   LYS A CB  1 
ATOM   11   C  CG  . LYS A 1 3   ? 3.959   -15.648 -6.257  1.00 47.63 ? 3   LYS A CG  1 
ATOM   12   C  CD  . LYS A 1 3   ? 2.608   -15.301 -6.867  1.00 50.00 ? 3   LYS A CD  1 
ATOM   13   C  CE  . LYS A 1 3   ? 1.723   -16.535 -6.996  1.00 53.40 ? 3   LYS A CE  1 
ATOM   14   N  NZ  . LYS A 1 3   ? 0.370   -16.206 -7.527  1.00 54.30 ? 3   LYS A NZ  1 
ATOM   15   N  N   . LYS A 1 4   ? 1.228   -14.931 -3.275  1.00 39.33 ? 4   LYS A N   1 
ATOM   16   C  CA  . LYS A 1 4   ? -0.061  -14.252 -3.394  1.00 37.11 ? 4   LYS A CA  1 
ATOM   17   C  C   . LYS A 1 4   ? -0.083  -13.004 -2.517  1.00 34.00 ? 4   LYS A C   1 
ATOM   18   O  O   . LYS A 1 4   ? -0.496  -11.927 -2.949  1.00 33.34 ? 4   LYS A O   1 
ATOM   19   C  CB  . LYS A 1 4   ? -1.201  -15.183 -2.972  1.00 37.99 ? 4   LYS A CB  1 
ATOM   20   C  CG  . LYS A 1 4   ? -2.096  -15.651 -4.110  1.00 38.03 ? 4   LYS A CG  1 
ATOM   21   C  CD  . LYS A 1 4   ? -3.124  -16.659 -3.604  1.00 43.94 ? 4   LYS A CD  1 
ATOM   22   C  CE  . LYS A 1 4   ? -4.027  -17.173 -4.716  1.00 43.39 ? 4   LYS A CE  1 
ATOM   23   N  NZ  . LYS A 1 4   ? -4.919  -16.112 -5.254  1.00 45.16 ? 4   LYS A NZ  1 
ATOM   24   N  N   . VAL A 1 5   ? 0.368   -13.161 -1.280  1.00 29.37 ? 5   VAL A N   1 
ATOM   25   C  CA  . VAL A 1 5   ? 0.394   -12.058 -0.335  1.00 29.10 ? 5   VAL A CA  1 
ATOM   26   C  C   . VAL A 1 5   ? 1.751   -11.960 0.334   1.00 28.24 ? 5   VAL A C   1 
ATOM   27   O  O   . VAL A 1 5   ? 2.403   -12.971 0.596   1.00 29.47 ? 5   VAL A O   1 
ATOM   28   C  CB  . VAL A 1 5   ? -0.693  -12.230 0.762   1.00 30.70 ? 5   VAL A CB  1 
ATOM   29   C  CG1 . VAL A 1 5   ? -0.528  -11.171 1.843   1.00 27.15 ? 5   VAL A CG1 1 
ATOM   30   C  CG2 . VAL A 1 5   ? -2.078  -12.131 0.143   1.00 22.72 ? 5   VAL A CG2 1 
ATOM   31   N  N   . LYS A 1 6   ? 2.166   -10.729 0.600   1.00 24.45 ? 6   LYS A N   1 
ATOM   32   C  CA  . LYS A 1 6   ? 3.434   -10.470 1.255   1.00 24.00 ? 6   LYS A CA  1 
ATOM   33   C  C   . LYS A 1 6   ? 3.271   -9.276  2.192   1.00 25.02 ? 6   LYS A C   1 
ATOM   34   O  O   . LYS A 1 6   ? 2.840   -8.200  1.777   1.00 23.64 ? 6   LYS A O   1 
ATOM   35   C  CB  . LYS A 1 6   ? 4.518   -10.182 0.217   1.00 24.83 ? 6   LYS A CB  1 
ATOM   36   C  CG  . LYS A 1 6   ? 5.899   -9.909  0.802   1.00 23.02 ? 6   LYS A CG  1 
ATOM   37   C  CD  . LYS A 1 6   ? 6.883   -9.606  -0.314  1.00 30.20 ? 6   LYS A CD  1 
ATOM   38   C  CE  . LYS A 1 6   ? 8.264   -9.281  0.222   1.00 33.15 ? 6   LYS A CE  1 
ATOM   39   N  NZ  . LYS A 1 6   ? 9.209   -9.025  -0.902  1.00 30.37 ? 6   LYS A NZ  1 
ATOM   40   N  N   . VAL A 1 7   ? 3.598   -9.477  3.463   1.00 23.31 ? 7   VAL A N   1 
ATOM   41   C  CA  . VAL A 1 7   ? 3.493   -8.406  4.439   1.00 25.97 ? 7   VAL A CA  1 
ATOM   42   C  C   . VAL A 1 7   ? 4.863   -7.766  4.601   1.00 26.87 ? 7   VAL A C   1 
ATOM   43   O  O   . VAL A 1 7   ? 5.856   -8.454  4.841   1.00 29.46 ? 7   VAL A O   1 
ATOM   44   C  CB  . VAL A 1 7   ? 3.016   -8.934  5.806   1.00 23.99 ? 7   VAL A CB  1 
ATOM   45   C  CG1 . VAL A 1 7   ? 2.903   -7.789  6.798   1.00 21.27 ? 7   VAL A CG1 1 
ATOM   46   C  CG2 . VAL A 1 7   ? 1.678   -9.637  5.646   1.00 25.61 ? 7   VAL A CG2 1 
ATOM   47   N  N   . ILE A 1 8   ? 4.918   -6.448  4.468   1.00 25.84 ? 8   ILE A N   1 
ATOM   48   C  CA  . ILE A 1 8   ? 6.182   -5.743  4.594   1.00 27.64 ? 8   ILE A CA  1 
ATOM   49   C  C   . ILE A 1 8   ? 6.265   -4.886  5.854   1.00 29.10 ? 8   ILE A C   1 
ATOM   50   O  O   . ILE A 1 8   ? 5.427   -4.013  6.081   1.00 29.50 ? 8   ILE A O   1 
ATOM   51   C  CB  . ILE A 1 8   ? 6.423   -4.857  3.373   1.00 25.42 ? 8   ILE A CB  1 
ATOM   52   C  CG1 . ILE A 1 8   ? 6.523   -5.732  2.123   1.00 26.35 ? 8   ILE A CG1 1 
ATOM   53   C  CG2 . ILE A 1 8   ? 7.677   -4.039  3.576   1.00 20.11 ? 8   ILE A CG2 1 
ATOM   54   C  CD1 . ILE A 1 8   ? 6.556   -4.953  0.837   1.00 32.54 ? 8   ILE A CD1 1 
ATOM   55   N  N   . THR A 1 9   ? 7.287   -5.143  6.665   1.00 28.87 ? 9   THR A N   1 
ATOM   56   C  CA  . THR A 1 9   ? 7.496   -4.398  7.899   1.00 32.97 ? 9   THR A CA  1 
ATOM   57   C  C   . THR A 1 9   ? 8.826   -3.646  7.880   1.00 32.78 ? 9   THR A C   1 
ATOM   58   O  O   . THR A 1 9   ? 9.160   -2.946  8.835   1.00 35.87 ? 9   THR A O   1 
ATOM   59   C  CB  . THR A 1 9   ? 7.468   -5.331  9.126   1.00 32.13 ? 9   THR A CB  1 
ATOM   60   O  OG1 . THR A 1 9   ? 8.394   -6.405  8.933   1.00 39.73 ? 9   THR A OG1 1 
ATOM   61   C  CG2 . THR A 1 9   ? 6.081   -5.900  9.325   1.00 32.61 ? 9   THR A CG2 1 
ATOM   62   N  N   . ASP A 1 10  ? 9.581   -3.792  6.794   1.00 32.59 ? 10  ASP A N   1 
ATOM   63   C  CA  . ASP A 1 10  ? 10.867  -3.116  6.664   1.00 31.53 ? 10  ASP A CA  1 
ATOM   64   C  C   . ASP A 1 10  ? 10.646  -1.663  6.238   1.00 34.69 ? 10  ASP A C   1 
ATOM   65   O  O   . ASP A 1 10  ? 10.334  -1.385  5.079   1.00 35.24 ? 10  ASP A O   1 
ATOM   66   C  CB  . ASP A 1 10  ? 11.755  -3.829  5.639   1.00 29.13 ? 10  ASP A CB  1 
ATOM   67   C  CG  . ASP A 1 10  ? 13.181  -3.276  5.611   1.00 35.14 ? 10  ASP A CG  1 
ATOM   68   O  OD1 . ASP A 1 10  ? 13.406  -2.166  6.142   1.00 36.17 ? 10  ASP A OD1 1 
ATOM   69   O  OD2 . ASP A 1 10  ? 14.078  -3.946  5.052   1.00 30.07 ? 10  ASP A OD2 1 
ATOM   70   N  N   . PRO A 1 11  ? 10.822  -0.720  7.179   1.00 35.69 ? 11  PRO A N   1 
ATOM   71   C  CA  . PRO A 1 11  ? 10.654  0.722   6.967   1.00 33.22 ? 11  PRO A CA  1 
ATOM   72   C  C   . PRO A 1 11  ? 11.315  1.244   5.700   1.00 33.11 ? 11  PRO A C   1 
ATOM   73   O  O   . PRO A 1 11  ? 10.787  2.133   5.032   1.00 32.48 ? 11  PRO A O   1 
ATOM   74   C  CB  . PRO A 1 11  ? 11.281  1.326   8.221   1.00 34.59 ? 11  PRO A CB  1 
ATOM   75   C  CG  . PRO A 1 11  ? 10.993  0.295   9.261   1.00 39.65 ? 11  PRO A CG  1 
ATOM   76   C  CD  . PRO A 1 11  ? 11.331  -0.985  8.537   1.00 37.42 ? 11  PRO A CD  1 
ATOM   77   N  N   . GLU A 1 12  ? 12.476  0.691   5.373   1.00 33.72 ? 12  GLU A N   1 
ATOM   78   C  CA  . GLU A 1 12  ? 13.201  1.132   4.194   1.00 33.16 ? 12  GLU A CA  1 
ATOM   79   C  C   . GLU A 1 12  ? 12.527  0.756   2.881   1.00 29.52 ? 12  GLU A C   1 
ATOM   80   O  O   . GLU A 1 12  ? 12.493  1.569   1.959   1.00 27.97 ? 12  GLU A O   1 
ATOM   81   C  CB  . GLU A 1 12  ? 14.639  0.610   4.231   1.00 36.98 ? 12  GLU A CB  1 
ATOM   82   C  CG  . GLU A 1 12  ? 15.415  1.077   5.457   1.00 43.08 ? 12  GLU A CG  1 
ATOM   83   C  CD  . GLU A 1 12  ? 15.193  2.554   5.767   1.00 48.48 ? 12  GLU A CD  1 
ATOM   84   O  OE1 . GLU A 1 12  ? 15.393  3.393   4.862   1.00 44.26 ? 12  GLU A OE1 1 
ATOM   85   O  OE2 . GLU A 1 12  ? 14.821  2.875   6.918   1.00 48.48 ? 12  GLU A OE2 1 
ATOM   86   N  N   . VAL A 1 13  ? 11.988  -0.457  2.777   1.00 24.69 ? 13  VAL A N   1 
ATOM   87   C  CA  . VAL A 1 13  ? 11.324  -0.829  1.532   1.00 23.59 ? 13  VAL A CA  1 
ATOM   88   C  C   . VAL A 1 13  ? 9.996   -0.079  1.458   1.00 19.40 ? 13  VAL A C   1 
ATOM   89   O  O   . VAL A 1 13  ? 9.635   0.441   0.408   1.00 20.61 ? 13  VAL A O   1 
ATOM   90   C  CB  . VAL A 1 13  ? 11.077  -2.369  1.402   1.00 25.99 ? 13  VAL A CB  1 
ATOM   91   C  CG1 . VAL A 1 13  ? 11.994  -3.130  2.335   1.00 24.06 ? 13  VAL A CG1 1 
ATOM   92   C  CG2 . VAL A 1 13  ? 9.628   -2.707  1.650   1.00 20.83 ? 13  VAL A CG2 1 
ATOM   93   N  N   . ILE A 1 14  ? 9.287   -0.007  2.581   1.00 19.89 ? 14  ILE A N   1 
ATOM   94   C  CA  . ILE A 1 14  ? 8.009   0.701   2.635   1.00 20.11 ? 14  ILE A CA  1 
ATOM   95   C  C   . ILE A 1 14  ? 8.184   2.121   2.107   1.00 22.40 ? 14  ILE A C   1 
ATOM   96   O  O   . ILE A 1 14  ? 7.395   2.591   1.282   1.00 16.30 ? 14  ILE A O   1 
ATOM   97   C  CB  . ILE A 1 14  ? 7.463   0.794   4.078   1.00 18.82 ? 14  ILE A CB  1 
ATOM   98   C  CG1 . ILE A 1 14  ? 7.014   -0.587  4.564   1.00 24.85 ? 14  ILE A CG1 1 
ATOM   99   C  CG2 . ILE A 1 14  ? 6.307   1.777   4.130   1.00 17.49 ? 14  ILE A CG2 1 
ATOM   100  C  CD1 . ILE A 1 14  ? 6.527   -0.612  6.011   1.00 16.54 ? 14  ILE A CD1 1 
ATOM   101  N  N   . LYS A 1 15  ? 9.221   2.797   2.595   1.00 23.70 ? 15  LYS A N   1 
ATOM   102  C  CA  . LYS A 1 15  ? 9.508   4.159   2.170   1.00 26.91 ? 15  LYS A CA  1 
ATOM   103  C  C   . LYS A 1 15  ? 9.693   4.222   0.656   1.00 27.52 ? 15  LYS A C   1 
ATOM   104  O  O   . LYS A 1 15  ? 9.212   5.147   0.003   1.00 29.48 ? 15  LYS A O   1 
ATOM   105  C  CB  . LYS A 1 15  ? 10.764  4.673   2.875   1.00 24.88 ? 15  LYS A CB  1 
ATOM   106  C  CG  . LYS A 1 15  ? 10.554  5.017   4.341   1.00 25.89 ? 15  LYS A CG  1 
ATOM   107  C  CD  . LYS A 1 15  ? 11.873  5.294   5.036   1.00 26.59 ? 15  LYS A CD  1 
ATOM   108  C  CE  . LYS A 1 15  ? 11.666  5.537   6.521   1.00 28.72 ? 15  LYS A CE  1 
ATOM   109  N  NZ  . LYS A 1 15  ? 12.951  5.586   7.277   1.00 26.69 ? 15  LYS A NZ  1 
ATOM   110  N  N   . VAL A 1 16  ? 10.376  3.227   0.101   1.00 26.54 ? 16  VAL A N   1 
ATOM   111  C  CA  . VAL A 1 16  ? 10.619  3.181   -1.334  1.00 25.80 ? 16  VAL A CA  1 
ATOM   112  C  C   . VAL A 1 16  ? 9.345   2.989   -2.163  1.00 27.85 ? 16  VAL A C   1 
ATOM   113  O  O   . VAL A 1 16  ? 9.185   3.616   -3.212  1.00 24.28 ? 16  VAL A O   1 
ATOM   114  C  CB  . VAL A 1 16  ? 11.606  2.051   -1.686  1.00 24.56 ? 16  VAL A CB  1 
ATOM   115  C  CG1 . VAL A 1 16  ? 11.835  2.004   -3.182  1.00 28.96 ? 16  VAL A CG1 1 
ATOM   116  C  CG2 . VAL A 1 16  ? 12.915  2.275   -0.972  1.00 24.92 ? 16  VAL A CG2 1 
HETATM 117  N  N   . MSE A 1 17  ? 8.438   2.137   -1.692  1.00 26.04 ? 17  MSE A N   1 
HETATM 118  C  CA  . MSE A 1 17  ? 7.206   1.868   -2.429  1.00 29.88 ? 17  MSE A CA  1 
HETATM 119  C  C   . MSE A 1 17  ? 6.110   2.928   -2.318  1.00 32.58 ? 17  MSE A C   1 
HETATM 120  O  O   . MSE A 1 17  ? 5.101   2.859   -3.023  1.00 34.04 ? 17  MSE A O   1 
HETATM 121  C  CB  . MSE A 1 17  ? 6.645   0.502   -2.028  1.00 27.69 ? 17  MSE A CB  1 
HETATM 122  C  CG  . MSE A 1 17  ? 6.330   0.340   -0.552  1.00 27.26 ? 17  MSE A CG  1 
HETATM 123  SE SE  . MSE A 1 17  ? 5.854   -1.358  -0.169  1.00 22.59 ? 17  MSE A SE  1 
HETATM 124  C  CE  . MSE A 1 17  ? 4.209   -1.388  -0.858  1.00 1.90  ? 17  MSE A CE  1 
ATOM   125  N  N   . LEU A 1 18  ? 6.303   3.911   -1.448  1.00 35.88 ? 18  LEU A N   1 
ATOM   126  C  CA  . LEU A 1 18  ? 5.313   4.967   -1.280  1.00 35.88 ? 18  LEU A CA  1 
ATOM   127  C  C   . LEU A 1 18  ? 5.366   6.012   -2.396  1.00 35.17 ? 18  LEU A C   1 
ATOM   128  O  O   . LEU A 1 18  ? 4.359   6.657   -2.689  1.00 38.71 ? 18  LEU A O   1 
ATOM   129  C  CB  . LEU A 1 18  ? 5.495   5.651   0.078   1.00 36.07 ? 18  LEU A CB  1 
ATOM   130  C  CG  . LEU A 1 18  ? 4.588   5.168   1.215   1.00 36.70 ? 18  LEU A CG  1 
ATOM   131  C  CD1 . LEU A 1 18  ? 4.623   3.656   1.320   1.00 33.99 ? 18  LEU A CD1 1 
ATOM   132  C  CD2 . LEU A 1 18  ? 5.040   5.807   2.515   1.00 32.69 ? 18  LEU A CD2 1 
ATOM   133  N  N   . GLU A 1 19  ? 6.536   6.178   -3.011  1.00 32.65 ? 19  GLU A N   1 
ATOM   134  C  CA  . GLU A 1 19  ? 6.707   7.146   -4.096  1.00 31.47 ? 19  GLU A CA  1 
ATOM   135  C  C   . GLU A 1 19  ? 5.547   6.945   -5.066  1.00 33.05 ? 19  GLU A C   1 
ATOM   136  O  O   . GLU A 1 19  ? 5.176   5.814   -5.367  1.00 35.08 ? 19  GLU A O   1 
ATOM   137  C  CB  . GLU A 1 19  ? 8.053   6.905   -4.792  1.00 36.20 ? 19  GLU A CB  1 
ATOM   138  C  CG  . GLU A 1 19  ? 8.619   8.082   -5.587  1.00 33.82 ? 19  GLU A CG  1 
ATOM   139  C  CD  . GLU A 1 19  ? 7.938   8.284   -6.927  1.00 39.95 ? 19  GLU A CD  1 
ATOM   140  O  OE1 . GLU A 1 19  ? 7.647   7.276   -7.603  1.00 42.54 ? 19  GLU A OE1 1 
ATOM   141  O  OE2 . GLU A 1 19  ? 7.709   9.450   -7.315  1.00 40.31 ? 19  GLU A OE2 1 
ATOM   142  N  N   . ASP A 1 20  ? 4.972   8.042   -5.545  1.00 33.13 ? 20  ASP A N   1 
ATOM   143  C  CA  . ASP A 1 20  ? 3.827   7.986   -6.454  1.00 34.67 ? 20  ASP A CA  1 
ATOM   144  C  C   . ASP A 1 20  ? 3.974   7.116   -7.702  1.00 31.94 ? 20  ASP A C   1 
ATOM   145  O  O   . ASP A 1 20  ? 3.141   6.243   -7.952  1.00 29.79 ? 20  ASP A O   1 
ATOM   146  C  CB  . ASP A 1 20  ? 3.424   9.405   -6.863  1.00 36.82 ? 20  ASP A CB  1 
ATOM   147  C  CG  . ASP A 1 20  ? 2.151   9.863   -6.184  1.00 40.97 ? 20  ASP A CG  1 
ATOM   148  O  OD1 . ASP A 1 20  ? 1.067   9.368   -6.560  1.00 49.45 ? 20  ASP A OD1 1 
ATOM   149  O  OD2 . ASP A 1 20  ? 2.232   10.709  -5.268  1.00 43.55 ? 20  ASP A OD2 1 
ATOM   150  N  N   . THR A 1 21  ? 5.016   7.356   -8.491  1.00 28.72 ? 21  THR A N   1 
ATOM   151  C  CA  . THR A 1 21  ? 5.226   6.579   -9.708  1.00 28.38 ? 21  THR A CA  1 
ATOM   152  C  C   . THR A 1 21  ? 5.484   5.102   -9.401  1.00 24.66 ? 21  THR A C   1 
ATOM   153  O  O   . THR A 1 21  ? 4.999   4.218   -10.107 1.00 26.88 ? 21  THR A O   1 
ATOM   154  C  CB  . THR A 1 21  ? 6.403   7.134   -10.529 1.00 29.27 ? 21  THR A CB  1 
ATOM   155  O  OG1 . THR A 1 21  ? 6.237   8.547   -10.703 1.00 37.66 ? 21  THR A OG1 1 
ATOM   156  C  CG2 . THR A 1 21  ? 6.452   6.470   -11.896 1.00 22.51 ? 21  THR A CG2 1 
ATOM   157  N  N   . ARG A 1 22  ? 6.254   4.837   -8.351  1.00 20.58 ? 22  ARG A N   1 
ATOM   158  C  CA  . ARG A 1 22  ? 6.554   3.469   -7.955  1.00 23.20 ? 22  ARG A CA  1 
ATOM   159  C  C   . ARG A 1 22  ? 5.244   2.726   -7.694  1.00 24.44 ? 22  ARG A C   1 
ATOM   160  O  O   . ARG A 1 22  ? 5.071   1.575   -8.096  1.00 26.67 ? 22  ARG A O   1 
ATOM   161  C  CB  . ARG A 1 22  ? 7.414   3.464   -6.692  1.00 26.78 ? 22  ARG A CB  1 
ATOM   162  C  CG  . ARG A 1 22  ? 8.810   2.914   -6.908  1.00 30.63 ? 22  ARG A CG  1 
ATOM   163  C  CD  . ARG A 1 22  ? 9.840   3.998   -7.108  1.00 31.30 ? 22  ARG A CD  1 
ATOM   164  N  NE  . ARG A 1 22  ? 10.141  4.695   -5.860  1.00 31.00 ? 22  ARG A NE  1 
ATOM   165  C  CZ  . ARG A 1 22  ? 11.086  5.622   -5.735  1.00 29.95 ? 22  ARG A CZ  1 
ATOM   166  N  NH1 . ARG A 1 22  ? 11.825  5.962   -6.782  1.00 30.01 ? 22  ARG A NH1 1 
ATOM   167  N  NH2 . ARG A 1 22  ? 11.285  6.215   -4.566  1.00 27.86 ? 22  ARG A NH2 1 
ATOM   168  N  N   . ARG A 1 23  ? 4.323   3.400   -7.017  1.00 26.19 ? 23  ARG A N   1 
ATOM   169  C  CA  . ARG A 1 23  ? 3.018   2.833   -6.716  1.00 26.69 ? 23  ARG A CA  1 
ATOM   170  C  C   . ARG A 1 23  ? 2.334   2.416   -8.007  1.00 23.17 ? 23  ARG A C   1 
ATOM   171  O  O   . ARG A 1 23  ? 1.902   1.275   -8.151  1.00 23.56 ? 23  ARG A O   1 
ATOM   172  C  CB  . ARG A 1 23  ? 2.144   3.865   -5.996  1.00 31.66 ? 23  ARG A CB  1 
ATOM   173  C  CG  . ARG A 1 23  ? 2.289   3.884   -4.488  1.00 34.36 ? 23  ARG A CG  1 
ATOM   174  C  CD  . ARG A 1 23  ? 1.700   5.165   -3.908  1.00 46.67 ? 23  ARG A CD  1 
ATOM   175  N  NE  . ARG A 1 23  ? 1.128   4.963   -2.579  1.00 53.68 ? 23  ARG A NE  1 
ATOM   176  C  CZ  . ARG A 1 23  ? -0.038  4.362   -2.355  1.00 58.73 ? 23  ARG A CZ  1 
ATOM   177  N  NH1 . ARG A 1 23  ? -0.761  3.907   -3.374  1.00 56.47 ? 23  ARG A NH1 1 
ATOM   178  N  NH2 . ARG A 1 23  ? -0.481  4.208   -1.112  1.00 59.17 ? 23  ARG A NH2 1 
ATOM   179  N  N   . LYS A 1 24  ? 2.232   3.357   -8.939  1.00 23.29 ? 24  LYS A N   1 
ATOM   180  C  CA  . LYS A 1 24  ? 1.595   3.105   -10.224 1.00 22.72 ? 24  LYS A CA  1 
ATOM   181  C  C   . LYS A 1 24  ? 2.240   1.928   -10.950 1.00 21.13 ? 24  LYS A C   1 
ATOM   182  O  O   . LYS A 1 24  ? 1.549   1.111   -11.560 1.00 23.49 ? 24  LYS A O   1 
ATOM   183  C  CB  . LYS A 1 24  ? 1.659   4.362   -11.086 1.00 27.96 ? 24  LYS A CB  1 
ATOM   184  C  CG  . LYS A 1 24  ? 0.992   5.559   -10.435 1.00 26.34 ? 24  LYS A CG  1 
ATOM   185  C  CD  . LYS A 1 24  ? 1.095   6.806   -11.294 1.00 31.70 ? 24  LYS A CD  1 
ATOM   186  C  CE  . LYS A 1 24  ? 0.384   7.974   -10.633 1.00 35.09 ? 24  LYS A CE  1 
ATOM   187  N  NZ  . LYS A 1 24  ? -1.044  7.650   -10.357 1.00 35.52 ? 24  LYS A NZ  1 
ATOM   188  N  N   . ILE A 1 25  ? 3.564   1.841   -10.884 1.00 19.93 ? 25  ILE A N   1 
ATOM   189  C  CA  . ILE A 1 25  ? 4.278   0.743   -11.523 1.00 17.78 ? 25  ILE A CA  1 
ATOM   190  C  C   . ILE A 1 25  ? 3.802   -0.575  -10.920 1.00 19.91 ? 25  ILE A C   1 
ATOM   191  O  O   . ILE A 1 25  ? 3.413   -1.493  -11.644 1.00 23.66 ? 25  ILE A O   1 
ATOM   192  C  CB  . ILE A 1 25  ? 5.806   0.868   -11.317 1.00 18.92 ? 25  ILE A CB  1 
ATOM   193  C  CG1 . ILE A 1 25  ? 6.326   2.105   -12.057 1.00 11.48 ? 25  ILE A CG1 1 
ATOM   194  C  CG2 . ILE A 1 25  ? 6.514   -0.405  -11.798 1.00 5.47  ? 25  ILE A CG2 1 
ATOM   195  C  CD1 . ILE A 1 25  ? 7.786   2.413   -11.791 1.00 12.02 ? 25  ILE A CD1 1 
ATOM   196  N  N   . LEU A 1 26  ? 3.822   -0.655  -9.590  1.00 20.29 ? 26  LEU A N   1 
ATOM   197  C  CA  . LEU A 1 26  ? 3.386   -1.856  -8.885  1.00 20.74 ? 26  LEU A CA  1 
ATOM   198  C  C   . LEU A 1 26  ? 1.952   -2.215  -9.236  1.00 23.67 ? 26  LEU A C   1 
ATOM   199  O  O   . LEU A 1 26  ? 1.642   -3.380  -9.480  1.00 27.64 ? 26  LEU A O   1 
ATOM   200  C  CB  . LEU A 1 26  ? 3.519   -1.675  -7.369  1.00 16.45 ? 26  LEU A CB  1 
ATOM   201  C  CG  . LEU A 1 26  ? 4.955   -1.583  -6.843  1.00 18.51 ? 26  LEU A CG  1 
ATOM   202  C  CD1 . LEU A 1 26  ? 4.933   -1.398  -5.338  1.00 17.25 ? 26  LEU A CD1 1 
ATOM   203  C  CD2 . LEU A 1 26  ? 5.732   -2.845  -7.219  1.00 13.80 ? 26  LEU A CD2 1 
ATOM   204  N  N   . LYS A 1 27  ? 1.076   -1.216  -9.264  1.00 26.24 ? 27  LYS A N   1 
ATOM   205  C  CA  . LYS A 1 27  ? -0.323  -1.457  -9.598  1.00 24.89 ? 27  LYS A CA  1 
ATOM   206  C  C   . LYS A 1 27  ? -0.376  -2.072  -11.000 1.00 24.60 ? 27  LYS A C   1 
ATOM   207  O  O   . LYS A 1 27  ? -1.072  -3.062  -11.240 1.00 23.52 ? 27  LYS A O   1 
ATOM   208  C  CB  . LYS A 1 27  ? -1.099  -0.141  -9.555  1.00 26.21 ? 27  LYS A CB  1 
ATOM   209  C  CG  . LYS A 1 27  ? -2.605  -0.306  -9.438  1.00 36.93 ? 27  LYS A CG  1 
ATOM   210  C  CD  . LYS A 1 27  ? -3.306  1.046   -9.319  1.00 38.66 ? 27  LYS A CD  1 
ATOM   211  C  CE  . LYS A 1 27  ? -4.787  0.885   -9.005  1.00 43.28 ? 27  LYS A CE  1 
ATOM   212  N  NZ  . LYS A 1 27  ? -5.014  0.222   -7.685  1.00 48.49 ? 27  LYS A NZ  1 
ATOM   213  N  N   . LEU A 1 28  ? 0.389   -1.489  -11.917 1.00 20.75 ? 28  LEU A N   1 
ATOM   214  C  CA  . LEU A 1 28  ? 0.454   -1.963  -13.290 1.00 23.52 ? 28  LEU A CA  1 
ATOM   215  C  C   . LEU A 1 28  ? 0.990   -3.383  -13.438 1.00 25.32 ? 28  LEU A C   1 
ATOM   216  O  O   . LEU A 1 28  ? 0.451   -4.176  -14.216 1.00 24.58 ? 28  LEU A O   1 
ATOM   217  C  CB  . LEU A 1 28  ? 1.334   -1.031  -14.126 1.00 27.02 ? 28  LEU A CB  1 
ATOM   218  C  CG  . LEU A 1 28  ? 0.684   0.143   -14.850 1.00 26.73 ? 28  LEU A CG  1 
ATOM   219  C  CD1 . LEU A 1 28  ? 1.752   0.857   -15.651 1.00 29.65 ? 28  LEU A CD1 1 
ATOM   220  C  CD2 . LEU A 1 28  ? -0.419  -0.355  -15.774 1.00 16.84 ? 28  LEU A CD2 1 
ATOM   221  N  N   . LEU A 1 29  ? 2.055   -3.698  -12.705 1.00 24.18 ? 29  LEU A N   1 
ATOM   222  C  CA  . LEU A 1 29  ? 2.670   -5.017  -12.785 1.00 22.64 ? 29  LEU A CA  1 
ATOM   223  C  C   . LEU A 1 29  ? 1.771   -6.159  -12.332 1.00 24.16 ? 29  LEU A C   1 
ATOM   224  O  O   . LEU A 1 29  ? 2.110   -7.330  -12.520 1.00 25.34 ? 29  LEU A O   1 
ATOM   225  C  CB  . LEU A 1 29  ? 3.986   -5.034  -12.002 1.00 21.40 ? 29  LEU A CB  1 
ATOM   226  C  CG  . LEU A 1 29  ? 5.294   -4.951  -12.809 1.00 24.08 ? 29  LEU A CG  1 
ATOM   227  C  CD1 . LEU A 1 29  ? 5.026   -4.500  -14.243 1.00 20.27 ? 29  LEU A CD1 1 
ATOM   228  C  CD2 . LEU A 1 29  ? 6.260   -4.007  -12.101 1.00 12.50 ? 29  LEU A CD2 1 
ATOM   229  N  N   . ARG A 1 30  ? 0.626   -5.828  -11.744 1.00 25.19 ? 30  ARG A N   1 
ATOM   230  C  CA  . ARG A 1 30  ? -0.311  -6.857  -11.304 1.00 29.35 ? 30  ARG A CA  1 
ATOM   231  C  C   . ARG A 1 30  ? -0.964  -7.504  -12.532 1.00 31.01 ? 30  ARG A C   1 
ATOM   232  O  O   . ARG A 1 30  ? -1.304  -8.685  -12.514 1.00 31.06 ? 30  ARG A O   1 
ATOM   233  C  CB  . ARG A 1 30  ? -1.380  -6.246  -10.401 1.00 26.47 ? 30  ARG A CB  1 
ATOM   234  C  CG  . ARG A 1 30  ? -0.810  -5.552  -9.177  1.00 37.55 ? 30  ARG A CG  1 
ATOM   235  C  CD  . ARG A 1 30  ? -1.891  -4.860  -8.367  1.00 41.19 ? 30  ARG A CD  1 
ATOM   236  N  NE  . ARG A 1 30  ? -2.766  -5.803  -7.676  1.00 49.91 ? 30  ARG A NE  1 
ATOM   237  C  CZ  . ARG A 1 30  ? -3.885  -5.454  -7.042  1.00 58.06 ? 30  ARG A CZ  1 
ATOM   238  N  NH1 . ARG A 1 30  ? -4.264  -4.182  -7.013  1.00 58.67 ? 30  ARG A NH1 1 
ATOM   239  N  NH2 . ARG A 1 30  ? -4.626  -6.376  -6.443  1.00 59.07 ? 30  ARG A NH2 1 
ATOM   240  N  N   . ASN A 1 31  ? -1.126  -6.720  -13.598 1.00 33.33 ? 31  ASN A N   1 
ATOM   241  C  CA  . ASN A 1 31  ? -1.716  -7.199  -14.849 1.00 33.47 ? 31  ASN A CA  1 
ATOM   242  C  C   . ASN A 1 31  ? -0.839  -8.257  -15.515 1.00 35.69 ? 31  ASN A C   1 
ATOM   243  O  O   . ASN A 1 31  ? -1.340  -9.230  -16.077 1.00 38.75 ? 31  ASN A O   1 
ATOM   244  C  CB  . ASN A 1 31  ? -1.907  -6.034  -15.821 1.00 32.34 ? 31  ASN A CB  1 
ATOM   245  C  CG  . ASN A 1 31  ? -2.988  -5.076  -15.376 1.00 29.19 ? 31  ASN A CG  1 
ATOM   246  O  OD1 . ASN A 1 31  ? -4.160  -5.443  -15.305 1.00 24.62 ? 31  ASN A OD1 1 
ATOM   247  N  ND2 . ASN A 1 31  ? -2.600  -3.840  -15.071 1.00 25.52 ? 31  ASN A ND2 1 
ATOM   248  N  N   . LYS A 1 32  ? 0.472   -8.050  -15.453 1.00 33.39 ? 32  LYS A N   1 
ATOM   249  C  CA  . LYS A 1 32  ? 1.448   -8.966  -16.043 1.00 34.45 ? 32  LYS A CA  1 
ATOM   250  C  C   . LYS A 1 32  ? 2.833   -8.339  -15.940 1.00 32.71 ? 32  LYS A C   1 
ATOM   251  O  O   . LYS A 1 32  ? 2.965   -7.153  -15.629 1.00 35.69 ? 32  LYS A O   1 
ATOM   252  C  CB  . LYS A 1 32  ? 1.125   -9.228  -17.520 1.00 32.99 ? 32  LYS A CB  1 
ATOM   253  C  CG  . LYS A 1 32  ? 0.820   -7.961  -18.308 1.00 37.82 ? 32  LYS A CG  1 
ATOM   254  C  CD  . LYS A 1 32  ? 1.065   -8.110  -19.801 1.00 35.85 ? 32  LYS A CD  1 
ATOM   255  C  CE  . LYS A 1 32  ? 2.551   -8.035  -20.115 1.00 42.13 ? 32  LYS A CE  1 
ATOM   256  N  NZ  . LYS A 1 32  ? 2.817   -7.844  -21.567 1.00 41.52 ? 32  LYS A NZ  1 
ATOM   257  N  N   . GLU A 1 33  ? 3.867   -9.132  -16.197 1.00 29.68 ? 33  GLU A N   1 
ATOM   258  C  CA  . GLU A 1 33  ? 5.228   -8.614  -16.147 1.00 30.08 ? 33  GLU A CA  1 
ATOM   259  C  C   . GLU A 1 33  ? 5.466   -7.742  -17.382 1.00 26.25 ? 33  GLU A C   1 
ATOM   260  O  O   . GLU A 1 33  ? 5.099   -8.106  -18.500 1.00 21.10 ? 33  GLU A O   1 
ATOM   261  C  CB  . GLU A 1 33  ? 6.235   -9.768  -16.097 1.00 34.79 ? 33  GLU A CB  1 
ATOM   262  C  CG  . GLU A 1 33  ? 6.247   -10.647 -17.330 1.00 36.12 ? 33  GLU A CG  1 
ATOM   263  C  CD  . GLU A 1 33  ? 6.246   -12.114 -16.975 1.00 42.93 ? 33  GLU A CD  1 
ATOM   264  O  OE1 . GLU A 1 33  ? 5.217   -12.590 -16.456 1.00 46.25 ? 33  GLU A OE1 1 
ATOM   265  O  OE2 . GLU A 1 33  ? 7.274   -12.786 -17.201 1.00 47.69 ? 33  GLU A OE2 1 
HETATM 266  N  N   . MSE A 1 34  ? 6.077   -6.584  -17.165 1.00 24.55 ? 34  MSE A N   1 
HETATM 267  C  CA  . MSE A 1 34  ? 6.341   -5.648  -18.244 1.00 21.84 ? 34  MSE A CA  1 
HETATM 268  C  C   . MSE A 1 34  ? 7.787   -5.188  -18.255 1.00 21.06 ? 34  MSE A C   1 
HETATM 269  O  O   . MSE A 1 34  ? 8.499   -5.311  -17.259 1.00 22.32 ? 34  MSE A O   1 
HETATM 270  C  CB  . MSE A 1 34  ? 5.438   -4.423  -18.100 1.00 21.65 ? 34  MSE A CB  1 
HETATM 271  C  CG  . MSE A 1 34  ? 3.955   -4.733  -18.105 1.00 20.97 ? 34  MSE A CG  1 
HETATM 272  SE SE  . MSE A 1 34  ? 2.973   -3.250  -17.840 1.00 7.18  ? 34  MSE A SE  1 
HETATM 273  C  CE  . MSE A 1 34  ? 1.357   -3.965  -17.540 1.00 20.21 ? 34  MSE A CE  1 
ATOM   274  N  N   . THR A 1 35  ? 8.211   -4.647  -19.391 1.00 20.90 ? 35  THR A N   1 
ATOM   275  C  CA  . THR A 1 35  ? 9.565   -4.130  -19.540 1.00 20.28 ? 35  THR A CA  1 
ATOM   276  C  C   . THR A 1 35  ? 9.543   -2.643  -19.193 1.00 19.52 ? 35  THR A C   1 
ATOM   277  O  O   . THR A 1 35  ? 8.476   -2.046  -19.032 1.00 18.77 ? 35  THR A O   1 
ATOM   278  C  CB  . THR A 1 35  ? 10.057  -4.260  -20.985 1.00 18.77 ? 35  THR A CB  1 
ATOM   279  O  OG1 . THR A 1 35  ? 9.252   -3.427  -21.828 1.00 25.42 ? 35  THR A OG1 1 
ATOM   280  C  CG2 . THR A 1 35  ? 9.952   -5.702  -21.462 1.00 18.99 ? 35  THR A CG2 1 
ATOM   281  N  N   . ILE A 1 36  ? 10.726  -2.048  -19.083 1.00 22.50 ? 36  ILE A N   1 
ATOM   282  C  CA  . ILE A 1 36  ? 10.838  -0.626  -18.777 1.00 20.85 ? 36  ILE A CA  1 
ATOM   283  C  C   . ILE A 1 36  ? 10.156  0.208   -19.861 1.00 20.12 ? 36  ILE A C   1 
ATOM   284  O  O   . ILE A 1 36  ? 9.587   1.262   -19.571 1.00 18.01 ? 36  ILE A O   1 
ATOM   285  C  CB  . ILE A 1 36  ? 12.316  -0.204  -18.660 1.00 19.01 ? 36  ILE A CB  1 
ATOM   286  C  CG1 . ILE A 1 36  ? 12.870  -0.679  -17.319 1.00 19.54 ? 36  ILE A CG1 1 
ATOM   287  C  CG2 . ILE A 1 36  ? 12.453  1.307   -18.823 1.00 14.00 ? 36  ILE A CG2 1 
ATOM   288  C  CD1 . ILE A 1 36  ? 14.359  -0.494  -17.166 1.00 24.71 ? 36  ILE A CD1 1 
ATOM   289  N  N   . SER A 1 37  ? 10.214  -0.267  -21.103 1.00 15.85 ? 37  SER A N   1 
ATOM   290  C  CA  . SER A 1 37  ? 9.587   0.443   -22.217 1.00 19.40 ? 37  SER A CA  1 
ATOM   291  C  C   . SER A 1 37  ? 8.071   0.445   -22.095 1.00 21.00 ? 37  SER A C   1 
ATOM   292  O  O   . SER A 1 37  ? 7.443   1.503   -22.154 1.00 24.64 ? 37  SER A O   1 
ATOM   293  C  CB  . SER A 1 37  ? 9.983   -0.190  -23.543 1.00 14.81 ? 37  SER A CB  1 
ATOM   294  O  OG  . SER A 1 37  ? 11.367  -0.044  -23.761 1.00 26.12 ? 37  SER A OG  1 
ATOM   295  N  N   . GLN A 1 38  ? 7.483   -0.737  -21.930 1.00 23.41 ? 38  GLN A N   1 
ATOM   296  C  CA  . GLN A 1 38  ? 6.031   -0.844  -21.795 1.00 25.51 ? 38  GLN A CA  1 
ATOM   297  C  C   . GLN A 1 38  ? 5.505   0.035   -20.659 1.00 24.11 ? 38  GLN A C   1 
ATOM   298  O  O   . GLN A 1 38  ? 4.557   0.796   -20.857 1.00 27.16 ? 38  GLN A O   1 
ATOM   299  C  CB  . GLN A 1 38  ? 5.635   -2.306  -21.582 1.00 23.70 ? 38  GLN A CB  1 
ATOM   300  C  CG  . GLN A 1 38  ? 6.038   -3.187  -22.752 1.00 20.25 ? 38  GLN A CG  1 
ATOM   301  C  CD  . GLN A 1 38  ? 5.983   -4.668  -22.434 1.00 26.20 ? 38  GLN A CD  1 
ATOM   302  O  OE1 . GLN A 1 38  ? 6.237   -5.085  -21.301 1.00 22.60 ? 38  GLN A OE1 1 
ATOM   303  N  NE2 . GLN A 1 38  ? 5.674   -5.475  -23.441 1.00 20.92 ? 38  GLN A NE2 1 
ATOM   304  N  N   . LEU A 1 39  ? 6.108   -0.059  -19.474 1.00 24.49 ? 39  LEU A N   1 
ATOM   305  C  CA  . LEU A 1 39  ? 5.669   0.773   -18.353 1.00 24.23 ? 39  LEU A CA  1 
ATOM   306  C  C   . LEU A 1 39  ? 5.693   2.232   -18.793 1.00 24.88 ? 39  LEU A C   1 
ATOM   307  O  O   . LEU A 1 39  ? 4.735   2.976   -18.581 1.00 24.26 ? 39  LEU A O   1 
ATOM   308  C  CB  . LEU A 1 39  ? 6.593   0.619   -17.136 1.00 28.60 ? 39  LEU A CB  1 
ATOM   309  C  CG  . LEU A 1 39  ? 6.424   -0.512  -16.115 1.00 26.98 ? 39  LEU A CG  1 
ATOM   310  C  CD1 . LEU A 1 39  ? 4.945   -0.758  -15.870 1.00 28.17 ? 39  LEU A CD1 1 
ATOM   311  C  CD2 . LEU A 1 39  ? 7.091   -1.770  -16.608 1.00 32.36 ? 39  LEU A CD2 1 
ATOM   312  N  N   . SER A 1 40  ? 6.803   2.622   -19.411 1.00 26.47 ? 40  SER A N   1 
ATOM   313  C  CA  . SER A 1 40  ? 7.003   3.983   -19.898 1.00 27.93 ? 40  SER A CA  1 
ATOM   314  C  C   . SER A 1 40  ? 5.843   4.490   -20.747 1.00 28.66 ? 40  SER A C   1 
ATOM   315  O  O   . SER A 1 40  ? 5.288   5.557   -20.478 1.00 29.50 ? 40  SER A O   1 
ATOM   316  C  CB  . SER A 1 40  ? 8.297   4.061   -20.712 1.00 25.11 ? 40  SER A CB  1 
ATOM   317  O  OG  . SER A 1 40  ? 8.428   5.329   -21.327 1.00 24.41 ? 40  SER A OG  1 
ATOM   318  N  N   . GLU A 1 41  ? 5.482   3.723   -21.770 1.00 27.62 ? 41  GLU A N   1 
ATOM   319  C  CA  . GLU A 1 41  ? 4.394   4.106   -22.661 1.00 31.77 ? 41  GLU A CA  1 
ATOM   320  C  C   . GLU A 1 41  ? 3.062   4.294   -21.927 1.00 30.41 ? 41  GLU A C   1 
ATOM   321  O  O   . GLU A 1 41  ? 2.309   5.226   -22.208 1.00 31.54 ? 41  GLU A O   1 
ATOM   322  C  CB  . GLU A 1 41  ? 4.240   3.059   -23.765 1.00 32.61 ? 41  GLU A CB  1 
ATOM   323  C  CG  . GLU A 1 41  ? 3.524   3.568   -24.999 1.00 40.34 ? 41  GLU A CG  1 
ATOM   324  C  CD  . GLU A 1 41  ? 4.136   4.856   -25.531 1.00 48.33 ? 41  GLU A CD  1 
ATOM   325  O  OE1 . GLU A 1 41  ? 5.382   4.948   -25.588 1.00 44.79 ? 41  GLU A OE1 1 
ATOM   326  O  OE2 . GLU A 1 41  ? 3.371   5.777   -25.899 1.00 48.13 ? 41  GLU A OE2 1 
ATOM   327  N  N   . ILE A 1 42  ? 2.779   3.410   -20.978 1.00 28.41 ? 42  ILE A N   1 
ATOM   328  C  CA  . ILE A 1 42  ? 1.539   3.478   -20.215 1.00 28.77 ? 42  ILE A CA  1 
ATOM   329  C  C   . ILE A 1 42  ? 1.507   4.604   -19.180 1.00 28.19 ? 42  ILE A C   1 
ATOM   330  O  O   . ILE A 1 42  ? 0.499   5.293   -19.030 1.00 29.68 ? 42  ILE A O   1 
ATOM   331  C  CB  . ILE A 1 42  ? 1.274   2.133   -19.495 1.00 27.04 ? 42  ILE A CB  1 
ATOM   332  C  CG1 . ILE A 1 42  ? 1.039   1.032   -20.537 1.00 24.36 ? 42  ILE A CG1 1 
ATOM   333  C  CG2 . ILE A 1 42  ? 0.081   2.265   -18.560 1.00 25.99 ? 42  ILE A CG2 1 
ATOM   334  C  CD1 . ILE A 1 42  ? 1.090   -0.381  -19.981 1.00 20.27 ? 42  ILE A CD1 1 
ATOM   335  N  N   . LEU A 1 43  ? 2.617   4.789   -18.475 1.00 26.66 ? 43  LEU A N   1 
ATOM   336  C  CA  . LEU A 1 43  ? 2.719   5.805   -17.432 1.00 22.16 ? 43  LEU A CA  1 
ATOM   337  C  C   . LEU A 1 43  ? 3.047   7.206   -17.918 1.00 22.76 ? 43  LEU A C   1 
ATOM   338  O  O   . LEU A 1 43  ? 3.097   8.145   -17.120 1.00 19.17 ? 43  LEU A O   1 
ATOM   339  C  CB  . LEU A 1 43  ? 3.767   5.376   -16.398 1.00 22.10 ? 43  LEU A CB  1 
ATOM   340  C  CG  . LEU A 1 43  ? 3.278   4.674   -15.131 1.00 22.50 ? 43  LEU A CG  1 
ATOM   341  C  CD1 . LEU A 1 43  ? 2.000   3.916   -15.404 1.00 24.26 ? 43  LEU A CD1 1 
ATOM   342  C  CD2 . LEU A 1 43  ? 4.366   3.752   -14.620 1.00 21.93 ? 43  LEU A CD2 1 
ATOM   343  N  N   . GLY A 1 44  ? 3.274   7.355   -19.217 1.00 21.92 ? 44  GLY A N   1 
ATOM   344  C  CA  . GLY A 1 44  ? 3.598   8.669   -19.737 1.00 16.56 ? 44  GLY A CA  1 
ATOM   345  C  C   . GLY A 1 44  ? 4.877   9.190   -19.116 1.00 23.47 ? 44  GLY A C   1 
ATOM   346  O  O   . GLY A 1 44  ? 5.110   10.398  -19.060 1.00 25.45 ? 44  GLY A O   1 
ATOM   347  N  N   . LYS A 1 45  ? 5.701   8.272   -18.625 1.00 24.83 ? 45  LYS A N   1 
ATOM   348  C  CA  . LYS A 1 45  ? 6.976   8.635   -18.025 1.00 23.96 ? 45  LYS A CA  1 
ATOM   349  C  C   . LYS A 1 45  ? 8.114   8.187   -18.930 1.00 24.56 ? 45  LYS A C   1 
ATOM   350  O  O   . LYS A 1 45  ? 8.009   7.195   -19.652 1.00 24.96 ? 45  LYS A O   1 
ATOM   351  C  CB  . LYS A 1 45  ? 7.131   8.004   -16.635 1.00 22.91 ? 45  LYS A CB  1 
ATOM   352  C  CG  . LYS A 1 45  ? 6.896   8.978   -15.481 1.00 24.32 ? 45  LYS A CG  1 
ATOM   353  C  CD  . LYS A 1 45  ? 5.490   9.549   -15.520 1.00 30.20 ? 45  LYS A CD  1 
ATOM   354  C  CE  . LYS A 1 45  ? 5.372   10.816  -14.688 1.00 33.58 ? 45  LYS A CE  1 
ATOM   355  N  NZ  . LYS A 1 45  ? 5.721   10.593  -13.265 1.00 38.07 ? 45  LYS A NZ  1 
ATOM   356  N  N   . THR A 1 46  ? 9.201   8.942   -18.888 1.00 23.30 ? 46  THR A N   1 
ATOM   357  C  CA  . THR A 1 46  ? 10.380  8.659   -19.689 1.00 24.74 ? 46  THR A CA  1 
ATOM   358  C  C   . THR A 1 46  ? 11.036  7.319   -19.336 1.00 25.58 ? 46  THR A C   1 
ATOM   359  O  O   . THR A 1 46  ? 10.972  6.860   -18.197 1.00 24.95 ? 46  THR A O   1 
ATOM   360  C  CB  . THR A 1 46  ? 11.394  9.809   -19.527 1.00 25.26 ? 46  THR A CB  1 
ATOM   361  O  OG1 . THR A 1 46  ? 11.048  10.878  -20.416 1.00 25.28 ? 46  THR A OG1 1 
ATOM   362  C  CG2 . THR A 1 46  ? 12.783  9.341   -19.795 1.00 32.11 ? 46  THR A CG2 1 
ATOM   363  N  N   . PRO A 1 47  ? 11.652  6.659   -20.328 1.00 26.94 ? 47  PRO A N   1 
ATOM   364  C  CA  . PRO A 1 47  ? 12.306  5.374   -20.073 1.00 25.99 ? 47  PRO A CA  1 
ATOM   365  C  C   . PRO A 1 47  ? 13.401  5.427   -19.009 1.00 26.46 ? 47  PRO A C   1 
ATOM   366  O  O   . PRO A 1 47  ? 13.484  4.530   -18.168 1.00 24.98 ? 47  PRO A O   1 
ATOM   367  C  CB  . PRO A 1 47  ? 12.837  4.984   -21.450 1.00 26.00 ? 47  PRO A CB  1 
ATOM   368  C  CG  . PRO A 1 47  ? 11.751  5.505   -22.357 1.00 23.62 ? 47  PRO A CG  1 
ATOM   369  C  CD  . PRO A 1 47  ? 11.501  6.888   -21.778 1.00 27.00 ? 47  PRO A CD  1 
ATOM   370  N  N   . GLN A 1 48  ? 14.236  6.464   -19.035 1.00 26.70 ? 48  GLN A N   1 
ATOM   371  C  CA  . GLN A 1 48  ? 15.304  6.570   -18.041 1.00 27.77 ? 48  GLN A CA  1 
ATOM   372  C  C   . GLN A 1 48  ? 14.743  6.716   -16.634 1.00 25.20 ? 48  GLN A C   1 
ATOM   373  O  O   . GLN A 1 48  ? 15.277  6.132   -15.691 1.00 24.99 ? 48  GLN A O   1 
ATOM   374  C  CB  . GLN A 1 48  ? 16.243  7.748   -18.338 1.00 29.37 ? 48  GLN A CB  1 
ATOM   375  C  CG  . GLN A 1 48  ? 15.691  8.774   -19.306 1.00 35.62 ? 48  GLN A CG  1 
ATOM   376  C  CD  . GLN A 1 48  ? 16.059  10.197  -18.932 1.00 43.35 ? 48  GLN A CD  1 
ATOM   377  O  OE1 . GLN A 1 48  ? 17.239  10.536  -18.799 1.00 45.12 ? 48  GLN A OE1 1 
ATOM   378  N  NE2 . GLN A 1 48  ? 15.046  11.039  -18.756 1.00 46.56 ? 48  GLN A NE2 1 
ATOM   379  N  N   . THR A 1 49  ? 13.672  7.492   -16.486 1.00 22.43 ? 49  THR A N   1 
ATOM   380  C  CA  . THR A 1 49  ? 13.068  7.677   -15.169 1.00 24.70 ? 49  THR A CA  1 
ATOM   381  C  C   . THR A 1 49  ? 12.472  6.373   -14.635 1.00 23.86 ? 49  THR A C   1 
ATOM   382  O  O   . THR A 1 49  ? 12.668  6.038   -13.469 1.00 26.01 ? 49  THR A O   1 
ATOM   383  C  CB  . THR A 1 49  ? 11.984  8.787   -15.174 1.00 23.64 ? 49  THR A CB  1 
ATOM   384  O  OG1 . THR A 1 49  ? 10.925  8.435   -14.280 1.00 24.20 ? 49  THR A OG1 1 
ATOM   385  C  CG2 . THR A 1 49  ? 11.422  8.986   -16.547 1.00 32.12 ? 49  THR A CG2 1 
ATOM   386  N  N   . ILE A 1 50  ? 11.757  5.634   -15.480 1.00 23.94 ? 50  ILE A N   1 
ATOM   387  C  CA  . ILE A 1 50  ? 11.177  4.362   -15.052 1.00 22.80 ? 50  ILE A CA  1 
ATOM   388  C  C   . ILE A 1 50  ? 12.309  3.409   -14.664 1.00 23.35 ? 50  ILE A C   1 
ATOM   389  O  O   . ILE A 1 50  ? 12.200  2.656   -13.692 1.00 18.95 ? 50  ILE A O   1 
ATOM   390  C  CB  . ILE A 1 50  ? 10.341  3.708   -16.171 1.00 21.43 ? 50  ILE A CB  1 
ATOM   391  C  CG1 . ILE A 1 50  ? 9.118   4.572   -16.488 1.00 24.78 ? 50  ILE A CG1 1 
ATOM   392  C  CG2 . ILE A 1 50  ? 9.899   2.315   -15.745 1.00 21.40 ? 50  ILE A CG2 1 
ATOM   393  C  CD1 . ILE A 1 50  ? 8.191   4.799   -15.298 1.00 23.76 ? 50  ILE A CD1 1 
ATOM   394  N  N   . TYR A 1 51  ? 13.391  3.458   -15.435 1.00 21.08 ? 51  TYR A N   1 
ATOM   395  C  CA  . TYR A 1 51  ? 14.564  2.626   -15.193 1.00 18.21 ? 51  TYR A CA  1 
ATOM   396  C  C   . TYR A 1 51  ? 15.047  2.792   -13.754 1.00 21.78 ? 51  TYR A C   1 
ATOM   397  O  O   . TYR A 1 51  ? 15.368  1.809   -13.080 1.00 18.97 ? 51  TYR A O   1 
ATOM   398  C  CB  . TYR A 1 51  ? 15.691  3.022   -16.153 1.00 17.90 ? 51  TYR A CB  1 
ATOM   399  C  CG  . TYR A 1 51  ? 17.039  2.462   -15.766 1.00 16.29 ? 51  TYR A CG  1 
ATOM   400  C  CD1 . TYR A 1 51  ? 17.392  1.153   -16.080 1.00 17.55 ? 51  TYR A CD1 1 
ATOM   401  C  CD2 . TYR A 1 51  ? 17.943  3.232   -15.037 1.00 17.62 ? 51  TYR A CD2 1 
ATOM   402  C  CE1 . TYR A 1 51  ? 18.615  0.621   -15.671 1.00 18.62 ? 51  TYR A CE1 1 
ATOM   403  C  CE2 . TYR A 1 51  ? 19.164  2.709   -14.622 1.00 17.46 ? 51  TYR A CE2 1 
ATOM   404  C  CZ  . TYR A 1 51  ? 19.492  1.406   -14.942 1.00 17.52 ? 51  TYR A CZ  1 
ATOM   405  O  OH  . TYR A 1 51  ? 20.698  0.890   -14.527 1.00 24.38 ? 51  TYR A OH  1 
ATOM   406  N  N   . HIS A 1 52  ? 15.108  4.039   -13.293 1.00 22.85 ? 52  HIS A N   1 
ATOM   407  C  CA  . HIS A 1 52  ? 15.556  4.328   -11.936 1.00 25.14 ? 52  HIS A CA  1 
ATOM   408  C  C   . HIS A 1 52  ? 14.547  3.844   -10.903 1.00 24.26 ? 52  HIS A C   1 
ATOM   409  O  O   . HIS A 1 52  ? 14.928  3.333   -9.849  1.00 23.92 ? 52  HIS A O   1 
ATOM   410  C  CB  . HIS A 1 52  ? 15.799  5.829   -11.759 1.00 26.77 ? 52  HIS A CB  1 
ATOM   411  C  CG  . HIS A 1 52  ? 17.041  6.319   -12.430 1.00 30.41 ? 52  HIS A CG  1 
ATOM   412  N  ND1 . HIS A 1 52  ? 17.017  7.210   -13.480 1.00 37.72 ? 52  HIS A ND1 1 
ATOM   413  C  CD2 . HIS A 1 52  ? 18.347  6.045   -12.196 1.00 26.99 ? 52  HIS A CD2 1 
ATOM   414  C  CE1 . HIS A 1 52  ? 18.255  7.465   -13.865 1.00 29.95 ? 52  HIS A CE1 1 
ATOM   415  N  NE2 . HIS A 1 52  ? 19.080  6.770   -13.103 1.00 29.61 ? 52  HIS A NE2 1 
ATOM   416  N  N   . HIS A 1 53  ? 13.262  4.015   -11.202 1.00 20.64 ? 53  HIS A N   1 
ATOM   417  C  CA  . HIS A 1 53  ? 12.214  3.565   -10.289 1.00 23.10 ? 53  HIS A CA  1 
ATOM   418  C  C   . HIS A 1 53  ? 12.285  2.049   -10.135 1.00 21.79 ? 53  HIS A C   1 
ATOM   419  O  O   . HIS A 1 53  ? 12.301  1.530   -9.015  1.00 19.67 ? 53  HIS A O   1 
ATOM   420  C  CB  . HIS A 1 53  ? 10.830  3.957   -10.816 1.00 24.53 ? 53  HIS A CB  1 
ATOM   421  C  CG  . HIS A 1 53  ? 10.511  5.410   -10.650 1.00 25.47 ? 53  HIS A CG  1 
ATOM   422  N  ND1 . HIS A 1 53  ? 10.726  6.088   -9.471  1.00 30.69 ? 53  HIS A ND1 1 
ATOM   423  C  CD2 . HIS A 1 53  ? 9.973   6.308   -11.509 1.00 25.90 ? 53  HIS A CD2 1 
ATOM   424  C  CE1 . HIS A 1 53  ? 10.333  7.342   -9.607  1.00 34.84 ? 53  HIS A CE1 1 
ATOM   425  N  NE2 . HIS A 1 53  ? 9.872   7.501   -10.835 1.00 27.18 ? 53  HIS A NE2 1 
ATOM   426  N  N   . ILE A 1 54  ? 12.325  1.350   -11.268 1.00 20.10 ? 54  ILE A N   1 
ATOM   427  C  CA  . ILE A 1 54  ? 12.404  -0.103  -11.280 1.00 17.50 ? 54  ILE A CA  1 
ATOM   428  C  C   . ILE A 1 54  ? 13.645  -0.564  -10.535 1.00 20.54 ? 54  ILE A C   1 
ATOM   429  O  O   . ILE A 1 54  ? 13.599  -1.536  -9.780  1.00 20.64 ? 54  ILE A O   1 
ATOM   430  C  CB  . ILE A 1 54  ? 12.444  -0.641  -12.726 1.00 17.42 ? 54  ILE A CB  1 
ATOM   431  C  CG1 . ILE A 1 54  ? 11.029  -0.635  -13.316 1.00 15.72 ? 54  ILE A CG1 1 
ATOM   432  C  CG2 . ILE A 1 54  ? 13.029  -2.046  -12.752 1.00 14.45 ? 54  ILE A CG2 1 
ATOM   433  C  CD1 . ILE A 1 54  ? 10.088  -1.655  -12.684 1.00 14.70 ? 54  ILE A CD1 1 
ATOM   434  N  N   . GLU A 1 55  ? 14.755  0.137   -10.752 1.00 23.34 ? 55  GLU A N   1 
ATOM   435  C  CA  . GLU A 1 55  ? 16.009  -0.190  -10.076 1.00 24.34 ? 55  GLU A CA  1 
ATOM   436  C  C   . GLU A 1 55  ? 15.787  -0.125  -8.572  1.00 23.17 ? 55  GLU A C   1 
ATOM   437  O  O   . GLU A 1 55  ? 16.195  -1.023  -7.835  1.00 21.74 ? 55  GLU A O   1 
ATOM   438  C  CB  . GLU A 1 55  ? 17.109  0.802   -10.477 1.00 28.91 ? 55  GLU A CB  1 
ATOM   439  C  CG  . GLU A 1 55  ? 17.787  0.497   -11.806 1.00 32.43 ? 55  GLU A CG  1 
ATOM   440  C  CD  . GLU A 1 55  ? 18.673  -0.739  -11.741 1.00 40.92 ? 55  GLU A CD  1 
ATOM   441  O  OE1 . GLU A 1 55  ? 19.566  -0.775  -10.865 1.00 41.80 ? 55  GLU A OE1 1 
ATOM   442  O  OE2 . GLU A 1 55  ? 18.484  -1.667  -12.560 1.00 36.21 ? 55  GLU A OE2 1 
ATOM   443  N  N   . LYS A 1 56  ? 15.137  0.946   -8.126  1.00 25.00 ? 56  LYS A N   1 
ATOM   444  C  CA  . LYS A 1 56  ? 14.839  1.137   -6.710  1.00 27.52 ? 56  LYS A CA  1 
ATOM   445  C  C   . LYS A 1 56  ? 13.949  0.012   -6.187  1.00 25.81 ? 56  LYS A C   1 
ATOM   446  O  O   . LYS A 1 56  ? 14.218  -0.567  -5.138  1.00 26.31 ? 56  LYS A O   1 
ATOM   447  C  CB  . LYS A 1 56  ? 14.130  2.477   -6.488  1.00 33.83 ? 56  LYS A CB  1 
ATOM   448  C  CG  . LYS A 1 56  ? 15.010  3.602   -5.956  1.00 33.77 ? 56  LYS A CG  1 
ATOM   449  C  CD  . LYS A 1 56  ? 15.981  4.126   -6.996  1.00 39.46 ? 56  LYS A CD  1 
ATOM   450  C  CE  . LYS A 1 56  ? 16.761  5.317   -6.449  1.00 45.28 ? 56  LYS A CE  1 
ATOM   451  N  NZ  . LYS A 1 56  ? 17.676  5.919   -7.462  1.00 50.64 ? 56  LYS A NZ  1 
ATOM   452  N  N   . LEU A 1 57  ? 12.882  -0.284  -6.919  1.00 24.29 ? 57  LEU A N   1 
ATOM   453  C  CA  . LEU A 1 57  ? 11.954  -1.339  -6.530  1.00 24.31 ? 57  LEU A CA  1 
ATOM   454  C  C   . LEU A 1 57  ? 12.645  -2.694  -6.505  1.00 22.94 ? 57  LEU A C   1 
ATOM   455  O  O   . LEU A 1 57  ? 12.356  -3.536  -5.654  1.00 20.67 ? 57  LEU A O   1 
ATOM   456  C  CB  . LEU A 1 57  ? 10.769  -1.376  -7.496  1.00 27.36 ? 57  LEU A CB  1 
ATOM   457  C  CG  . LEU A 1 57  ? 9.851   -0.158  -7.390  1.00 27.36 ? 57  LEU A CG  1 
ATOM   458  C  CD1 . LEU A 1 57  ? 8.873   -0.130  -8.553  1.00 28.21 ? 57  LEU A CD1 1 
ATOM   459  C  CD2 . LEU A 1 57  ? 9.119   -0.208  -6.057  1.00 22.35 ? 57  LEU A CD2 1 
ATOM   460  N  N   . LYS A 1 58  ? 13.561  -2.894  -7.446  1.00 21.75 ? 58  LYS A N   1 
ATOM   461  C  CA  . LYS A 1 58  ? 14.315  -4.138  -7.532  1.00 25.23 ? 58  LYS A CA  1 
ATOM   462  C  C   . LYS A 1 58  ? 15.196  -4.249  -6.288  1.00 25.46 ? 58  LYS A C   1 
ATOM   463  O  O   . LYS A 1 58  ? 15.218  -5.276  -5.609  1.00 23.67 ? 58  LYS A O   1 
ATOM   464  C  CB  . LYS A 1 58  ? 15.174  -4.121  -8.796  1.00 28.89 ? 58  LYS A CB  1 
ATOM   465  C  CG  . LYS A 1 58  ? 15.938  -5.407  -9.084  1.00 35.20 ? 58  LYS A CG  1 
ATOM   466  C  CD  . LYS A 1 58  ? 16.758  -5.246  -10.361 1.00 37.02 ? 58  LYS A CD  1 
ATOM   467  C  CE  . LYS A 1 58  ? 17.468  -6.532  -10.761 1.00 43.73 ? 58  LYS A CE  1 
ATOM   468  N  NZ  . LYS A 1 58  ? 18.196  -6.365  -12.057 1.00 39.45 ? 58  LYS A NZ  1 
ATOM   469  N  N   . GLU A 1 59  ? 15.902  -3.165  -5.985  1.00 27.97 ? 59  GLU A N   1 
ATOM   470  C  CA  . GLU A 1 59  ? 16.787  -3.109  -4.828  1.00 29.98 ? 59  GLU A CA  1 
ATOM   471  C  C   . GLU A 1 59  ? 16.005  -3.255  -3.518  1.00 28.71 ? 59  GLU A C   1 
ATOM   472  O  O   . GLU A 1 59  ? 16.560  -3.667  -2.496  1.00 27.75 ? 59  GLU A O   1 
ATOM   473  C  CB  . GLU A 1 59  ? 17.553  -1.781  -4.828  1.00 32.39 ? 59  GLU A CB  1 
ATOM   474  C  CG  . GLU A 1 59  ? 18.511  -1.614  -3.661  1.00 39.58 ? 59  GLU A CG  1 
ATOM   475  C  CD  . GLU A 1 59  ? 19.091  -0.210  -3.568  1.00 46.73 ? 59  GLU A CD  1 
ATOM   476  O  OE1 . GLU A 1 59  ? 18.780  0.621   -4.448  1.00 47.91 ? 59  GLU A OE1 1 
ATOM   477  O  OE2 . GLU A 1 59  ? 19.855  0.064   -2.617  1.00 49.09 ? 59  GLU A OE2 1 
ATOM   478  N  N   . ALA A 1 60  ? 14.718  -2.917  -3.554  1.00 24.18 ? 60  ALA A N   1 
ATOM   479  C  CA  . ALA A 1 60  ? 13.866  -3.008  -2.373  1.00 21.38 ? 60  ALA A CA  1 
ATOM   480  C  C   . ALA A 1 60  ? 13.173  -4.369  -2.273  1.00 24.03 ? 60  ALA A C   1 
ATOM   481  O  O   . ALA A 1 60  ? 12.375  -4.601  -1.365  1.00 27.09 ? 60  ALA A O   1 
ATOM   482  C  CB  . ALA A 1 60  ? 12.822  -1.893  -2.396  1.00 17.04 ? 60  ALA A CB  1 
ATOM   483  N  N   . GLY A 1 61  ? 13.481  -5.263  -3.209  1.00 24.83 ? 61  GLY A N   1 
ATOM   484  C  CA  . GLY A 1 61  ? 12.877  -6.582  -3.203  1.00 16.81 ? 61  GLY A CA  1 
ATOM   485  C  C   . GLY A 1 61  ? 11.415  -6.577  -3.620  1.00 19.95 ? 61  GLY A C   1 
ATOM   486  O  O   . GLY A 1 61  ? 10.726  -7.586  -3.482  1.00 20.14 ? 61  GLY A O   1 
ATOM   487  N  N   . LEU A 1 62  ? 10.935  -5.449  -4.139  1.00 18.45 ? 62  LEU A N   1 
ATOM   488  C  CA  . LEU A 1 62  ? 9.540   -5.348  -4.560  1.00 19.45 ? 62  LEU A CA  1 
ATOM   489  C  C   . LEU A 1 62  ? 9.278   -5.896  -5.960  1.00 20.05 ? 62  LEU A C   1 
ATOM   490  O  O   . LEU A 1 62  ? 8.163   -6.326  -6.263  1.00 24.37 ? 62  LEU A O   1 
ATOM   491  C  CB  . LEU A 1 62  ? 9.066   -3.899  -4.463  1.00 21.89 ? 62  LEU A CB  1 
ATOM   492  C  CG  . LEU A 1 62  ? 9.033   -3.364  -3.028  1.00 24.36 ? 62  LEU A CG  1 
ATOM   493  C  CD1 . LEU A 1 62  ? 8.513   -1.941  -3.023  1.00 28.51 ? 62  LEU A CD1 1 
ATOM   494  C  CD2 . LEU A 1 62  ? 8.153   -4.262  -2.169  1.00 19.32 ? 62  LEU A CD2 1 
ATOM   495  N  N   . VAL A 1 63  ? 10.300  -5.876  -6.808  1.00 17.48 ? 63  VAL A N   1 
ATOM   496  C  CA  . VAL A 1 63  ? 10.186  -6.405  -8.161  1.00 19.47 ? 63  VAL A CA  1 
ATOM   497  C  C   . VAL A 1 63  ? 11.424  -7.231  -8.478  1.00 21.25 ? 63  VAL A C   1 
ATOM   498  O  O   . VAL A 1 63  ? 12.449  -7.129  -7.798  1.00 20.01 ? 63  VAL A O   1 
ATOM   499  C  CB  . VAL A 1 63  ? 10.061  -5.286  -9.236  1.00 23.86 ? 63  VAL A CB  1 
ATOM   500  C  CG1 . VAL A 1 63  ? 8.784   -4.489  -9.026  1.00 21.77 ? 63  VAL A CG1 1 
ATOM   501  C  CG2 . VAL A 1 63  ? 11.280  -4.380  -9.190  1.00 25.16 ? 63  VAL A CG2 1 
ATOM   502  N  N   . GLU A 1 64  ? 11.323  -8.057  -9.510  1.00 20.65 ? 64  GLU A N   1 
ATOM   503  C  CA  . GLU A 1 64  ? 12.435  -8.896  -9.919  1.00 20.24 ? 64  GLU A CA  1 
ATOM   504  C  C   . GLU A 1 64  ? 12.334  -9.156  -11.415 1.00 21.27 ? 64  GLU A C   1 
ATOM   505  O  O   . GLU A 1 64  ? 11.274  -8.978  -12.017 1.00 20.89 ? 64  GLU A O   1 
ATOM   506  C  CB  . GLU A 1 64  ? 12.403  -10.224 -9.158  1.00 24.95 ? 64  GLU A CB  1 
ATOM   507  C  CG  . GLU A 1 64  ? 11.134  -11.042 -9.398  1.00 27.92 ? 64  GLU A CG  1 
ATOM   508  C  CD  . GLU A 1 64  ? 11.154  -12.396 -8.701  1.00 31.21 ? 64  GLU A CD  1 
ATOM   509  O  OE1 . GLU A 1 64  ? 12.052  -12.620 -7.865  1.00 36.14 ? 64  GLU A OE1 1 
ATOM   510  O  OE2 . GLU A 1 64  ? 10.272  -13.236 -8.979  1.00 33.07 ? 64  GLU A OE2 1 
ATOM   511  N  N   . VAL A 1 65  ? 13.441  -9.570  -12.014 1.00 22.56 ? 65  VAL A N   1 
ATOM   512  C  CA  . VAL A 1 65  ? 13.456  -9.866  -13.437 1.00 20.44 ? 65  VAL A CA  1 
ATOM   513  C  C   . VAL A 1 65  ? 12.897  -11.266 -13.637 1.00 21.70 ? 65  VAL A C   1 
ATOM   514  O  O   . VAL A 1 65  ? 13.447  -12.238 -13.129 1.00 20.38 ? 65  VAL A O   1 
ATOM   515  C  CB  . VAL A 1 65  ? 14.885  -9.803  -13.999 1.00 23.59 ? 65  VAL A CB  1 
ATOM   516  C  CG1 . VAL A 1 65  ? 14.873  -10.133 -15.489 1.00 23.39 ? 65  VAL A CG1 1 
ATOM   517  C  CG2 . VAL A 1 65  ? 15.475  -8.419  -13.751 1.00 8.96  ? 65  VAL A CG2 1 
ATOM   518  N  N   . LYS A 1 66  ? 11.792  -11.359 -14.369 1.00 26.85 ? 66  LYS A N   1 
ATOM   519  C  CA  . LYS A 1 66  ? 11.141  -12.639 -14.630 1.00 29.23 ? 66  LYS A CA  1 
ATOM   520  C  C   . LYS A 1 66  ? 11.720  -13.344 -15.853 1.00 34.28 ? 66  LYS A C   1 
ATOM   521  O  O   . LYS A 1 66  ? 11.665  -14.570 -15.962 1.00 41.45 ? 66  LYS A O   1 
ATOM   522  C  CB  . LYS A 1 66  ? 9.633   -12.429 -14.804 1.00 31.36 ? 66  LYS A CB  1 
ATOM   523  C  CG  . LYS A 1 66  ? 8.933   -11.965 -13.537 1.00 26.22 ? 66  LYS A CG  1 
ATOM   524  C  CD  . LYS A 1 66  ? 9.000   -13.036 -12.465 1.00 24.46 ? 66  LYS A CD  1 
ATOM   525  C  CE  . LYS A 1 66  ? 8.586   -12.496 -11.111 1.00 32.13 ? 66  LYS A CE  1 
ATOM   526  N  NZ  . LYS A 1 66  ? 7.242   -11.858 -11.122 1.00 39.37 ? 66  LYS A NZ  1 
ATOM   527  N  N   . ARG A 1 67  ? 12.271  -12.563 -16.774 1.00 31.58 ? 67  ARG A N   1 
ATOM   528  C  CA  . ARG A 1 67  ? 12.882  -13.103 -17.979 1.00 31.67 ? 67  ARG A CA  1 
ATOM   529  C  C   . ARG A 1 67  ? 13.383  -11.949 -18.830 1.00 33.10 ? 67  ARG A C   1 
ATOM   530  O  O   . ARG A 1 67  ? 12.945  -10.811 -18.665 1.00 33.66 ? 67  ARG A O   1 
ATOM   531  C  CB  . ARG A 1 67  ? 11.876  -13.939 -18.783 1.00 32.01 ? 67  ARG A CB  1 
ATOM   532  C  CG  . ARG A 1 67  ? 10.805  -13.127 -19.506 1.00 36.95 ? 67  ARG A CG  1 
ATOM   533  C  CD  . ARG A 1 67  ? 10.046  -13.988 -20.511 1.00 29.06 ? 67  ARG A CD  1 
ATOM   534  N  NE  . ARG A 1 67  ? 9.141   -13.206 -21.351 1.00 32.17 ? 67  ARG A NE  1 
ATOM   535  C  CZ  . ARG A 1 67  ? 8.063   -12.566 -20.905 1.00 34.55 ? 67  ARG A CZ  1 
ATOM   536  N  NH1 . ARG A 1 67  ? 7.746   -12.611 -19.620 1.00 34.08 ? 67  ARG A NH1 1 
ATOM   537  N  NH2 . ARG A 1 67  ? 7.299   -11.880 -21.745 1.00 32.68 ? 67  ARG A NH2 1 
ATOM   538  N  N   . THR A 1 68  ? 14.315  -12.240 -19.727 1.00 32.78 ? 68  THR A N   1 
ATOM   539  C  CA  . THR A 1 68  ? 14.854  -11.220 -20.610 1.00 35.37 ? 68  THR A CA  1 
ATOM   540  C  C   . THR A 1 68  ? 14.554  -11.633 -22.042 1.00 35.13 ? 68  THR A C   1 
ATOM   541  O  O   . THR A 1 68  ? 14.328  -12.809 -22.326 1.00 33.98 ? 68  THR A O   1 
ATOM   542  C  CB  . THR A 1 68  ? 16.374  -11.066 -20.445 1.00 35.96 ? 68  THR A CB  1 
ATOM   543  O  OG1 . THR A 1 68  ? 17.027  -12.253 -20.907 1.00 35.14 ? 68  THR A OG1 1 
ATOM   544  C  CG2 . THR A 1 68  ? 16.727  -10.827 -18.983 1.00 34.55 ? 68  THR A CG2 1 
ATOM   545  N  N   . GLU A 1 69  ? 14.541  -10.661 -22.943 1.00 34.76 ? 69  GLU A N   1 
ATOM   546  C  CA  . GLU A 1 69  ? 14.263  -10.948 -24.338 1.00 34.74 ? 69  GLU A CA  1 
ATOM   547  C  C   . GLU A 1 69  ? 14.977  -9.983  -25.270 1.00 34.07 ? 69  GLU A C   1 
ATOM   548  O  O   . GLU A 1 69  ? 15.043  -8.783  -25.006 1.00 35.28 ? 69  GLU A O   1 
ATOM   549  C  CB  . GLU A 1 69  ? 12.753  -10.893 -24.603 1.00 33.38 ? 69  GLU A CB  1 
ATOM   550  C  CG  . GLU A 1 69  ? 12.400  -11.048 -26.074 1.00 40.47 ? 69  GLU A CG  1 
ATOM   551  C  CD  . GLU A 1 69  ? 10.909  -11.054 -26.345 1.00 42.39 ? 69  GLU A CD  1 
ATOM   552  O  OE1 . GLU A 1 69  ? 10.146  -10.646 -25.441 1.00 33.17 ? 69  GLU A OE1 1 
ATOM   553  O  OE2 . GLU A 1 69  ? 10.496  -11.454 -27.454 1.00 42.87 ? 69  GLU A OE2 1 
HETATM 554  N  N   . MSE A 1 70  ? 15.518  -10.527 -26.356 1.00 32.53 ? 70  MSE A N   1 
HETATM 555  C  CA  . MSE A 1 70  ? 16.223  -9.750  -27.369 1.00 32.23 ? 70  MSE A CA  1 
HETATM 556  C  C   . MSE A 1 70  ? 15.181  -9.092  -28.269 1.00 32.46 ? 70  MSE A C   1 
HETATM 557  O  O   . MSE A 1 70  ? 14.828  -9.628  -29.318 1.00 32.99 ? 70  MSE A O   1 
HETATM 558  C  CB  . MSE A 1 70  ? 17.116  -10.683 -28.195 1.00 33.20 ? 70  MSE A CB  1 
HETATM 559  C  CG  . MSE A 1 70  ? 17.708  -10.074 -29.458 1.00 41.52 ? 70  MSE A CG  1 
HETATM 560  SE SE  . MSE A 1 70  ? 19.370  -9.432  -29.249 1.00 52.03 ? 70  MSE A SE  1 
HETATM 561  C  CE  . MSE A 1 70  ? 19.019  -7.687  -28.964 1.00 39.30 ? 70  MSE A CE  1 
ATOM   562  N  N   . LYS A 1 71  ? 14.675  -7.936  -27.852 1.00 34.13 ? 71  LYS A N   1 
ATOM   563  C  CA  . LYS A 1 71  ? 13.664  -7.233  -28.635 1.00 33.22 ? 71  LYS A CA  1 
ATOM   564  C  C   . LYS A 1 71  ? 14.280  -6.369  -29.715 1.00 33.09 ? 71  LYS A C   1 
ATOM   565  O  O   . LYS A 1 71  ? 14.374  -5.149  -29.574 1.00 35.10 ? 71  LYS A O   1 
ATOM   566  C  CB  . LYS A 1 71  ? 12.785  -6.365  -27.736 1.00 29.63 ? 71  LYS A CB  1 
ATOM   567  C  CG  . LYS A 1 71  ? 11.824  -7.148  -26.874 1.00 28.54 ? 71  LYS A CG  1 
ATOM   568  C  CD  . LYS A 1 71  ? 10.616  -6.296  -26.534 1.00 31.68 ? 71  LYS A CD  1 
ATOM   569  C  CE  . LYS A 1 71  ? 9.614   -7.069  -25.711 1.00 26.42 ? 71  LYS A CE  1 
ATOM   570  N  NZ  . LYS A 1 71  ? 8.393   -6.267  -25.431 1.00 34.99 ? 71  LYS A NZ  1 
ATOM   571  N  N   . GLY A 1 72  ? 14.695  -7.013  -30.798 1.00 34.67 ? 72  GLY A N   1 
ATOM   572  C  CA  . GLY A 1 72  ? 15.302  -6.289  -31.897 1.00 32.11 ? 72  GLY A CA  1 
ATOM   573  C  C   . GLY A 1 72  ? 16.752  -5.972  -31.617 1.00 31.29 ? 72  GLY A C   1 
ATOM   574  O  O   . GLY A 1 72  ? 17.590  -6.870  -31.565 1.00 33.20 ? 72  GLY A O   1 
ATOM   575  N  N   . ASN A 1 73  ? 17.042  -4.690  -31.424 1.00 31.69 ? 73  ASN A N   1 
ATOM   576  C  CA  . ASN A 1 73  ? 18.404  -4.240  -31.159 1.00 32.01 ? 73  ASN A CA  1 
ATOM   577  C  C   . ASN A 1 73  ? 18.601  -3.964  -29.680 1.00 31.78 ? 73  ASN A C   1 
ATOM   578  O  O   . ASN A 1 73  ? 19.648  -3.468  -29.270 1.00 34.83 ? 73  ASN A O   1 
ATOM   579  C  CB  . ASN A 1 73  ? 18.697  -2.964  -31.949 1.00 33.44 ? 73  ASN A CB  1 
ATOM   580  C  CG  . ASN A 1 73  ? 17.917  -1.766  -31.427 1.00 36.46 ? 73  ASN A CG  1 
ATOM   581  O  OD1 . ASN A 1 73  ? 16.860  -1.920  -30.814 1.00 33.66 ? 73  ASN A OD1 1 
ATOM   582  N  ND2 . ASN A 1 73  ? 18.432  -0.568  -31.673 1.00 36.09 ? 73  ASN A ND2 1 
ATOM   583  N  N   . LEU A 1 74  ? 17.591  -4.287  -28.881 1.00 32.60 ? 74  LEU A N   1 
ATOM   584  C  CA  . LEU A 1 74  ? 17.659  -4.052  -27.447 1.00 33.42 ? 74  LEU A CA  1 
ATOM   585  C  C   . LEU A 1 74  ? 17.215  -5.254  -26.615 1.00 34.20 ? 74  LEU A C   1 
ATOM   586  O  O   . LEU A 1 74  ? 16.109  -5.777  -26.790 1.00 32.15 ? 74  LEU A O   1 
ATOM   587  C  CB  . LEU A 1 74  ? 16.800  -2.839  -27.076 1.00 32.74 ? 74  LEU A CB  1 
ATOM   588  C  CG  . LEU A 1 74  ? 16.797  -2.458  -25.594 1.00 30.37 ? 74  LEU A CG  1 
ATOM   589  C  CD1 . LEU A 1 74  ? 18.141  -1.859  -25.231 1.00 32.58 ? 74  LEU A CD1 1 
ATOM   590  C  CD2 . LEU A 1 74  ? 15.687  -1.462  -25.316 1.00 29.51 ? 74  LEU A CD2 1 
ATOM   591  N  N   . VAL A 1 75  ? 18.092  -5.689  -25.715 1.00 30.98 ? 75  VAL A N   1 
ATOM   592  C  CA  . VAL A 1 75  ? 17.793  -6.800  -24.823 1.00 29.98 ? 75  VAL A CA  1 
ATOM   593  C  C   . VAL A 1 75  ? 17.084  -6.209  -23.608 1.00 30.58 ? 75  VAL A C   1 
ATOM   594  O  O   . VAL A 1 75  ? 17.675  -5.438  -22.853 1.00 30.59 ? 75  VAL A O   1 
ATOM   595  C  CB  . VAL A 1 75  ? 19.082  -7.504  -24.354 1.00 27.98 ? 75  VAL A CB  1 
ATOM   596  C  CG1 . VAL A 1 75  ? 18.753  -8.526  -23.276 1.00 24.98 ? 75  VAL A CG1 1 
ATOM   597  C  CG2 . VAL A 1 75  ? 19.765  -8.179  -25.533 1.00 25.72 ? 75  VAL A CG2 1 
ATOM   598  N  N   . GLU A 1 76  ? 15.817  -6.565  -23.422 1.00 29.61 ? 76  GLU A N   1 
ATOM   599  C  CA  . GLU A 1 76  ? 15.046  -6.048  -22.298 1.00 29.23 ? 76  GLU A CA  1 
ATOM   600  C  C   . GLU A 1 76  ? 14.681  -7.082  -21.249 1.00 29.22 ? 76  GLU A C   1 
ATOM   601  O  O   . GLU A 1 76  ? 14.597  -8.279  -21.523 1.00 30.03 ? 76  GLU A O   1 
ATOM   602  C  CB  . GLU A 1 76  ? 13.766  -5.372  -22.798 1.00 28.83 ? 76  GLU A CB  1 
ATOM   603  C  CG  . GLU A 1 76  ? 14.000  -4.029  -23.460 1.00 27.65 ? 76  GLU A CG  1 
ATOM   604  C  CD  . GLU A 1 76  ? 12.714  -3.266  -23.675 1.00 26.31 ? 76  GLU A CD  1 
ATOM   605  O  OE1 . GLU A 1 76  ? 11.925  -3.668  -24.553 1.00 26.84 ? 76  GLU A OE1 1 
ATOM   606  O  OE2 . GLU A 1 76  ? 12.488  -2.269  -22.958 1.00 34.19 ? 76  GLU A OE2 1 
ATOM   607  N  N   . LYS A 1 77  ? 14.458  -6.593  -20.034 1.00 29.24 ? 77  LYS A N   1 
ATOM   608  C  CA  . LYS A 1 77  ? 14.090  -7.443  -18.915 1.00 24.13 ? 77  LYS A CA  1 
ATOM   609  C  C   . LYS A 1 77  ? 12.612  -7.258  -18.617 1.00 24.05 ? 77  LYS A C   1 
ATOM   610  O  O   . LYS A 1 77  ? 12.086  -6.148  -18.710 1.00 26.14 ? 77  LYS A O   1 
ATOM   611  C  CB  . LYS A 1 77  ? 14.904  -7.057  -17.681 1.00 21.81 ? 77  LYS A CB  1 
ATOM   612  C  CG  . LYS A 1 77  ? 16.410  -7.105  -17.877 1.00 24.26 ? 77  LYS A CG  1 
ATOM   613  C  CD  . LYS A 1 77  ? 17.122  -6.401  -16.732 1.00 24.88 ? 77  LYS A CD  1 
ATOM   614  C  CE  . LYS A 1 77  ? 18.622  -6.346  -16.960 1.00 23.13 ? 77  LYS A CE  1 
ATOM   615  N  NZ  . LYS A 1 77  ? 19.317  -5.594  -15.877 1.00 25.09 ? 77  LYS A NZ  1 
ATOM   616  N  N   . TYR A 1 78  ? 11.938  -8.350  -18.276 1.00 25.53 ? 78  TYR A N   1 
ATOM   617  C  CA  . TYR A 1 78  ? 10.523  -8.285  -17.934 1.00 27.18 ? 78  TYR A CA  1 
ATOM   618  C  C   . TYR A 1 78  ? 10.427  -8.335  -16.423 1.00 26.87 ? 78  TYR A C   1 
ATOM   619  O  O   . TYR A 1 78  ? 10.884  -9.298  -15.807 1.00 29.84 ? 78  TYR A O   1 
ATOM   620  C  CB  . TYR A 1 78  ? 9.753   -9.463  -18.526 1.00 26.35 ? 78  TYR A CB  1 
ATOM   621  C  CG  . TYR A 1 78  ? 9.429   -9.311  -19.987 1.00 23.99 ? 78  TYR A CG  1 
ATOM   622  C  CD1 . TYR A 1 78  ? 10.386  -9.571  -20.968 1.00 25.86 ? 78  TYR A CD1 1 
ATOM   623  C  CD2 . TYR A 1 78  ? 8.160   -8.905  -20.393 1.00 27.80 ? 78  TYR A CD2 1 
ATOM   624  C  CE1 . TYR A 1 78  ? 10.084  -9.432  -22.320 1.00 25.32 ? 78  TYR A CE1 1 
ATOM   625  C  CE2 . TYR A 1 78  ? 7.847   -8.758  -21.742 1.00 25.66 ? 78  TYR A CE2 1 
ATOM   626  C  CZ  . TYR A 1 78  ? 8.811   -9.025  -22.698 1.00 26.86 ? 78  TYR A CZ  1 
ATOM   627  O  OH  . TYR A 1 78  ? 8.495   -8.891  -24.026 1.00 35.50 ? 78  TYR A OH  1 
ATOM   628  N  N   . TYR A 1 79  ? 9.842   -7.302  -15.827 1.00 25.60 ? 79  TYR A N   1 
ATOM   629  C  CA  . TYR A 1 79  ? 9.717   -7.260  -14.380 1.00 23.69 ? 79  TYR A CA  1 
ATOM   630  C  C   . TYR A 1 79  ? 8.339   -7.646  -13.888 1.00 27.01 ? 79  TYR A C   1 
ATOM   631  O  O   . TYR A 1 79  ? 7.322   -7.300  -14.496 1.00 28.50 ? 79  TYR A O   1 
ATOM   632  C  CB  . TYR A 1 79  ? 10.073  -5.873  -13.843 1.00 20.47 ? 79  TYR A CB  1 
ATOM   633  C  CG  . TYR A 1 79  ? 11.537  -5.528  -13.962 1.00 21.46 ? 79  TYR A CG  1 
ATOM   634  C  CD1 . TYR A 1 79  ? 12.055  -4.998  -15.143 1.00 22.56 ? 79  TYR A CD1 1 
ATOM   635  C  CD2 . TYR A 1 79  ? 12.405  -5.721  -12.887 1.00 21.51 ? 79  TYR A CD2 1 
ATOM   636  C  CE1 . TYR A 1 79  ? 13.398  -4.661  -15.250 1.00 18.19 ? 79  TYR A CE1 1 
ATOM   637  C  CE2 . TYR A 1 79  ? 13.754  -5.388  -12.984 1.00 22.46 ? 79  TYR A CE2 1 
ATOM   638  C  CZ  . TYR A 1 79  ? 14.242  -4.857  -14.169 1.00 18.52 ? 79  TYR A CZ  1 
ATOM   639  O  OH  . TYR A 1 79  ? 15.567  -4.522  -14.274 1.00 23.67 ? 79  TYR A OH  1 
ATOM   640  N  N   . GLY A 1 80  ? 8.325   -8.368  -12.775 1.00 28.46 ? 80  GLY A N   1 
ATOM   641  C  CA  . GLY A 1 80  ? 7.082   -8.804  -12.175 1.00 26.64 ? 80  GLY A CA  1 
ATOM   642  C  C   . GLY A 1 80  ? 7.183   -8.604  -10.683 1.00 28.50 ? 80  GLY A C   1 
ATOM   643  O  O   . GLY A 1 80  ? 8.282   -8.636  -10.126 1.00 28.50 ? 80  GLY A O   1 
ATOM   644  N  N   . ARG A 1 81  ? 6.044   -8.394  -10.034 1.00 27.87 ? 81  ARG A N   1 
ATOM   645  C  CA  . ARG A 1 81  ? 6.012   -8.181  -8.594  1.00 26.90 ? 81  ARG A CA  1 
ATOM   646  C  C   . ARG A 1 81  ? 6.537   -9.404  -7.851  1.00 27.20 ? 81  ARG A C   1 
ATOM   647  O  O   . ARG A 1 81  ? 6.440   -10.530 -8.335  1.00 25.50 ? 81  ARG A O   1 
ATOM   648  C  CB  . ARG A 1 81  ? 4.582   -7.898  -8.131  1.00 22.96 ? 81  ARG A CB  1 
ATOM   649  C  CG  . ARG A 1 81  ? 3.883   -6.754  -8.848  1.00 22.25 ? 81  ARG A CG  1 
ATOM   650  C  CD  . ARG A 1 81  ? 2.399   -6.802  -8.542  1.00 18.67 ? 81  ARG A CD  1 
ATOM   651  N  NE  . ARG A 1 81  ? 2.165   -6.817  -7.102  1.00 22.71 ? 81  ARG A NE  1 
ATOM   652  C  CZ  . ARG A 1 81  ? 1.867   -5.742  -6.384  1.00 17.18 ? 81  ARG A CZ  1 
ATOM   653  N  NH1 . ARG A 1 81  ? 1.758   -4.564  -6.977  1.00 22.93 ? 81  ARG A NH1 1 
ATOM   654  N  NH2 . ARG A 1 81  ? 1.695   -5.841  -5.076  1.00 15.51 ? 81  ARG A NH2 1 
ATOM   655  N  N   . THR A 1 82  ? 7.100   -9.169  -6.671  1.00 26.78 ? 82  THR A N   1 
ATOM   656  C  CA  . THR A 1 82  ? 7.622   -10.238 -5.838  1.00 26.43 ? 82  THR A CA  1 
ATOM   657  C  C   . THR A 1 82  ? 6.446   -10.944 -5.161  1.00 26.39 ? 82  THR A C   1 
ATOM   658  O  O   . THR A 1 82  ? 6.577   -12.064 -4.667  1.00 27.57 ? 82  THR A O   1 
ATOM   659  C  CB  . THR A 1 82  ? 8.594   -9.666  -4.780  1.00 28.19 ? 82  THR A CB  1 
ATOM   660  O  OG1 . THR A 1 82  ? 9.893   -9.512  -5.369  1.00 32.33 ? 82  THR A OG1 1 
ATOM   661  C  CG2 . THR A 1 82  ? 8.684   -10.573 -3.565  1.00 35.00 ? 82  THR A CG2 1 
ATOM   662  N  N   . ALA A 1 83  ? 5.296   -10.273 -5.153  1.00 24.21 ? 83  ALA A N   1 
ATOM   663  C  CA  . ALA A 1 83  ? 4.074   -10.811 -4.561  1.00 22.89 ? 83  ALA A CA  1 
ATOM   664  C  C   . ALA A 1 83  ? 2.852   -10.156 -5.213  1.00 21.80 ? 83  ALA A C   1 
ATOM   665  O  O   . ALA A 1 83  ? 2.913   -9.002  -5.648  1.00 21.56 ? 83  ALA A O   1 
ATOM   666  C  CB  . ALA A 1 83  ? 4.069   -10.572 -3.054  1.00 23.34 ? 83  ALA A CB  1 
ATOM   667  N  N   . ASP A 1 84  ? 1.748   -10.895 -5.285  1.00 20.08 ? 84  ASP A N   1 
ATOM   668  C  CA  . ASP A 1 84  ? 0.526   -10.386 -5.900  1.00 24.69 ? 84  ASP A CA  1 
ATOM   669  C  C   . ASP A 1 84  ? -0.032  -9.169  -5.177  1.00 23.49 ? 84  ASP A C   1 
ATOM   670  O  O   . ASP A 1 84  ? -0.514  -8.232  -5.808  1.00 24.46 ? 84  ASP A O   1 
ATOM   671  C  CB  . ASP A 1 84  ? -0.539  -11.484 -5.950  1.00 33.82 ? 84  ASP A CB  1 
ATOM   672  C  CG  . ASP A 1 84  ? -0.108  -12.676 -6.781  1.00 40.06 ? 84  ASP A CG  1 
ATOM   673  O  OD1 . ASP A 1 84  ? 0.155   -12.500 -7.989  1.00 40.03 ? 84  ASP A OD1 1 
ATOM   674  O  OD2 . ASP A 1 84  ? -0.031  -13.792 -6.228  1.00 52.27 ? 84  ASP A OD2 1 
ATOM   675  N  N   . VAL A 1 85  ? 0.032   -9.187  -3.851  1.00 22.90 ? 85  VAL A N   1 
ATOM   676  C  CA  . VAL A 1 85  ? -0.468  -8.076  -3.050  1.00 22.85 ? 85  VAL A CA  1 
ATOM   677  C  C   . VAL A 1 85  ? 0.510   -7.799  -1.922  1.00 21.15 ? 85  VAL A C   1 
ATOM   678  O  O   . VAL A 1 85  ? 1.053   -8.731  -1.328  1.00 20.04 ? 85  VAL A O   1 
ATOM   679  C  CB  . VAL A 1 85  ? -1.854  -8.400  -2.436  1.00 24.45 ? 85  VAL A CB  1 
ATOM   680  C  CG1 . VAL A 1 85  ? -2.328  -7.242  -1.580  1.00 25.92 ? 85  VAL A CG1 1 
ATOM   681  C  CG2 . VAL A 1 85  ? -2.862  -8.681  -3.537  1.00 27.77 ? 85  VAL A CG2 1 
ATOM   682  N  N   . PHE A 1 86  ? 0.736   -6.519  -1.638  1.00 20.57 ? 86  PHE A N   1 
ATOM   683  C  CA  . PHE A 1 86  ? 1.641   -6.116  -0.566  1.00 19.84 ? 86  PHE A CA  1 
ATOM   684  C  C   . PHE A 1 86  ? 0.853   -5.438  0.541   1.00 20.37 ? 86  PHE A C   1 
ATOM   685  O  O   . PHE A 1 86  ? -0.077  -4.680  0.274   1.00 21.70 ? 86  PHE A O   1 
ATOM   686  C  CB  . PHE A 1 86  ? 2.690   -5.112  -1.057  1.00 18.66 ? 86  PHE A CB  1 
ATOM   687  C  CG  . PHE A 1 86  ? 3.681   -5.673  -2.034  1.00 23.86 ? 86  PHE A CG  1 
ATOM   688  C  CD1 . PHE A 1 86  ? 4.361   -6.857  -1.766  1.00 23.12 ? 86  PHE A CD1 1 
ATOM   689  C  CD2 . PHE A 1 86  ? 3.969   -4.987  -3.211  1.00 23.50 ? 86  PHE A CD2 1 
ATOM   690  C  CE1 . PHE A 1 86  ? 5.318   -7.348  -2.657  1.00 21.31 ? 86  PHE A CE1 1 
ATOM   691  C  CE2 . PHE A 1 86  ? 4.922   -5.470  -4.106  1.00 18.48 ? 86  PHE A CE2 1 
ATOM   692  C  CZ  . PHE A 1 86  ? 5.597   -6.651  -3.828  1.00 18.30 ? 86  PHE A CZ  1 
ATOM   693  N  N   . TYR A 1 87  ? 1.232   -5.707  1.782   1.00 20.90 ? 87  TYR A N   1 
ATOM   694  C  CA  . TYR A 1 87  ? 0.589   -5.080  2.927   1.00 21.63 ? 87  TYR A CA  1 
ATOM   695  C  C   . TYR A 1 87  ? 1.672   -4.383  3.727   1.00 22.14 ? 87  TYR A C   1 
ATOM   696  O  O   . TYR A 1 87  ? 2.732   -4.955  3.985   1.00 25.33 ? 87  TYR A O   1 
ATOM   697  C  CB  . TYR A 1 87  ? -0.132  -6.122  3.778   1.00 21.89 ? 87  TYR A CB  1 
ATOM   698  C  CG  . TYR A 1 87  ? -1.496  -6.473  3.231   1.00 24.00 ? 87  TYR A CG  1 
ATOM   699  C  CD1 . TYR A 1 87  ? -2.575  -5.612  3.410   1.00 18.20 ? 87  TYR A CD1 1 
ATOM   700  C  CD2 . TYR A 1 87  ? -1.697  -7.639  2.491   1.00 24.62 ? 87  TYR A CD2 1 
ATOM   701  C  CE1 . TYR A 1 87  ? -3.823  -5.900  2.866   1.00 24.15 ? 87  TYR A CE1 1 
ATOM   702  C  CE2 . TYR A 1 87  ? -2.942  -7.935  1.941   1.00 22.91 ? 87  TYR A CE2 1 
ATOM   703  C  CZ  . TYR A 1 87  ? -3.999  -7.061  2.134   1.00 23.77 ? 87  TYR A CZ  1 
ATOM   704  O  OH  . TYR A 1 87  ? -5.233  -7.344  1.598   1.00 30.33 ? 87  TYR A OH  1 
ATOM   705  N  N   . ILE A 1 88  ? 1.417   -3.134  4.092   1.00 20.69 ? 88  ILE A N   1 
ATOM   706  C  CA  . ILE A 1 88  ? 2.399   -2.370  4.838   1.00 23.86 ? 88  ILE A CA  1 
ATOM   707  C  C   . ILE A 1 88  ? 1.832   -1.837  6.134   1.00 26.95 ? 88  ILE A C   1 
ATOM   708  O  O   . ILE A 1 88  ? 0.620   -1.774  6.325   1.00 29.64 ? 88  ILE A O   1 
ATOM   709  C  CB  . ILE A 1 88  ? 2.916   -1.171  4.018   1.00 27.39 ? 88  ILE A CB  1 
ATOM   710  C  CG1 . ILE A 1 88  ? 1.876   -0.049  4.009   1.00 23.56 ? 88  ILE A CG1 1 
ATOM   711  C  CG2 . ILE A 1 88  ? 3.216   -1.609  2.594   1.00 24.66 ? 88  ILE A CG2 1 
ATOM   712  C  CD1 . ILE A 1 88  ? 2.368   1.227   3.355   1.00 26.22 ? 88  ILE A CD1 1 
ATOM   713  N  N   . ASN A 1 89  ? 2.730   -1.451  7.028   1.00 32.30 ? 89  ASN A N   1 
ATOM   714  C  CA  . ASN A 1 89  ? 2.339   -0.900  8.308   1.00 34.19 ? 89  ASN A CA  1 
ATOM   715  C  C   . ASN A 1 89  ? 3.146   0.369   8.494   1.00 34.02 ? 89  ASN A C   1 
ATOM   716  O  O   . ASN A 1 89  ? 4.358   0.319   8.680   1.00 36.50 ? 89  ASN A O   1 
ATOM   717  C  CB  . ASN A 1 89  ? 2.638   -1.896  9.433   1.00 37.09 ? 89  ASN A CB  1 
ATOM   718  C  CG  . ASN A 1 89  ? 2.071   -1.450  10.777  1.00 41.30 ? 89  ASN A CG  1 
ATOM   719  O  OD1 . ASN A 1 89  ? 1.212   -0.566  10.839  1.00 30.28 ? 89  ASN A OD1 1 
ATOM   720  N  ND2 . ASN A 1 89  ? 2.543   -2.068  11.858  1.00 42.23 ? 89  ASN A ND2 1 
ATOM   721  N  N   . LEU A 1 90  ? 2.470   1.508   8.413   1.00 34.22 ? 90  LEU A N   1 
ATOM   722  C  CA  . LEU A 1 90  ? 3.132   2.795   8.576   1.00 32.38 ? 90  LEU A CA  1 
ATOM   723  C  C   . LEU A 1 90  ? 3.393   3.050   10.049  1.00 30.53 ? 90  LEU A C   1 
ATOM   724  O  O   . LEU A 1 90  ? 4.030   4.038   10.415  1.00 34.60 ? 90  LEU A O   1 
ATOM   725  C  CB  . LEU A 1 90  ? 2.257   3.917   8.018   1.00 25.63 ? 90  LEU A CB  1 
ATOM   726  C  CG  . LEU A 1 90  ? 2.002   3.904   6.513   1.00 33.79 ? 90  LEU A CG  1 
ATOM   727  C  CD1 . LEU A 1 90  ? 1.040   5.031   6.146   1.00 32.33 ? 90  LEU A CD1 1 
ATOM   728  C  CD2 . LEU A 1 90  ? 3.328   4.051   5.775   1.00 31.39 ? 90  LEU A CD2 1 
ATOM   729  N  N   . TYR A 1 91  ? 2.900   2.153   10.895  1.00 28.57 ? 91  TYR A N   1 
ATOM   730  C  CA  . TYR A 1 91  ? 3.065   2.314   12.331  1.00 29.51 ? 91  TYR A CA  1 
ATOM   731  C  C   . TYR A 1 91  ? 3.953   1.252   12.957  1.00 30.42 ? 91  TYR A C   1 
ATOM   732  O  O   . TYR A 1 91  ? 3.534   0.520   13.848  1.00 29.72 ? 91  TYR A O   1 
ATOM   733  C  CB  . TYR A 1 91  ? 1.689   2.337   12.996  1.00 25.47 ? 91  TYR A CB  1 
ATOM   734  C  CG  . TYR A 1 91  ? 0.823   3.475   12.497  1.00 24.24 ? 91  TYR A CG  1 
ATOM   735  C  CD1 . TYR A 1 91  ? 0.281   3.453   11.212  1.00 22.43 ? 91  TYR A CD1 1 
ATOM   736  C  CD2 . TYR A 1 91  ? 0.587   4.596   13.290  1.00 23.79 ? 91  TYR A CD2 1 
ATOM   737  C  CE1 . TYR A 1 91  ? -0.472  4.521   10.728  1.00 20.32 ? 91  TYR A CE1 1 
ATOM   738  C  CE2 . TYR A 1 91  ? -0.162  5.670   12.816  1.00 16.51 ? 91  TYR A CE2 1 
ATOM   739  C  CZ  . TYR A 1 91  ? -0.690  5.627   11.537  1.00 19.07 ? 91  TYR A CZ  1 
ATOM   740  O  OH  . TYR A 1 91  ? -1.444  6.683   11.072  1.00 13.73 ? 91  TYR A OH  1 
ATOM   741  N  N   . LEU A 1 92  ? 5.194   1.198   12.481  1.00 36.80 ? 92  LEU A N   1 
ATOM   742  C  CA  . LEU A 1 92  ? 6.192   0.244   12.957  1.00 38.18 ? 92  LEU A CA  1 
ATOM   743  C  C   . LEU A 1 92  ? 7.210   0.944   13.853  1.00 36.97 ? 92  LEU A C   1 
ATOM   744  O  O   . LEU A 1 92  ? 8.348   0.493   13.988  1.00 40.70 ? 92  LEU A O   1 
ATOM   745  C  CB  . LEU A 1 92  ? 6.921   -0.380  11.764  1.00 40.92 ? 92  LEU A CB  1 
ATOM   746  C  CG  . LEU A 1 92  ? 6.046   -1.000  10.674  1.00 42.26 ? 92  LEU A CG  1 
ATOM   747  C  CD1 . LEU A 1 92  ? 6.871   -1.189  9.410   1.00 45.43 ? 92  LEU A CD1 1 
ATOM   748  C  CD2 . LEU A 1 92  ? 5.469   -2.320  11.163  1.00 44.56 ? 92  LEU A CD2 1 
ATOM   749  N  N   . GLY A 1 93  ? 6.806   2.059   14.449  1.00 34.13 ? 93  GLY A N   1 
ATOM   750  C  CA  . GLY A 1 93  ? 7.707   2.784   15.325  1.00 28.90 ? 93  GLY A CA  1 
ATOM   751  C  C   . GLY A 1 93  ? 8.728   3.663   14.628  1.00 27.97 ? 93  GLY A C   1 
ATOM   752  O  O   . GLY A 1 93  ? 9.487   4.362   15.289  1.00 33.08 ? 93  GLY A O   1 
ATOM   753  N  N   . ASP A 1 94  ? 8.766   3.633   13.301  1.00 24.64 ? 94  ASP A N   1 
ATOM   754  C  CA  . ASP A 1 94  ? 9.713   4.457   12.556  1.00 22.05 ? 94  ASP A CA  1 
ATOM   755  C  C   . ASP A 1 94  ? 9.197   5.894   12.517  1.00 22.92 ? 94  ASP A C   1 
ATOM   756  O  O   . ASP A 1 94  ? 8.123   6.166   11.981  1.00 23.05 ? 94  ASP A O   1 
ATOM   757  C  CB  . ASP A 1 94  ? 9.893   3.895   11.141  1.00 25.45 ? 94  ASP A CB  1 
ATOM   758  C  CG  . ASP A 1 94  ? 10.659  4.835   10.226  1.00 25.69 ? 94  ASP A CG  1 
ATOM   759  O  OD1 . ASP A 1 94  ? 10.026  5.718   9.606   1.00 29.39 ? 94  ASP A OD1 1 
ATOM   760  O  OD2 . ASP A 1 94  ? 11.893  4.695   10.133  1.00 27.07 ? 94  ASP A OD2 1 
ATOM   761  N  N   . GLU A 1 95  ? 9.974   6.807   13.094  1.00 24.16 ? 95  GLU A N   1 
ATOM   762  C  CA  . GLU A 1 95  ? 9.605   8.220   13.172  1.00 23.03 ? 95  GLU A CA  1 
ATOM   763  C  C   . GLU A 1 95  ? 9.206   8.852   11.845  1.00 22.91 ? 95  GLU A C   1 
ATOM   764  O  O   . GLU A 1 95  ? 8.149   9.475   11.746  1.00 23.83 ? 95  GLU A O   1 
ATOM   765  C  CB  . GLU A 1 95  ? 10.744  9.025   13.799  1.00 21.98 ? 95  GLU A CB  1 
ATOM   766  C  CG  . GLU A 1 95  ? 10.361  10.443  14.187  1.00 29.40 ? 95  GLU A CG  1 
ATOM   767  C  CD  . GLU A 1 95  ? 11.397  11.097  15.085  1.00 38.88 ? 95  GLU A CD  1 
ATOM   768  O  OE1 . GLU A 1 95  ? 12.319  10.392  15.553  1.00 41.53 ? 95  GLU A OE1 1 
ATOM   769  O  OE2 . GLU A 1 95  ? 11.286  12.317  15.331  1.00 37.82 ? 95  GLU A OE2 1 
ATOM   770  N  N   . GLU A 1 96  ? 10.044  8.700   10.827  1.00 20.71 ? 96  GLU A N   1 
ATOM   771  C  CA  . GLU A 1 96  ? 9.743   9.274   9.523   1.00 25.25 ? 96  GLU A CA  1 
ATOM   772  C  C   . GLU A 1 96  ? 8.456   8.716   8.913   1.00 28.24 ? 96  GLU A C   1 
ATOM   773  O  O   . GLU A 1 96  ? 7.715   9.445   8.250   1.00 30.81 ? 96  GLU A O   1 
ATOM   774  C  CB  . GLU A 1 96  ? 10.908  9.048   8.558   1.00 23.29 ? 96  GLU A CB  1 
ATOM   775  C  CG  . GLU A 1 96  ? 10.562  9.371   7.119   1.00 28.09 ? 96  GLU A CG  1 
ATOM   776  C  CD  . GLU A 1 96  ? 11.762  9.316   6.201   1.00 29.27 ? 96  GLU A CD  1 
ATOM   777  O  OE1 . GLU A 1 96  ? 12.674  8.500   6.458   1.00 26.76 ? 96  GLU A OE1 1 
ATOM   778  O  OE2 . GLU A 1 96  ? 11.783  10.079  5.216   1.00 29.00 ? 96  GLU A OE2 1 
ATOM   779  N  N   . LEU A 1 97  ? 8.193   7.429   9.122   1.00 25.31 ? 97  LEU A N   1 
ATOM   780  C  CA  . LEU A 1 97  ? 6.978   6.825   8.586   1.00 22.86 ? 97  LEU A CA  1 
ATOM   781  C  C   . LEU A 1 97  ? 5.738   7.431   9.236   1.00 20.53 ? 97  LEU A C   1 
ATOM   782  O  O   . LEU A 1 97  ? 4.726   7.655   8.570   1.00 24.96 ? 97  LEU A O   1 
ATOM   783  C  CB  . LEU A 1 97  ? 6.978   5.310   8.806   1.00 23.41 ? 97  LEU A CB  1 
ATOM   784  C  CG  . LEU A 1 97  ? 7.723   4.436   7.798   1.00 25.92 ? 97  LEU A CG  1 
ATOM   785  C  CD1 . LEU A 1 97  ? 7.439   2.974   8.104   1.00 24.60 ? 97  LEU A CD1 1 
ATOM   786  C  CD2 . LEU A 1 97  ? 7.267   4.771   6.385   1.00 23.45 ? 97  LEU A CD2 1 
ATOM   787  N  N   . ARG A 1 98  ? 5.813   7.692   10.537  1.00 17.24 ? 98  ARG A N   1 
ATOM   788  C  CA  . ARG A 1 98  ? 4.680   8.278   11.245  1.00 20.00 ? 98  ARG A CA  1 
ATOM   789  C  C   . ARG A 1 98  ? 4.315   9.637   10.658  1.00 20.09 ? 98  ARG A C   1 
ATOM   790  O  O   . ARG A 1 98  ? 3.139   9.967   10.520  1.00 19.22 ? 98  ARG A O   1 
ATOM   791  C  CB  . ARG A 1 98  ? 4.992   8.433   12.739  1.00 19.87 ? 98  ARG A CB  1 
ATOM   792  C  CG  . ARG A 1 98  ? 5.055   7.122   13.521  1.00 18.38 ? 98  ARG A CG  1 
ATOM   793  C  CD  . ARG A 1 98  ? 3.740   6.348   13.440  1.00 20.77 ? 98  ARG A CD  1 
ATOM   794  N  NE  . ARG A 1 98  ? 2.622   7.023   14.099  1.00 19.49 ? 98  ARG A NE  1 
ATOM   795  C  CZ  . ARG A 1 98  ? 2.429   7.063   15.416  1.00 17.32 ? 98  ARG A CZ  1 
ATOM   796  N  NH1 . ARG A 1 98  ? 3.280   6.464   16.237  1.00 14.26 ? 98  ARG A NH1 1 
ATOM   797  N  NH2 . ARG A 1 98  ? 1.379   7.703   15.912  1.00 15.19 ? 98  ARG A NH2 1 
ATOM   798  N  N   . TYR A 1 99  ? 5.329   10.419  10.303  1.00 23.61 ? 99  TYR A N   1 
ATOM   799  C  CA  . TYR A 1 99  ? 5.101   11.743  9.743   1.00 22.91 ? 99  TYR A CA  1 
ATOM   800  C  C   . TYR A 1 99  ? 4.600   11.703  8.310   1.00 24.33 ? 99  TYR A C   1 
ATOM   801  O  O   . TYR A 1 99  ? 3.965   12.648  7.843   1.00 23.87 ? 99  TYR A O   1 
ATOM   802  C  CB  . TYR A 1 99  ? 6.369   12.593  9.863   1.00 25.68 ? 99  TYR A CB  1 
ATOM   803  C  CG  . TYR A 1 99  ? 6.623   13.036  11.290  1.00 22.23 ? 99  TYR A CG  1 
ATOM   804  C  CD1 . TYR A 1 99  ? 5.657   13.759  11.994  1.00 26.09 ? 99  TYR A CD1 1 
ATOM   805  C  CD2 . TYR A 1 99  ? 7.800   12.697  11.951  1.00 21.61 ? 99  TYR A CD2 1 
ATOM   806  C  CE1 . TYR A 1 99  ? 5.858   14.130  13.325  1.00 29.79 ? 99  TYR A CE1 1 
ATOM   807  C  CE2 . TYR A 1 99  ? 8.012   13.062  13.282  1.00 22.53 ? 99  TYR A CE2 1 
ATOM   808  C  CZ  . TYR A 1 99  ? 7.037   13.774  13.963  1.00 27.86 ? 99  TYR A CZ  1 
ATOM   809  O  OH  . TYR A 1 99  ? 7.234   14.119  15.284  1.00 27.82 ? 99  TYR A OH  1 
ATOM   810  N  N   . ILE A 1 100 ? 4.882   10.609  7.610   1.00 26.99 ? 100 ILE A N   1 
ATOM   811  C  CA  . ILE A 1 100 ? 4.404   10.459  6.244   1.00 23.50 ? 100 ILE A CA  1 
ATOM   812  C  C   . ILE A 1 100 ? 2.915   10.169  6.371   1.00 22.76 ? 100 ILE A C   1 
ATOM   813  O  O   . ILE A 1 100 ? 2.095   10.717  5.633   1.00 19.79 ? 100 ILE A O   1 
ATOM   814  C  CB  . ILE A 1 100 ? 5.118   9.294   5.523   1.00 25.07 ? 100 ILE A CB  1 
ATOM   815  C  CG1 . ILE A 1 100 ? 6.483   9.768   5.014   1.00 25.28 ? 100 ILE A CG1 1 
ATOM   816  C  CG2 . ILE A 1 100 ? 4.252   8.763   4.380   1.00 16.60 ? 100 ILE A CG2 1 
ATOM   817  C  CD1 . ILE A 1 100 ? 7.328   8.669   4.382   1.00 19.14 ? 100 ILE A CD1 1 
ATOM   818  N  N   . ALA A 1 101 ? 2.576   9.310   7.327   1.00 19.85 ? 101 ALA A N   1 
ATOM   819  C  CA  . ALA A 1 101 ? 1.188   8.959   7.589   1.00 19.78 ? 101 ALA A CA  1 
ATOM   820  C  C   . ALA A 1 101 ? 0.424   10.237  7.936   1.00 21.64 ? 101 ALA A C   1 
ATOM   821  O  O   . ALA A 1 101 ? -0.678  10.473  7.435   1.00 25.31 ? 101 ALA A O   1 
ATOM   822  C  CB  . ALA A 1 101 ? 1.112   7.971   8.745   1.00 15.57 ? 101 ALA A CB  1 
ATOM   823  N  N   . ARG A 1 102 ? 1.020   11.063  8.793   1.00 21.12 ? 102 ARG A N   1 
ATOM   824  C  CA  . ARG A 1 102 ? 0.398   12.315  9.198   1.00 23.23 ? 102 ARG A CA  1 
ATOM   825  C  C   . ARG A 1 102 ? 0.334   13.317  8.052   1.00 23.41 ? 102 ARG A C   1 
ATOM   826  O  O   . ARG A 1 102 ? -0.576  14.140  7.996   1.00 22.09 ? 102 ARG A O   1 
ATOM   827  C  CB  . ARG A 1 102 ? 1.139   12.916  10.400  1.00 22.40 ? 102 ARG A CB  1 
ATOM   828  C  CG  . ARG A 1 102 ? 0.402   12.680  11.713  1.00 25.24 ? 102 ARG A CG  1 
ATOM   829  C  CD  . ARG A 1 102 ? 1.330   12.260  12.828  1.00 25.47 ? 102 ARG A CD  1 
ATOM   830  N  NE  . ARG A 1 102 ? 0.584   11.794  13.995  1.00 29.13 ? 102 ARG A NE  1 
ATOM   831  C  CZ  . ARG A 1 102 ? -0.122  12.581  14.800  1.00 30.84 ? 102 ARG A CZ  1 
ATOM   832  N  NH1 . ARG A 1 102 ? -0.182  13.887  14.572  1.00 27.96 ? 102 ARG A NH1 1 
ATOM   833  N  NH2 . ARG A 1 102 ? -0.771  12.062  15.835  1.00 23.10 ? 102 ARG A NH2 1 
ATOM   834  N  N   . SER A 1 103 ? 1.295   13.242  7.137   1.00 24.43 ? 103 SER A N   1 
ATOM   835  C  CA  . SER A 1 103 ? 1.309   14.141  5.992   1.00 25.66 ? 103 SER A CA  1 
ATOM   836  C  C   . SER A 1 103 ? 0.112   13.799  5.112   1.00 28.18 ? 103 SER A C   1 
ATOM   837  O  O   . SER A 1 103 ? -0.572  14.680  4.592   1.00 25.46 ? 103 SER A O   1 
ATOM   838  C  CB  . SER A 1 103 ? 2.596   13.964  5.189   1.00 24.36 ? 103 SER A CB  1 
ATOM   839  O  OG  . SER A 1 103 ? 3.727   14.281  5.974   1.00 31.10 ? 103 SER A OG  1 
ATOM   840  N  N   . ARG A 1 104 ? -0.135  12.501  4.966   1.00 29.19 ? 104 ARG A N   1 
ATOM   841  C  CA  . ARG A 1 104 ? -1.242  12.020  4.156   1.00 26.96 ? 104 ARG A CA  1 
ATOM   842  C  C   . ARG A 1 104 ? -2.595  12.344  4.783   1.00 24.63 ? 104 ARG A C   1 
ATOM   843  O  O   . ARG A 1 104 ? -3.514  12.762  4.085   1.00 24.24 ? 104 ARG A O   1 
ATOM   844  C  CB  . ARG A 1 104 ? -1.088  10.515  3.924   1.00 27.26 ? 104 ARG A CB  1 
ATOM   845  C  CG  . ARG A 1 104 ? 0.062   10.189  2.977   1.00 33.47 ? 104 ARG A CG  1 
ATOM   846  C  CD  . ARG A 1 104 ? 0.583   8.767   3.147   1.00 43.42 ? 104 ARG A CD  1 
ATOM   847  N  NE  . ARG A 1 104 ? -0.388  7.740   2.776   1.00 46.43 ? 104 ARG A NE  1 
ATOM   848  C  CZ  . ARG A 1 104 ? -0.146  6.433   2.839   1.00 47.78 ? 104 ARG A CZ  1 
ATOM   849  N  NH1 . ARG A 1 104 ? 1.035   5.998   3.259   1.00 47.16 ? 104 ARG A NH1 1 
ATOM   850  N  NH2 . ARG A 1 104 ? -1.081  5.559   2.487   1.00 45.01 ? 104 ARG A NH2 1 
ATOM   851  N  N   . LEU A 1 105 ? -2.716  12.164  6.095   1.00 22.12 ? 105 LEU A N   1 
ATOM   852  C  CA  . LEU A 1 105 ? -3.971  12.458  6.772   1.00 19.60 ? 105 LEU A CA  1 
ATOM   853  C  C   . LEU A 1 105 ? -4.266  13.960  6.771   1.00 22.82 ? 105 LEU A C   1 
ATOM   854  O  O   . LEU A 1 105 ? -5.427  14.374  6.814   1.00 23.88 ? 105 LEU A O   1 
ATOM   855  C  CB  . LEU A 1 105 ? -3.933  11.935  8.207   1.00 19.30 ? 105 LEU A CB  1 
ATOM   856  C  CG  . LEU A 1 105 ? -3.857  10.412  8.363   1.00 20.75 ? 105 LEU A CG  1 
ATOM   857  C  CD1 . LEU A 1 105 ? -3.701  10.058  9.833   1.00 16.66 ? 105 LEU A CD1 1 
ATOM   858  C  CD2 . LEU A 1 105 ? -5.112  9.766   7.784   1.00 15.31 ? 105 LEU A CD2 1 
ATOM   859  N  N   . LYS A 1 106 ? -3.219  14.777  6.716   1.00 20.31 ? 106 LYS A N   1 
ATOM   860  C  CA  . LYS A 1 106 ? -3.414  16.222  6.703   1.00 21.63 ? 106 LYS A CA  1 
ATOM   861  C  C   . LYS A 1 106 ? -3.924  16.691  5.347   1.00 21.12 ? 106 LYS A C   1 
ATOM   862  O  O   . LYS A 1 106 ? -4.691  17.653  5.260   1.00 17.44 ? 106 LYS A O   1 
ATOM   863  C  CB  . LYS A 1 106 ? -2.115  16.948  7.058   1.00 18.38 ? 106 LYS A CB  1 
ATOM   864  C  CG  . LYS A 1 106 ? -1.732  16.837  8.531   1.00 23.32 ? 106 LYS A CG  1 
ATOM   865  C  CD  . LYS A 1 106 ? -0.541  17.724  8.867   1.00 28.45 ? 106 LYS A CD  1 
ATOM   866  C  CE  . LYS A 1 106 ? -0.873  19.196  8.647   1.00 32.19 ? 106 LYS A CE  1 
ATOM   867  N  NZ  . LYS A 1 106 ? 0.298   20.081  8.884   1.00 38.71 ? 106 LYS A NZ  1 
ATOM   868  N  N   . THR A 1 107 ? -3.503  16.000  4.291   1.00 23.30 ? 107 THR A N   1 
ATOM   869  C  CA  . THR A 1 107 ? -3.933  16.344  2.943   1.00 22.80 ? 107 THR A CA  1 
ATOM   870  C  C   . THR A 1 107 ? -5.446  16.217  2.862   1.00 24.38 ? 107 THR A C   1 
ATOM   871  O  O   . THR A 1 107 ? -6.116  17.052  2.259   1.00 24.03 ? 107 THR A O   1 
ATOM   872  C  CB  . THR A 1 107 ? -3.305  15.410  1.887   1.00 22.60 ? 107 THR A CB  1 
ATOM   873  O  OG1 . THR A 1 107 ? -1.887  15.613  1.860   1.00 26.63 ? 107 THR A OG1 1 
ATOM   874  C  CG2 . THR A 1 107 ? -3.889  15.684  0.497   1.00 13.12 ? 107 THR A CG2 1 
ATOM   875  N  N   . LYS A 1 108 ? -5.982  15.174  3.484   1.00 24.99 ? 108 LYS A N   1 
ATOM   876  C  CA  . LYS A 1 108 ? -7.418  14.951  3.475   1.00 27.53 ? 108 LYS A CA  1 
ATOM   877  C  C   . LYS A 1 108 ? -8.163  15.976  4.325   1.00 26.68 ? 108 LYS A C   1 
ATOM   878  O  O   . LYS A 1 108 ? -9.323  16.290  4.064   1.00 30.30 ? 108 LYS A O   1 
ATOM   879  C  CB  . LYS A 1 108 ? -7.725  13.524  3.930   1.00 29.24 ? 108 LYS A CB  1 
ATOM   880  C  CG  . LYS A 1 108 ? -7.910  12.560  2.758   1.00 31.17 ? 108 LYS A CG  1 
ATOM   881  C  CD  . LYS A 1 108 ? -7.400  11.168  3.064   1.00 33.13 ? 108 LYS A CD  1 
ATOM   882  C  CE  . LYS A 1 108 ? -5.879  11.149  3.081   1.00 42.89 ? 108 LYS A CE  1 
ATOM   883  N  NZ  . LYS A 1 108 ? -5.289  11.629  1.795   1.00 39.43 ? 108 LYS A NZ  1 
ATOM   884  N  N   . ILE A 1 109 ? -7.491  16.509  5.336   1.00 26.76 ? 109 ILE A N   1 
ATOM   885  C  CA  . ILE A 1 109 ? -8.112  17.517  6.180   1.00 25.11 ? 109 ILE A CA  1 
ATOM   886  C  C   . ILE A 1 109 ? -8.247  18.816  5.384   1.00 28.08 ? 109 ILE A C   1 
ATOM   887  O  O   . ILE A 1 109 ? -9.234  19.541  5.543   1.00 28.39 ? 109 ILE A O   1 
ATOM   888  C  CB  . ILE A 1 109 ? -7.297  17.734  7.474   1.00 25.23 ? 109 ILE A CB  1 
ATOM   889  C  CG1 . ILE A 1 109 ? -7.651  16.627  8.474   1.00 22.85 ? 109 ILE A CG1 1 
ATOM   890  C  CG2 . ILE A 1 109 ? -7.571  19.119  8.060   1.00 23.12 ? 109 ILE A CG2 1 
ATOM   891  C  CD1 . ILE A 1 109 ? -6.712  16.514  9.665   1.00 12.39 ? 109 ILE A CD1 1 
ATOM   892  N  N   . ASP A 1 110 ? -7.269  19.106  4.523   1.00 23.84 ? 110 ASP A N   1 
ATOM   893  C  CA  . ASP A 1 110 ? -7.343  20.313  3.701   1.00 27.53 ? 110 ASP A CA  1 
ATOM   894  C  C   . ASP A 1 110 ? -8.556  20.146  2.803   1.00 27.22 ? 110 ASP A C   1 
ATOM   895  O  O   . ASP A 1 110 ? -9.289  21.100  2.550   1.00 26.80 ? 110 ASP A O   1 
ATOM   896  C  CB  . ASP A 1 110 ? -6.099  20.492  2.822   1.00 30.86 ? 110 ASP A CB  1 
ATOM   897  C  CG  . ASP A 1 110 ? -4.840  20.736  3.627   1.00 37.70 ? 110 ASP A CG  1 
ATOM   898  O  OD1 . ASP A 1 110 ? -4.913  21.465  4.638   1.00 43.85 ? 110 ASP A OD1 1 
ATOM   899  O  OD2 . ASP A 1 110 ? -3.772  20.211  3.239   1.00 40.85 ? 110 ASP A OD2 1 
ATOM   900  N  N   . ILE A 1 111 ? -8.758  18.919  2.325   1.00 26.76 ? 111 ILE A N   1 
ATOM   901  C  CA  . ILE A 1 111 ? -9.887  18.604  1.461   1.00 21.30 ? 111 ILE A CA  1 
ATOM   902  C  C   . ILE A 1 111 ? -11.201 18.840  2.192   1.00 24.67 ? 111 ILE A C   1 
ATOM   903  O  O   . ILE A 1 111 ? -12.144 19.382  1.612   1.00 24.36 ? 111 ILE A O   1 
ATOM   904  C  CB  . ILE A 1 111 ? -9.832  17.137  0.970   1.00 21.49 ? 111 ILE A CB  1 
ATOM   905  C  CG1 . ILE A 1 111 ? -8.681  16.975  -0.025  1.00 16.48 ? 111 ILE A CG1 1 
ATOM   906  C  CG2 . ILE A 1 111 ? -11.163 16.739  0.326   1.00 14.39 ? 111 ILE A CG2 1 
ATOM   907  C  CD1 . ILE A 1 111 ? -8.618  15.622  -0.675  1.00 8.98  ? 111 ILE A CD1 1 
ATOM   908  N  N   . PHE A 1 112 ? -11.265 18.442  3.461   1.00 23.18 ? 112 PHE A N   1 
ATOM   909  C  CA  . PHE A 1 112 ? -12.480 18.638  4.244   1.00 23.59 ? 112 PHE A CA  1 
ATOM   910  C  C   . PHE A 1 112 ? -12.792 20.126  4.360   1.00 24.28 ? 112 PHE A C   1 
ATOM   911  O  O   . PHE A 1 112 ? -13.892 20.562  4.024   1.00 25.66 ? 112 PHE A O   1 
ATOM   912  C  CB  . PHE A 1 112 ? -12.343 18.036  5.648   1.00 21.74 ? 112 PHE A CB  1 
ATOM   913  C  CG  . PHE A 1 112 ? -12.042 16.562  5.655   1.00 22.40 ? 112 PHE A CG  1 
ATOM   914  C  CD1 . PHE A 1 112 ? -12.547 15.729  4.663   1.00 24.39 ? 112 PHE A CD1 1 
ATOM   915  C  CD2 . PHE A 1 112 ? -11.265 16.006  6.665   1.00 26.01 ? 112 PHE A CD2 1 
ATOM   916  C  CE1 . PHE A 1 112 ? -12.278 14.358  4.676   1.00 25.89 ? 112 PHE A CE1 1 
ATOM   917  C  CE2 . PHE A 1 112 ? -10.991 14.636  6.688   1.00 22.63 ? 112 PHE A CE2 1 
ATOM   918  C  CZ  . PHE A 1 112 ? -11.500 13.813  5.689   1.00 19.19 ? 112 PHE A CZ  1 
ATOM   919  N  N   . LYS A 1 113 ? -11.823 20.904  4.837   1.00 24.30 ? 113 LYS A N   1 
ATOM   920  C  CA  . LYS A 1 113 ? -12.023 22.339  4.977   1.00 23.77 ? 113 LYS A CA  1 
ATOM   921  C  C   . LYS A 1 113 ? -12.346 22.950  3.619   1.00 23.74 ? 113 LYS A C   1 
ATOM   922  O  O   . LYS A 1 113 ? -13.204 23.824  3.508   1.00 25.59 ? 113 LYS A O   1 
ATOM   923  C  CB  . LYS A 1 113 ? -10.777 23.007  5.563   1.00 22.82 ? 113 LYS A CB  1 
ATOM   924  C  CG  . LYS A 1 113 ? -10.516 22.664  7.021   1.00 32.03 ? 113 LYS A CG  1 
ATOM   925  C  CD  . LYS A 1 113 ? -9.463  23.586  7.623   1.00 33.57 ? 113 LYS A CD  1 
ATOM   926  C  CE  . LYS A 1 113 ? -9.084  23.166  9.040   1.00 39.25 ? 113 LYS A CE  1 
ATOM   927  N  NZ  . LYS A 1 113 ? -10.244 23.134  9.979   1.00 31.65 ? 113 LYS A NZ  1 
ATOM   928  N  N   . ARG A 1 114 ? -11.659 22.484  2.584   1.00 24.41 ? 114 ARG A N   1 
ATOM   929  C  CA  . ARG A 1 114 ? -11.900 22.993  1.245   1.00 28.81 ? 114 ARG A CA  1 
ATOM   930  C  C   . ARG A 1 114 ? -13.348 22.700  0.851   1.00 29.96 ? 114 ARG A C   1 
ATOM   931  O  O   . ARG A 1 114 ? -13.965 23.460  0.109   1.00 31.19 ? 114 ARG A O   1 
ATOM   932  C  CB  . ARG A 1 114 ? -10.932 22.345  0.248   1.00 30.21 ? 114 ARG A CB  1 
ATOM   933  C  CG  . ARG A 1 114 ? -11.061 22.853  -1.184  1.00 37.99 ? 114 ARG A CG  1 
ATOM   934  C  CD  . ARG A 1 114 ? -10.677 24.324  -1.324  1.00 36.69 ? 114 ARG A CD  1 
ATOM   935  N  NE  . ARG A 1 114 ? -9.316  24.515  -1.827  1.00 40.83 ? 114 ARG A NE  1 
ATOM   936  C  CZ  . ARG A 1 114 ? -8.208  24.208  -1.157  1.00 43.68 ? 114 ARG A CZ  1 
ATOM   937  N  NH1 . ARG A 1 114 ? -8.285  23.689  0.061   1.00 45.89 ? 114 ARG A NH1 1 
ATOM   938  N  NH2 . ARG A 1 114 ? -7.021  24.420  -1.708  1.00 39.06 ? 114 ARG A NH2 1 
ATOM   939  N  N   . LEU A 1 115 ? -13.890 21.601  1.368   1.00 33.10 ? 115 LEU A N   1 
ATOM   940  C  CA  . LEU A 1 115 ? -15.265 21.210  1.071   1.00 31.92 ? 115 LEU A CA  1 
ATOM   941  C  C   . LEU A 1 115 ? -16.283 21.866  1.997   1.00 32.85 ? 115 LEU A C   1 
ATOM   942  O  O   . LEU A 1 115 ? -17.481 21.604  1.886   1.00 33.34 ? 115 LEU A O   1 
ATOM   943  C  CB  . LEU A 1 115 ? -15.413 19.687  1.142   1.00 27.09 ? 115 LEU A CB  1 
ATOM   944  C  CG  . LEU A 1 115 ? -14.809 18.910  -0.030  1.00 29.28 ? 115 LEU A CG  1 
ATOM   945  C  CD1 . LEU A 1 115 ? -14.716 17.440  0.322   1.00 26.44 ? 115 LEU A CD1 1 
ATOM   946  C  CD2 . LEU A 1 115 ? -15.656 19.121  -1.279  1.00 30.59 ? 115 LEU A CD2 1 
ATOM   947  N  N   . GLY A 1 116 ? -15.807 22.708  2.912   1.00 32.43 ? 116 GLY A N   1 
ATOM   948  C  CA  . GLY A 1 116 ? -16.715 23.397  3.817   1.00 27.51 ? 116 GLY A CA  1 
ATOM   949  C  C   . GLY A 1 116 ? -16.930 22.807  5.201   1.00 28.22 ? 116 GLY A C   1 
ATOM   950  O  O   . GLY A 1 116 ? -17.761 23.305  5.960   1.00 25.52 ? 116 GLY A O   1 
ATOM   951  N  N   . TYR A 1 117 ? -16.206 21.746  5.537   1.00 29.64 ? 117 TYR A N   1 
ATOM   952  C  CA  . TYR A 1 117 ? -16.335 21.135  6.857   1.00 31.62 ? 117 TYR A CA  1 
ATOM   953  C  C   . TYR A 1 117 ? -15.518 21.953  7.857   1.00 32.61 ? 117 TYR A C   1 
ATOM   954  O  O   . TYR A 1 117 ? -14.350 22.255  7.610   1.00 32.09 ? 117 TYR A O   1 
ATOM   955  C  CB  . TYR A 1 117 ? -15.817 19.691  6.831   1.00 31.06 ? 117 TYR A CB  1 
ATOM   956  C  CG  . TYR A 1 117 ? -16.770 18.689  6.215   1.00 31.93 ? 117 TYR A CG  1 
ATOM   957  C  CD1 . TYR A 1 117 ? -17.609 17.912  7.016   1.00 28.89 ? 117 TYR A CD1 1 
ATOM   958  C  CD2 . TYR A 1 117 ? -16.829 18.510  4.833   1.00 33.10 ? 117 TYR A CD2 1 
ATOM   959  C  CE1 . TYR A 1 117 ? -18.477 16.980  6.458   1.00 28.57 ? 117 TYR A CE1 1 
ATOM   960  C  CE2 . TYR A 1 117 ? -17.697 17.581  4.264   1.00 31.45 ? 117 TYR A CE2 1 
ATOM   961  C  CZ  . TYR A 1 117 ? -18.515 16.819  5.082   1.00 30.78 ? 117 TYR A CZ  1 
ATOM   962  O  OH  . TYR A 1 117 ? -19.355 15.886  4.523   1.00 32.40 ? 117 TYR A OH  1 
ATOM   963  N  N   . GLN A 1 118 ? -16.129 22.315  8.981   1.00 32.19 ? 118 GLN A N   1 
ATOM   964  C  CA  . GLN A 1 118 ? -15.432 23.095  9.996   1.00 29.59 ? 118 GLN A CA  1 
ATOM   965  C  C   . GLN A 1 118 ? -15.194 22.278  11.255  1.00 29.47 ? 118 GLN A C   1 
ATOM   966  O  O   . GLN A 1 118 ? -16.089 21.583  11.739  1.00 30.55 ? 118 GLN A O   1 
ATOM   967  C  CB  . GLN A 1 118 ? -16.227 24.354  10.323  1.00 31.15 ? 118 GLN A CB  1 
ATOM   968  C  CG  . GLN A 1 118 ? -16.409 25.266  9.126   1.00 33.97 ? 118 GLN A CG  1 
ATOM   969  C  CD  . GLN A 1 118 ? -17.100 26.557  9.483   1.00 38.71 ? 118 GLN A CD  1 
ATOM   970  O  OE1 . GLN A 1 118 ? -16.475 27.621  9.518   1.00 40.76 ? 118 GLN A OE1 1 
ATOM   971  N  NE2 . GLN A 1 118 ? -18.393 26.476  9.758   1.00 41.97 ? 118 GLN A NE2 1 
ATOM   972  N  N   . PHE A 1 119 ? -13.982 22.373  11.790  1.00 29.06 ? 119 PHE A N   1 
ATOM   973  C  CA  . PHE A 1 119 ? -13.618 21.607  12.974  1.00 28.61 ? 119 PHE A CA  1 
ATOM   974  C  C   . PHE A 1 119 ? -12.236 22.002  13.468  1.00 28.31 ? 119 PHE A C   1 
ATOM   975  O  O   . PHE A 1 119 ? -11.529 22.776  12.824  1.00 30.37 ? 119 PHE A O   1 
ATOM   976  C  CB  . PHE A 1 119 ? -13.620 20.123  12.615  1.00 29.76 ? 119 PHE A CB  1 
ATOM   977  C  CG  . PHE A 1 119 ? -12.851 19.811  11.359  1.00 27.90 ? 119 PHE A CG  1 
ATOM   978  C  CD1 . PHE A 1 119 ? -11.464 19.683  11.388  1.00 25.79 ? 119 PHE A CD1 1 
ATOM   979  C  CD2 . PHE A 1 119 ? -13.507 19.700  10.135  1.00 26.18 ? 119 PHE A CD2 1 
ATOM   980  C  CE1 . PHE A 1 119 ? -10.741 19.452  10.213  1.00 26.53 ? 119 PHE A CE1 1 
ATOM   981  C  CE2 . PHE A 1 119 ? -12.795 19.471  8.956   1.00 26.64 ? 119 PHE A CE2 1 
ATOM   982  C  CZ  . PHE A 1 119 ? -11.409 19.347  8.996   1.00 28.02 ? 119 PHE A CZ  1 
ATOM   983  N  N   . GLU A 1 120 ? -11.850 21.457  14.616  1.00 30.11 ? 120 GLU A N   1 
ATOM   984  C  CA  . GLU A 1 120 ? -10.538 21.735  15.180  1.00 28.51 ? 120 GLU A CA  1 
ATOM   985  C  C   . GLU A 1 120 ? -9.584  20.681  14.614  1.00 29.23 ? 120 GLU A C   1 
ATOM   986  O  O   . GLU A 1 120 ? -9.562  19.537  15.067  1.00 28.17 ? 120 GLU A O   1 
ATOM   987  C  CB  . GLU A 1 120 ? -10.593 21.659  16.708  1.00 31.89 ? 120 GLU A CB  1 
ATOM   988  C  CG  . GLU A 1 120 ? -9.412  22.314  17.400  1.00 32.72 ? 120 GLU A CG  1 
ATOM   989  C  CD  . GLU A 1 120 ? -8.116  21.592  17.124  1.00 36.71 ? 120 GLU A CD  1 
ATOM   990  O  OE1 . GLU A 1 120 ? -7.963  20.448  17.603  1.00 30.84 ? 120 GLU A OE1 1 
ATOM   991  O  OE2 . GLU A 1 120 ? -7.256  22.166  16.421  1.00 38.87 ? 120 GLU A OE2 1 
ATOM   992  N  N   . GLU A 1 121 ? -8.806  21.084  13.612  1.00 27.22 ? 121 GLU A N   1 
ATOM   993  C  CA  . GLU A 1 121 ? -7.863  20.200  12.929  1.00 29.98 ? 121 GLU A CA  1 
ATOM   994  C  C   . GLU A 1 121 ? -6.914  19.385  13.809  1.00 31.28 ? 121 GLU A C   1 
ATOM   995  O  O   . GLU A 1 121 ? -6.560  18.263  13.456  1.00 30.13 ? 121 GLU A O   1 
ATOM   996  C  CB  . GLU A 1 121 ? -7.040  20.997  11.909  1.00 31.54 ? 121 GLU A CB  1 
ATOM   997  C  CG  . GLU A 1 121 ? -6.235  22.142  12.500  1.00 39.34 ? 121 GLU A CG  1 
ATOM   998  C  CD  . GLU A 1 121 ? -6.902  23.491  12.316  1.00 41.16 ? 121 GLU A CD  1 
ATOM   999  O  OE1 . GLU A 1 121 ? -8.074  23.649  12.726  1.00 41.72 ? 121 GLU A OE1 1 
ATOM   1000 O  OE2 . GLU A 1 121 ? -6.248  24.397  11.759  1.00 45.58 ? 121 GLU A OE2 1 
ATOM   1001 N  N   . ASN A 1 122 ? -6.491  19.941  14.939  1.00 33.61 ? 122 ASN A N   1 
ATOM   1002 C  CA  . ASN A 1 122 ? -5.582  19.222  15.827  1.00 33.47 ? 122 ASN A CA  1 
ATOM   1003 C  C   . ASN A 1 122 ? -6.213  17.954  16.395  1.00 31.20 ? 122 ASN A C   1 
ATOM   1004 O  O   . ASN A 1 122 ? -5.585  16.899  16.410  1.00 29.10 ? 122 ASN A O   1 
ATOM   1005 C  CB  . ASN A 1 122 ? -5.119  20.126  16.973  1.00 34.32 ? 122 ASN A CB  1 
ATOM   1006 C  CG  . ASN A 1 122 ? -4.050  21.109  16.540  1.00 32.83 ? 122 ASN A CG  1 
ATOM   1007 O  OD1 . ASN A 1 122 ? -2.949  20.713  16.161  1.00 38.13 ? 122 ASN A OD1 1 
ATOM   1008 N  ND2 . ASN A 1 122 ? -4.369  22.395  16.593  1.00 24.87 ? 122 ASN A ND2 1 
ATOM   1009 N  N   . GLU A 1 123 ? -7.455  18.059  16.857  1.00 29.22 ? 123 GLU A N   1 
ATOM   1010 C  CA  . GLU A 1 123 ? -8.150  16.910  17.421  1.00 29.51 ? 123 GLU A CA  1 
ATOM   1011 C  C   . GLU A 1 123 ? -8.422  15.868  16.341  1.00 31.30 ? 123 GLU A C   1 
ATOM   1012 O  O   . GLU A 1 123 ? -8.187  14.673  16.547  1.00 32.34 ? 123 GLU A O   1 
ATOM   1013 C  CB  . GLU A 1 123 ? -9.482  17.332  18.048  1.00 26.67 ? 123 GLU A CB  1 
ATOM   1014 C  CG  . GLU A 1 123 ? -10.112 16.247  18.912  1.00 30.92 ? 123 GLU A CG  1 
ATOM   1015 C  CD  . GLU A 1 123 ? -11.561 16.532  19.267  1.00 36.31 ? 123 GLU A CD  1 
ATOM   1016 O  OE1 . GLU A 1 123 ? -11.947 17.719  19.319  1.00 39.09 ? 123 GLU A OE1 1 
ATOM   1017 O  OE2 . GLU A 1 123 ? -12.312 15.561  19.506  1.00 37.03 ? 123 GLU A OE2 1 
ATOM   1018 N  N   . LEU A 1 124 ? -8.922  16.323  15.195  1.00 29.21 ? 124 LEU A N   1 
ATOM   1019 C  CA  . LEU A 1 124 ? -9.238  15.422  14.093  1.00 26.51 ? 124 LEU A CA  1 
ATOM   1020 C  C   . LEU A 1 124 ? -8.020  14.600  13.677  1.00 27.30 ? 124 LEU A C   1 
ATOM   1021 O  O   . LEU A 1 124 ? -8.094  13.376  13.580  1.00 24.45 ? 124 LEU A O   1 
ATOM   1022 C  CB  . LEU A 1 124 ? -9.748  16.207  12.886  1.00 25.52 ? 124 LEU A CB  1 
ATOM   1023 C  CG  . LEU A 1 124 ? -10.925 15.600  12.115  1.00 26.43 ? 124 LEU A CG  1 
ATOM   1024 C  CD1 . LEU A 1 124 ? -10.806 15.992  10.659  1.00 21.46 ? 124 LEU A CD1 1 
ATOM   1025 C  CD2 . LEU A 1 124 ? -10.935 14.086  12.238  1.00 26.76 ? 124 LEU A CD2 1 
ATOM   1026 N  N   . LEU A 1 125 ? -6.899  15.273  13.433  1.00 24.80 ? 125 LEU A N   1 
ATOM   1027 C  CA  . LEU A 1 125 ? -5.689  14.577  13.026  1.00 26.24 ? 125 LEU A CA  1 
ATOM   1028 C  C   . LEU A 1 125 ? -5.348  13.459  14.006  1.00 25.82 ? 125 LEU A C   1 
ATOM   1029 O  O   . LEU A 1 125 ? -4.986  12.356  13.597  1.00 22.46 ? 125 LEU A O   1 
ATOM   1030 C  CB  . LEU A 1 125 ? -4.510  15.556  12.915  1.00 25.03 ? 125 LEU A CB  1 
ATOM   1031 C  CG  . LEU A 1 125 ? -3.191  14.923  12.455  1.00 25.05 ? 125 LEU A CG  1 
ATOM   1032 C  CD1 . LEU A 1 125 ? -3.392  14.221  11.120  1.00 23.05 ? 125 LEU A CD1 1 
ATOM   1033 C  CD2 . LEU A 1 125 ? -2.122  15.984  12.331  1.00 19.09 ? 125 LEU A CD2 1 
ATOM   1034 N  N   . ASN A 1 126 ? -5.476  13.744  15.300  1.00 25.62 ? 126 ASN A N   1 
ATOM   1035 C  CA  . ASN A 1 126 ? -5.173  12.753  16.330  1.00 29.57 ? 126 ASN A CA  1 
ATOM   1036 C  C   . ASN A 1 126 ? -6.111  11.555  16.245  1.00 26.37 ? 126 ASN A C   1 
ATOM   1037 O  O   . ASN A 1 126 ? -5.676  10.406  16.335  1.00 19.85 ? 126 ASN A O   1 
ATOM   1038 C  CB  . ASN A 1 126 ? -5.276  13.368  17.728  1.00 33.25 ? 126 ASN A CB  1 
ATOM   1039 C  CG  . ASN A 1 126 ? -4.400  14.589  17.898  1.00 38.02 ? 126 ASN A CG  1 
ATOM   1040 O  OD1 . ASN A 1 126 ? -3.400  14.755  17.202  1.00 38.10 ? 126 ASN A OD1 1 
ATOM   1041 N  ND2 . ASN A 1 126 ? -4.767  15.446  18.846  1.00 40.44 ? 126 ASN A ND2 1 
ATOM   1042 N  N   . ILE A 1 127 ? -7.401  11.832  16.085  1.00 25.11 ? 127 ILE A N   1 
ATOM   1043 C  CA  . ILE A 1 127 ? -8.398  10.778  15.985  1.00 26.20 ? 127 ILE A CA  1 
ATOM   1044 C  C   . ILE A 1 127 ? -8.231  9.954   14.714  1.00 26.49 ? 127 ILE A C   1 
ATOM   1045 O  O   . ILE A 1 127 ? -8.446  8.744   14.726  1.00 31.23 ? 127 ILE A O   1 
ATOM   1046 C  CB  . ILE A 1 127 ? -9.828  11.359  16.040  1.00 27.47 ? 127 ILE A CB  1 
ATOM   1047 C  CG1 . ILE A 1 127 ? -10.146 11.772  17.480  1.00 27.84 ? 127 ILE A CG1 1 
ATOM   1048 C  CG2 . ILE A 1 127 ? -10.839 10.340  15.518  1.00 24.80 ? 127 ILE A CG2 1 
ATOM   1049 C  CD1 . ILE A 1 127 ? -11.562 12.233  17.696  1.00 26.37 ? 127 ILE A CD1 1 
HETATM 1050 N  N   . MSE A 1 128 ? -7.850  10.607  13.620  1.00 22.64 ? 128 MSE A N   1 
HETATM 1051 C  CA  . MSE A 1 128 ? -7.650  9.904   12.358  1.00 18.69 ? 128 MSE A CA  1 
HETATM 1052 C  C   . MSE A 1 128 ? -6.401  9.036   12.458  1.00 21.39 ? 128 MSE A C   1 
HETATM 1053 O  O   . MSE A 1 128 ? -6.395  7.882   12.017  1.00 19.78 ? 128 MSE A O   1 
HETATM 1054 C  CB  . MSE A 1 128 ? -7.513  10.905  11.203  1.00 18.63 ? 128 MSE A CB  1 
HETATM 1055 C  CG  . MSE A 1 128 ? -8.816  11.626  10.835  1.00 11.60 ? 128 MSE A CG  1 
HETATM 1056 SE SE  . MSE A 1 128 ? -8.600  12.961  9.642   1.00 3.61  ? 128 MSE A SE  1 
HETATM 1057 C  CE  . MSE A 1 128 ? -8.550  12.027  8.115   1.00 4.33  ? 128 MSE A CE  1 
ATOM   1058 N  N   . ASP A 1 129 ? -5.351  9.584   13.064  1.00 20.82 ? 129 ASP A N   1 
ATOM   1059 C  CA  . ASP A 1 129 ? -4.096  8.855   13.207  1.00 21.97 ? 129 ASP A CA  1 
ATOM   1060 C  C   . ASP A 1 129 ? -4.228  7.608   14.080  1.00 23.48 ? 129 ASP A C   1 
ATOM   1061 O  O   . ASP A 1 129 ? -3.641  6.568   13.771  1.00 25.26 ? 129 ASP A O   1 
ATOM   1062 C  CB  . ASP A 1 129 ? -3.003  9.769   13.769  1.00 21.73 ? 129 ASP A CB  1 
ATOM   1063 C  CG  . ASP A 1 129 ? -1.624  9.139   13.686  1.00 21.89 ? 129 ASP A CG  1 
ATOM   1064 O  OD1 . ASP A 1 129 ? -1.204  8.774   12.569  1.00 26.50 ? 129 ASP A OD1 1 
ATOM   1065 O  OD2 . ASP A 1 129 ? -0.954  9.010   14.728  1.00 25.39 ? 129 ASP A OD2 1 
ATOM   1066 N  N   . ARG A 1 130 ? -4.984  7.709   15.170  1.00 19.26 ? 130 ARG A N   1 
ATOM   1067 C  CA  . ARG A 1 130 ? -5.182  6.562   16.050  1.00 21.20 ? 130 ARG A CA  1 
ATOM   1068 C  C   . ARG A 1 130 ? -6.025  5.498   15.350  1.00 20.70 ? 130 ARG A C   1 
ATOM   1069 O  O   . ARG A 1 130 ? -5.707  4.308   15.403  1.00 19.47 ? 130 ARG A O   1 
ATOM   1070 C  CB  . ARG A 1 130 ? -5.879  6.985   17.344  1.00 26.35 ? 130 ARG A CB  1 
ATOM   1071 C  CG  . ARG A 1 130 ? -5.000  7.750   18.308  1.00 33.75 ? 130 ARG A CG  1 
ATOM   1072 C  CD  . ARG A 1 130 ? -5.747  8.009   19.607  1.00 41.06 ? 130 ARG A CD  1 
ATOM   1073 N  NE  . ARG A 1 130 ? -4.914  8.660   20.613  1.00 42.10 ? 130 ARG A NE  1 
ATOM   1074 C  CZ  . ARG A 1 130 ? -5.337  8.978   21.832  1.00 43.76 ? 130 ARG A CZ  1 
ATOM   1075 N  NH1 . ARG A 1 130 ? -6.583  8.701   22.196  1.00 50.95 ? 130 ARG A NH1 1 
ATOM   1076 N  NH2 . ARG A 1 130 ? -4.521  9.583   22.681  1.00 46.30 ? 130 ARG A NH2 1 
HETATM 1077 N  N   . MSE A 1 131 ? -7.103  5.930   14.702  1.00 14.57 ? 131 MSE A N   1 
HETATM 1078 C  CA  . MSE A 1 131 ? -7.976  5.007   13.989  1.00 13.68 ? 131 MSE A CA  1 
HETATM 1079 C  C   . MSE A 1 131 ? -7.172  4.304   12.900  1.00 14.06 ? 131 MSE A C   1 
HETATM 1080 O  O   . MSE A 1 131 ? -7.259  3.089   12.732  1.00 15.39 ? 131 MSE A O   1 
HETATM 1081 C  CB  . MSE A 1 131 ? -9.163  5.759   13.370  1.00 9.38  ? 131 MSE A CB  1 
HETATM 1082 C  CG  . MSE A 1 131 ? -10.220 6.219   14.372  1.00 3.98  ? 131 MSE A CG  1 
HETATM 1083 SE SE  . MSE A 1 131 ? -11.589 7.126   13.604  1.00 1.68  ? 131 MSE A SE  1 
HETATM 1084 C  CE  . MSE A 1 131 ? -12.303 5.855   12.588  1.00 7.37  ? 131 MSE A CE  1 
ATOM   1085 N  N   . SER A 1 132 ? -6.375  5.080   12.176  1.00 15.94 ? 132 SER A N   1 
ATOM   1086 C  CA  . SER A 1 132 ? -5.550  4.554   11.097  1.00 17.29 ? 132 SER A CA  1 
ATOM   1087 C  C   . SER A 1 132 ? -4.482  3.586   11.627  1.00 19.96 ? 132 SER A C   1 
ATOM   1088 O  O   . SER A 1 132 ? -4.169  2.577   10.985  1.00 22.47 ? 132 SER A O   1 
ATOM   1089 C  CB  . SER A 1 132 ? -4.898  5.713   10.342  1.00 17.19 ? 132 SER A CB  1 
ATOM   1090 O  OG  . SER A 1 132 ? -4.257  5.251   9.170   1.00 33.20 ? 132 SER A OG  1 
ATOM   1091 N  N   . GLN A 1 133 ? -3.923  3.887   12.796  1.00 17.15 ? 133 GLN A N   1 
ATOM   1092 C  CA  . GLN A 1 133 ? -2.919  3.008   13.392  1.00 15.98 ? 133 GLN A CA  1 
ATOM   1093 C  C   . GLN A 1 133 ? -3.556  1.668   13.758  1.00 15.72 ? 133 GLN A C   1 
ATOM   1094 O  O   . GLN A 1 133 ? -2.982  0.604   13.517  1.00 13.99 ? 133 GLN A O   1 
ATOM   1095 C  CB  . GLN A 1 133 ? -2.321  3.646   14.649  1.00 15.86 ? 133 GLN A CB  1 
ATOM   1096 C  CG  . GLN A 1 133 ? -1.418  2.710   15.421  1.00 17.44 ? 133 GLN A CG  1 
ATOM   1097 C  CD  . GLN A 1 133 ? -0.742  3.366   16.611  1.00 20.09 ? 133 GLN A CD  1 
ATOM   1098 O  OE1 . GLN A 1 133 ? -1.201  4.395   17.107  1.00 20.55 ? 133 GLN A OE1 1 
ATOM   1099 N  NE2 . GLN A 1 133 ? 0.346   2.767   17.081  1.00 12.11 ? 133 GLN A NE2 1 
ATOM   1100 N  N   . LYS A 1 134 ? -4.743  1.735   14.352  1.00 17.90 ? 134 LYS A N   1 
ATOM   1101 C  CA  . LYS A 1 134 ? -5.483  0.541   14.746  1.00 20.94 ? 134 LYS A CA  1 
ATOM   1102 C  C   . LYS A 1 134 ? -5.799  -0.293  13.509  1.00 23.40 ? 134 LYS A C   1 
ATOM   1103 O  O   . LYS A 1 134 ? -5.665  -1.518  13.515  1.00 25.09 ? 134 LYS A O   1 
ATOM   1104 C  CB  . LYS A 1 134 ? -6.795  0.935   15.414  1.00 22.34 ? 134 LYS A CB  1 
ATOM   1105 C  CG  . LYS A 1 134 ? -6.660  1.764   16.670  1.00 25.81 ? 134 LYS A CG  1 
ATOM   1106 C  CD  . LYS A 1 134 ? -6.484  0.885   17.882  1.00 32.22 ? 134 LYS A CD  1 
ATOM   1107 C  CE  . LYS A 1 134 ? -6.899  1.619   19.141  1.00 28.25 ? 134 LYS A CE  1 
ATOM   1108 N  NZ  . LYS A 1 134 ? -6.935  0.707   20.308  1.00 26.18 ? 134 LYS A NZ  1 
ATOM   1109 N  N   . GLU A 1 135 ? -6.231  0.389   12.451  1.00 23.06 ? 135 GLU A N   1 
ATOM   1110 C  CA  . GLU A 1 135 ? -6.589  -0.268  11.203  1.00 25.89 ? 135 GLU A CA  1 
ATOM   1111 C  C   . GLU A 1 135 ? -5.399  -0.948  10.539  1.00 24.66 ? 135 GLU A C   1 
ATOM   1112 O  O   . GLU A 1 135 ? -5.510  -2.088  10.090  1.00 27.28 ? 135 GLU A O   1 
ATOM   1113 C  CB  . GLU A 1 135 ? -7.244  0.742   10.258  1.00 27.26 ? 135 GLU A CB  1 
ATOM   1114 C  CG  . GLU A 1 135 ? -8.525  1.322   10.844  1.00 37.99 ? 135 GLU A CG  1 
ATOM   1115 C  CD  . GLU A 1 135 ? -9.337  2.118   9.845   1.00 46.99 ? 135 GLU A CD  1 
ATOM   1116 O  OE1 . GLU A 1 135 ? -9.462  1.660   8.687   1.00 51.99 ? 135 GLU A OE1 1 
ATOM   1117 O  OE2 . GLU A 1 135 ? -9.865  3.190   10.218  1.00 40.12 ? 135 GLU A OE2 1 
ATOM   1118 N  N   . PHE A 1 136 ? -4.259  -0.266  10.477  1.00 26.33 ? 136 PHE A N   1 
ATOM   1119 C  CA  . PHE A 1 136 ? -3.071  -0.867  9.880   1.00 25.21 ? 136 PHE A CA  1 
ATOM   1120 C  C   . PHE A 1 136 ? -2.631  -2.093  10.670  1.00 23.78 ? 136 PHE A C   1 
ATOM   1121 O  O   . PHE A 1 136 ? -2.273  -3.117  10.089  1.00 27.37 ? 136 PHE A O   1 
ATOM   1122 C  CB  . PHE A 1 136 ? -1.908  0.128   9.821   1.00 23.00 ? 136 PHE A CB  1 
ATOM   1123 C  CG  . PHE A 1 136 ? -1.875  0.952   8.564   1.00 24.60 ? 136 PHE A CG  1 
ATOM   1124 C  CD1 . PHE A 1 136 ? -2.465  2.210   8.518   1.00 21.91 ? 136 PHE A CD1 1 
ATOM   1125 C  CD2 . PHE A 1 136 ? -1.249  0.465   7.419   1.00 25.01 ? 136 PHE A CD2 1 
ATOM   1126 C  CE1 . PHE A 1 136 ? -2.435  2.971   7.348   1.00 23.94 ? 136 PHE A CE1 1 
ATOM   1127 C  CE2 . PHE A 1 136 ? -1.214  1.221   6.242   1.00 21.28 ? 136 PHE A CE2 1 
ATOM   1128 C  CZ  . PHE A 1 136 ? -1.807  2.473   6.210   1.00 20.51 ? 136 PHE A CZ  1 
ATOM   1129 N  N   . ASP A 1 137 ? -2.666  -1.989  11.995  1.00 23.35 ? 137 ASP A N   1 
ATOM   1130 C  CA  . ASP A 1 137 ? -2.264  -3.099  12.858  1.00 21.03 ? 137 ASP A CA  1 
ATOM   1131 C  C   . ASP A 1 137 ? -3.172  -4.315  12.737  1.00 22.87 ? 137 ASP A C   1 
ATOM   1132 O  O   . ASP A 1 137 ? -2.706  -5.455  12.795  1.00 25.33 ? 137 ASP A O   1 
ATOM   1133 C  CB  . ASP A 1 137 ? -2.217  -2.654  14.320  1.00 20.27 ? 137 ASP A CB  1 
ATOM   1134 C  CG  . ASP A 1 137 ? -1.020  -1.780  14.621  1.00 17.65 ? 137 ASP A CG  1 
ATOM   1135 O  OD1 . ASP A 1 137 ? -0.105  -1.713  13.773  1.00 18.78 ? 137 ASP A OD1 1 
ATOM   1136 O  OD2 . ASP A 1 137 ? -0.989  -1.166  15.708  1.00 24.64 ? 137 ASP A OD2 1 
ATOM   1137 N  N   . ALA A 1 138 ? -4.470  -4.073  12.576  1.00 21.24 ? 138 ALA A N   1 
ATOM   1138 C  CA  . ALA A 1 138 ? -5.426  -5.163  12.443  1.00 19.39 ? 138 ALA A CA  1 
ATOM   1139 C  C   . ALA A 1 138 ? -5.247  -5.845  11.088  1.00 21.00 ? 138 ALA A C   1 
ATOM   1140 O  O   . ALA A 1 138 ? -5.281  -7.075  10.991  1.00 20.91 ? 138 ALA A O   1 
ATOM   1141 C  CB  . ALA A 1 138 ? -6.841  -4.631  12.584  1.00 12.70 ? 138 ALA A CB  1 
ATOM   1142 N  N   . THR A 1 139 ? -5.050  -5.043  10.046  1.00 20.51 ? 139 THR A N   1 
ATOM   1143 C  CA  . THR A 1 139 ? -4.872  -5.564  8.693   1.00 20.15 ? 139 THR A CA  1 
ATOM   1144 C  C   . THR A 1 139 ? -3.577  -6.356  8.523   1.00 21.34 ? 139 THR A C   1 
ATOM   1145 O  O   . THR A 1 139 ? -3.548  -7.353  7.807   1.00 20.91 ? 139 THR A O   1 
ATOM   1146 C  CB  . THR A 1 139 ? -4.899  -4.426  7.667   1.00 18.28 ? 139 THR A CB  1 
ATOM   1147 O  OG1 . THR A 1 139 ? -6.191  -3.814  7.693   1.00 16.97 ? 139 THR A OG1 1 
ATOM   1148 C  CG2 . THR A 1 139 ? -4.600  -4.948  6.266   1.00 12.67 ? 139 THR A CG2 1 
ATOM   1149 N  N   . VAL A 1 140 ? -2.506  -5.905  9.168   1.00 19.41 ? 140 VAL A N   1 
ATOM   1150 C  CA  . VAL A 1 140 ? -1.235  -6.615  9.092   1.00 20.16 ? 140 VAL A CA  1 
ATOM   1151 C  C   . VAL A 1 140 ? -1.420  -7.951  9.807   1.00 21.97 ? 140 VAL A C   1 
ATOM   1152 O  O   . VAL A 1 140 ? -0.987  -9.005  9.335   1.00 23.27 ? 140 VAL A O   1 
ATOM   1153 C  CB  . VAL A 1 140 ? -0.101  -5.812  9.787   1.00 17.57 ? 140 VAL A CB  1 
ATOM   1154 C  CG1 . VAL A 1 140 ? 1.067   -6.726  10.135  1.00 14.94 ? 140 VAL A CG1 1 
ATOM   1155 C  CG2 . VAL A 1 140 ? 0.382   -4.702  8.869   1.00 18.06 ? 140 VAL A CG2 1 
ATOM   1156 N  N   . ARG A 1 141 ? -2.089  -7.887  10.949  1.00 25.49 ? 141 ARG A N   1 
ATOM   1157 C  CA  . ARG A 1 141 ? -2.352  -9.051  11.781  1.00 25.44 ? 141 ARG A CA  1 
ATOM   1158 C  C   . ARG A 1 141 ? -3.074  -10.160 11.011  1.00 23.89 ? 141 ARG A C   1 
ATOM   1159 O  O   . ARG A 1 141 ? -2.651  -11.318 11.050  1.00 25.10 ? 141 ARG A O   1 
ATOM   1160 C  CB  . ARG A 1 141 ? -3.180  -8.615  12.995  1.00 33.22 ? 141 ARG A CB  1 
ATOM   1161 C  CG  . ARG A 1 141 ? -3.057  -9.490  14.234  1.00 32.87 ? 141 ARG A CG  1 
ATOM   1162 C  CD  . ARG A 1 141 ? -3.575  -10.895 14.010  1.00 41.81 ? 141 ARG A CD  1 
ATOM   1163 N  NE  . ARG A 1 141 ? -3.985  -11.520 15.265  1.00 52.29 ? 141 ARG A NE  1 
ATOM   1164 C  CZ  . ARG A 1 141 ? -5.025  -11.117 15.991  1.00 50.32 ? 141 ARG A CZ  1 
ATOM   1165 N  NH1 . ARG A 1 141 ? -5.760  -10.090 15.582  1.00 50.03 ? 141 ARG A NH1 1 
ATOM   1166 N  NH2 . ARG A 1 141 ? -5.327  -11.732 17.126  1.00 49.28 ? 141 ARG A NH2 1 
ATOM   1167 N  N   . ILE A 1 142 ? -4.149  -9.821  10.303  1.00 17.14 ? 142 ILE A N   1 
ATOM   1168 C  CA  . ILE A 1 142 ? -4.881  -10.845 9.568   1.00 19.84 ? 142 ILE A CA  1 
ATOM   1169 C  C   . ILE A 1 142 ? -4.257  -11.194 8.223   1.00 20.84 ? 142 ILE A C   1 
ATOM   1170 O  O   . ILE A 1 142 ? -4.377  -12.332 7.770   1.00 25.38 ? 142 ILE A O   1 
ATOM   1171 C  CB  . ILE A 1 142 ? -6.391  -10.466 9.370   1.00 21.11 ? 142 ILE A CB  1 
ATOM   1172 C  CG1 . ILE A 1 142 ? -6.670  -10.081 7.919   1.00 20.91 ? 142 ILE A CG1 1 
ATOM   1173 C  CG2 . ILE A 1 142 ? -6.789  -9.353  10.319  1.00 22.33 ? 142 ILE A CG2 1 
ATOM   1174 C  CD1 . ILE A 1 142 ? -7.165  -11.239 7.074   1.00 18.08 ? 142 ILE A CD1 1 
ATOM   1175 N  N   . SER A 1 143 ? -3.588  -10.241 7.579   1.00 19.41 ? 143 SER A N   1 
ATOM   1176 C  CA  . SER A 1 143 ? -2.961  -10.540 6.292   1.00 19.89 ? 143 SER A CA  1 
ATOM   1177 C  C   . SER A 1 143 ? -1.799  -11.513 6.492   1.00 21.02 ? 143 SER A C   1 
ATOM   1178 O  O   . SER A 1 143 ? -1.431  -12.246 5.574   1.00 22.00 ? 143 SER A O   1 
ATOM   1179 C  CB  . SER A 1 143 ? -2.474  -9.262  5.600   1.00 17.09 ? 143 SER A CB  1 
ATOM   1180 O  OG  . SER A 1 143 ? -1.439  -8.631  6.329   1.00 24.02 ? 143 SER A OG  1 
ATOM   1181 N  N   . LYS A 1 144 ? -1.222  -11.527 7.689   1.00 20.84 ? 144 LYS A N   1 
ATOM   1182 C  CA  . LYS A 1 144 ? -0.126  -12.451 7.973   1.00 24.84 ? 144 LYS A CA  1 
ATOM   1183 C  C   . LYS A 1 144 ? -0.676  -13.869 8.061   1.00 24.33 ? 144 LYS A C   1 
ATOM   1184 O  O   . LYS A 1 144 ? -0.077  -14.805 7.537   1.00 29.19 ? 144 LYS A O   1 
ATOM   1185 C  CB  . LYS A 1 144 ? 0.580   -12.091 9.283   1.00 23.73 ? 144 LYS A CB  1 
ATOM   1186 C  CG  . LYS A 1 144 ? 1.570   -10.939 9.166   1.00 27.09 ? 144 LYS A CG  1 
ATOM   1187 C  CD  . LYS A 1 144 ? 2.317   -10.724 10.472  1.00 30.38 ? 144 LYS A CD  1 
ATOM   1188 C  CE  . LYS A 1 144 ? 3.320   -9.583  10.375  1.00 35.50 ? 144 LYS A CE  1 
ATOM   1189 N  NZ  . LYS A 1 144 ? 4.406   -9.861  9.392   1.00 38.84 ? 144 LYS A NZ  1 
ATOM   1190 N  N   . TYR A 1 145 ? -1.819  -14.021 8.719   1.00 24.34 ? 145 TYR A N   1 
ATOM   1191 C  CA  . TYR A 1 145 ? -2.446  -15.329 8.854   1.00 25.06 ? 145 TYR A CA  1 
ATOM   1192 C  C   . TYR A 1 145 ? -2.868  -15.829 7.474   1.00 26.90 ? 145 TYR A C   1 
ATOM   1193 O  O   . TYR A 1 145 ? -2.860  -17.030 7.203   1.00 28.48 ? 145 TYR A O   1 
ATOM   1194 C  CB  . TYR A 1 145 ? -3.658  -15.242 9.785   1.00 23.30 ? 145 TYR A CB  1 
ATOM   1195 C  CG  . TYR A 1 145 ? -4.417  -16.544 9.920   1.00 25.57 ? 145 TYR A CG  1 
ATOM   1196 C  CD1 . TYR A 1 145 ? -5.670  -16.705 9.328   1.00 25.67 ? 145 TYR A CD1 1 
ATOM   1197 C  CD2 . TYR A 1 145 ? -3.870  -17.624 10.611  1.00 23.51 ? 145 TYR A CD2 1 
ATOM   1198 C  CE1 . TYR A 1 145 ? -6.357  -17.912 9.418   1.00 23.19 ? 145 TYR A CE1 1 
ATOM   1199 C  CE2 . TYR A 1 145 ? -4.547  -18.833 10.708  1.00 23.62 ? 145 TYR A CE2 1 
ATOM   1200 C  CZ  . TYR A 1 145 ? -5.791  -18.971 10.108  1.00 27.12 ? 145 TYR A CZ  1 
ATOM   1201 O  OH  . TYR A 1 145 ? -6.466  -20.165 10.193  1.00 28.67 ? 145 TYR A OH  1 
ATOM   1202 N  N   . ILE A 1 146 ? -3.234  -14.896 6.602   1.00 30.36 ? 146 ILE A N   1 
ATOM   1203 C  CA  . ILE A 1 146 ? -3.642  -15.223 5.239   1.00 30.04 ? 146 ILE A CA  1 
ATOM   1204 C  C   . ILE A 1 146 ? -2.414  -15.707 4.487   1.00 31.23 ? 146 ILE A C   1 
ATOM   1205 O  O   . ILE A 1 146 ? -2.455  -16.695 3.755   1.00 31.55 ? 146 ILE A O   1 
ATOM   1206 C  CB  . ILE A 1 146 ? -4.186  -13.979 4.502   1.00 26.20 ? 146 ILE A CB  1 
ATOM   1207 C  CG1 . ILE A 1 146 ? -5.450  -13.472 5.195   1.00 26.36 ? 146 ILE A CG1 1 
ATOM   1208 C  CG2 . ILE A 1 146 ? -4.441  -14.308 3.041   1.00 23.61 ? 146 ILE A CG2 1 
ATOM   1209 C  CD1 . ILE A 1 146 ? -6.555  -14.474 5.243   1.00 23.21 ? 146 ILE A CD1 1 
ATOM   1210 N  N   . GLU A 1 147 ? -1.324  -14.981 4.687   1.00 31.50 ? 147 GLU A N   1 
ATOM   1211 C  CA  . GLU A 1 147 ? -0.049  -15.264 4.053   1.00 33.65 ? 147 GLU A CA  1 
ATOM   1212 C  C   . GLU A 1 147 ? 0.418   -16.699 4.299   1.00 33.62 ? 147 GLU A C   1 
ATOM   1213 O  O   . GLU A 1 147 ? 1.001   -17.327 3.417   1.00 38.80 ? 147 GLU A O   1 
ATOM   1214 C  CB  . GLU A 1 147 ? 0.982   -14.258 4.572   1.00 36.48 ? 147 GLU A CB  1 
ATOM   1215 C  CG  . GLU A 1 147 ? 2.343   -14.303 3.917   1.00 40.20 ? 147 GLU A CG  1 
ATOM   1216 C  CD  . GLU A 1 147 ? 3.196   -13.110 4.318   1.00 47.95 ? 147 GLU A CD  1 
ATOM   1217 O  OE1 . GLU A 1 147 ? 3.210   -12.759 5.519   1.00 43.11 ? 147 GLU A OE1 1 
ATOM   1218 O  OE2 . GLU A 1 147 ? 3.857   -12.524 3.434   1.00 54.33 ? 147 GLU A OE2 1 
ATOM   1219 N  N   . GLU A 1 148 ? 0.149   -17.226 5.488   1.00 34.04 ? 148 GLU A N   1 
ATOM   1220 C  CA  . GLU A 1 148 ? 0.567   -18.586 5.810   1.00 35.14 ? 148 GLU A CA  1 
ATOM   1221 C  C   . GLU A 1 148 ? -0.467  -19.630 5.395   1.00 33.86 ? 148 GLU A C   1 
ATOM   1222 O  O   . GLU A 1 148 ? -0.186  -20.828 5.408   1.00 34.33 ? 148 GLU A O   1 
ATOM   1223 C  CB  . GLU A 1 148 ? 0.863   -18.721 7.312   1.00 38.12 ? 148 GLU A CB  1 
ATOM   1224 C  CG  . GLU A 1 148 ? -0.347  -18.578 8.224   1.00 40.60 ? 148 GLU A CG  1 
ATOM   1225 C  CD  . GLU A 1 148 ? -0.033  -18.947 9.670   1.00 46.43 ? 148 GLU A CD  1 
ATOM   1226 O  OE1 . GLU A 1 148 ? 0.905   -18.353 10.244  1.00 45.76 ? 148 GLU A OE1 1 
ATOM   1227 O  OE2 . GLU A 1 148 ? -0.720  -19.827 10.232  1.00 39.55 ? 148 GLU A OE2 1 
ATOM   1228 N  N   . LYS A 1 149 ? -1.659  -19.174 5.027   1.00 33.07 ? 149 LYS A N   1 
ATOM   1229 C  CA  . LYS A 1 149 ? -2.725  -20.076 4.609   1.00 32.35 ? 149 LYS A CA  1 
ATOM   1230 C  C   . LYS A 1 149 ? -3.014  -19.947 3.116   1.00 31.74 ? 149 LYS A C   1 
ATOM   1231 O  O   . LYS A 1 149 ? -4.089  -20.324 2.650   1.00 29.46 ? 149 LYS A O   1 
ATOM   1232 C  CB  . LYS A 1 149 ? -4.001  -19.791 5.408   1.00 33.65 ? 149 LYS A CB  1 
ATOM   1233 C  CG  . LYS A 1 149 ? -4.385  -20.870 6.414   1.00 33.81 ? 149 LYS A CG  1 
ATOM   1234 C  CD  . LYS A 1 149 ? -3.344  -21.048 7.511   1.00 38.03 ? 149 LYS A CD  1 
ATOM   1235 C  CE  . LYS A 1 149 ? -3.790  -22.106 8.517   1.00 42.19 ? 149 LYS A CE  1 
ATOM   1236 N  NZ  . LYS A 1 149 ? -2.757  -22.400 9.550   1.00 38.66 ? 149 LYS A NZ  1 
ATOM   1237 N  N   . GLU A 1 150 ? -2.047  -19.423 2.369   1.00 34.70 ? 150 GLU A N   1 
ATOM   1238 C  CA  . GLU A 1 150 ? -2.199  -19.238 0.929   1.00 36.93 ? 150 GLU A CA  1 
ATOM   1239 C  C   . GLU A 1 150 ? -2.608  -20.484 0.150   1.00 38.10 ? 150 GLU A C   1 
ATOM   1240 O  O   . GLU A 1 150 ? -3.401  -20.396 -0.786  1.00 44.34 ? 150 GLU A O   1 
ATOM   1241 C  CB  . GLU A 1 150 ? -0.911  -18.669 0.327   1.00 33.93 ? 150 GLU A CB  1 
ATOM   1242 C  CG  . GLU A 1 150 ? -0.818  -17.154 0.390   1.00 39.71 ? 150 GLU A CG  1 
ATOM   1243 C  CD  . GLU A 1 150 ? 0.430   -16.614 -0.280  1.00 40.86 ? 150 GLU A CD  1 
ATOM   1244 O  OE1 . GLU A 1 150 ? 0.676   -16.964 -1.457  1.00 43.46 ? 150 GLU A OE1 1 
ATOM   1245 O  OE2 . GLU A 1 150 ? 1.163   -15.838 0.368   1.00 35.00 ? 150 GLU A OE2 1 
ATOM   1246 N  N   . ASP A 1 151 ? -2.074  -21.643 0.525   1.00 37.74 ? 151 ASP A N   1 
ATOM   1247 C  CA  . ASP A 1 151 ? -2.412  -22.882 -0.173  1.00 38.54 ? 151 ASP A CA  1 
ATOM   1248 C  C   . ASP A 1 151 ? -3.909  -23.170 -0.168  1.00 37.00 ? 151 ASP A C   1 
ATOM   1249 O  O   . ASP A 1 151 ? -4.443  -23.758 -1.108  1.00 38.38 ? 151 ASP A O   1 
ATOM   1250 C  CB  . ASP A 1 151 ? -1.671  -24.069 0.445   1.00 39.16 ? 151 ASP A CB  1 
ATOM   1251 C  CG  . ASP A 1 151 ? -0.222  -24.135 0.018   1.00 48.19 ? 151 ASP A CG  1 
ATOM   1252 O  OD1 . ASP A 1 151 ? 0.125   -23.542 -1.029  1.00 50.88 ? 151 ASP A OD1 1 
ATOM   1253 O  OD2 . ASP A 1 151 ? 0.569   -24.792 0.728   1.00 51.80 ? 151 ASP A OD2 1 
ATOM   1254 N  N   . ALA A 1 152 ? -4.583  -22.756 0.897   1.00 35.00 ? 152 ALA A N   1 
ATOM   1255 C  CA  . ALA A 1 152 ? -6.016  -22.983 1.027   1.00 34.16 ? 152 ALA A CA  1 
ATOM   1256 C  C   . ALA A 1 152 ? -6.856  -21.980 0.236   1.00 31.86 ? 152 ALA A C   1 
ATOM   1257 O  O   . ALA A 1 152 ? -8.073  -22.125 0.147   1.00 33.81 ? 152 ALA A O   1 
ATOM   1258 C  CB  . ALA A 1 152 ? -6.409  -22.940 2.497   1.00 36.61 ? 152 ALA A CB  1 
ATOM   1259 N  N   . LEU A 1 153 ? -6.210  -20.976 -0.348  1.00 32.30 ? 153 LEU A N   1 
ATOM   1260 C  CA  . LEU A 1 153 ? -6.919  -19.949 -1.108  1.00 35.19 ? 153 LEU A CA  1 
ATOM   1261 C  C   . LEU A 1 153 ? -6.577  -19.898 -2.595  1.00 37.07 ? 153 LEU A C   1 
ATOM   1262 O  O   . LEU A 1 153 ? -7.026  -18.999 -3.308  1.00 37.83 ? 153 LEU A O   1 
ATOM   1263 C  CB  . LEU A 1 153 ? -6.657  -18.573 -0.489  1.00 36.84 ? 153 LEU A CB  1 
ATOM   1264 C  CG  . LEU A 1 153 ? -7.453  -18.176 0.759   1.00 38.63 ? 153 LEU A CG  1 
ATOM   1265 C  CD1 . LEU A 1 153 ? -7.286  -19.212 1.851   1.00 38.98 ? 153 LEU A CD1 1 
ATOM   1266 C  CD2 . LEU A 1 153 ? -6.977  -16.817 1.234   1.00 37.14 ? 153 LEU A CD2 1 
ATOM   1267 N  N   . LYS A 1 154 ? -5.791  -20.858 -3.067  1.00 37.34 ? 154 LYS A N   1 
ATOM   1268 C  CA  . LYS A 1 154 ? -5.401  -20.886 -4.472  1.00 41.58 ? 154 LYS A CA  1 
ATOM   1269 C  C   . LYS A 1 154 ? -6.570  -20.736 -5.444  1.00 41.85 ? 154 LYS A C   1 
ATOM   1270 O  O   . LYS A 1 154 ? -6.395  -20.261 -6.565  1.00 45.07 ? 154 LYS A O   1 
ATOM   1271 C  CB  . LYS A 1 154 ? -4.630  -22.176 -4.772  1.00 41.91 ? 154 LYS A CB  1 
ATOM   1272 C  CG  . LYS A 1 154 ? -5.148  -23.399 -4.028  1.00 46.13 ? 154 LYS A CG  1 
ATOM   1273 C  CD  . LYS A 1 154 ? -4.190  -24.579 -4.163  1.00 48.67 ? 154 LYS A CD  1 
ATOM   1274 C  CE  . LYS A 1 154 ? -4.199  -25.166 -5.566  1.00 45.37 ? 154 LYS A CE  1 
ATOM   1275 N  NZ  . LYS A 1 154 ? -5.521  -25.768 -5.886  1.00 41.25 ? 154 LYS A NZ  1 
ATOM   1276 N  N   . ASP A 1 155 ? -7.763  -21.117 -5.003  1.00 41.60 ? 155 ASP A N   1 
ATOM   1277 C  CA  . ASP A 1 155 ? -8.950  -21.041 -5.846  1.00 39.88 ? 155 ASP A CA  1 
ATOM   1278 C  C   . ASP A 1 155 ? -9.711  -19.717 -5.805  1.00 40.16 ? 155 ASP A C   1 
ATOM   1279 O  O   . ASP A 1 155 ? -10.848 -19.643 -6.279  1.00 42.13 ? 155 ASP A O   1 
ATOM   1280 C  CB  . ASP A 1 155 ? -9.897  -22.198 -5.501  1.00 45.06 ? 155 ASP A CB  1 
ATOM   1281 C  CG  . ASP A 1 155 ? -10.013 -22.441 -4.000  1.00 49.29 ? 155 ASP A CG  1 
ATOM   1282 O  OD1 . ASP A 1 155 ? -8.970  -22.605 -3.331  1.00 46.76 ? 155 ASP A OD1 1 
ATOM   1283 O  OD2 . ASP A 1 155 ? -11.151 -22.480 -3.489  1.00 54.08 ? 155 ASP A OD2 1 
ATOM   1284 N  N   . PHE A 1 156 ? -9.094  -18.673 -5.254  1.00 37.14 ? 156 PHE A N   1 
ATOM   1285 C  CA  . PHE A 1 156 ? -9.749  -17.368 -5.179  1.00 32.79 ? 156 PHE A CA  1 
ATOM   1286 C  C   . PHE A 1 156 ? -8.947  -16.241 -5.823  1.00 30.70 ? 156 PHE A C   1 
ATOM   1287 O  O   . PHE A 1 156 ? -7.714  -16.278 -5.856  1.00 28.46 ? 156 PHE A O   1 
ATOM   1288 C  CB  . PHE A 1 156 ? -10.051 -16.994 -3.723  1.00 30.81 ? 156 PHE A CB  1 
ATOM   1289 C  CG  . PHE A 1 156 ? -10.973 -17.953 -3.032  1.00 31.20 ? 156 PHE A CG  1 
ATOM   1290 C  CD1 . PHE A 1 156 ? -10.469 -19.067 -2.371  1.00 31.08 ? 156 PHE A CD1 1 
ATOM   1291 C  CD2 . PHE A 1 156 ? -12.350 -17.758 -3.065  1.00 27.89 ? 156 PHE A CD2 1 
ATOM   1292 C  CE1 . PHE A 1 156 ? -11.323 -19.976 -1.749  1.00 28.89 ? 156 PHE A CE1 1 
ATOM   1293 C  CE2 . PHE A 1 156 ? -13.211 -18.659 -2.449  1.00 28.12 ? 156 PHE A CE2 1 
ATOM   1294 C  CZ  . PHE A 1 156 ? -12.694 -19.772 -1.789  1.00 27.39 ? 156 PHE A CZ  1 
ATOM   1295 N  N   . SER A 1 157 ? -9.654  -15.237 -6.334  1.00 25.35 ? 157 SER A N   1 
ATOM   1296 C  CA  . SER A 1 157 ? -8.995  -14.099 -6.960  1.00 26.97 ? 157 SER A CA  1 
ATOM   1297 C  C   . SER A 1 157 ? -8.368  -13.254 -5.864  1.00 27.94 ? 157 SER A C   1 
ATOM   1298 O  O   . SER A 1 157 ? -8.832  -13.256 -4.724  1.00 30.34 ? 157 SER A O   1 
ATOM   1299 C  CB  . SER A 1 157 ? -9.997  -13.250 -7.743  1.00 28.57 ? 157 SER A CB  1 
ATOM   1300 O  OG  . SER A 1 157 ? -10.849 -12.523 -6.873  1.00 32.12 ? 157 SER A OG  1 
ATOM   1301 N  N   . ASN A 1 158 ? -7.311  -12.527 -6.205  1.00 28.52 ? 158 ASN A N   1 
ATOM   1302 C  CA  . ASN A 1 158 ? -6.655  -11.681 -5.221  1.00 27.65 ? 158 ASN A CA  1 
ATOM   1303 C  C   . ASN A 1 158 ? -7.583  -10.559 -4.758  1.00 25.77 ? 158 ASN A C   1 
ATOM   1304 O  O   . ASN A 1 158 ? -7.444  -10.048 -3.646  1.00 23.22 ? 158 ASN A O   1 
ATOM   1305 C  CB  . ASN A 1 158 ? -5.362  -11.106 -5.796  1.00 27.93 ? 158 ASN A CB  1 
ATOM   1306 C  CG  . ASN A 1 158 ? -4.337  -12.181 -6.100  1.00 32.85 ? 158 ASN A CG  1 
ATOM   1307 O  OD1 . ASN A 1 158 ? -4.155  -13.118 -5.322  1.00 33.40 ? 158 ASN A OD1 1 
ATOM   1308 N  ND2 . ASN A 1 158 ? -3.654  -12.045 -7.231  1.00 35.82 ? 158 ASN A ND2 1 
ATOM   1309 N  N   . GLU A 1 159 ? -8.528  -10.181 -5.614  1.00 26.84 ? 159 GLU A N   1 
ATOM   1310 C  CA  . GLU A 1 159 ? -9.490  -9.138  -5.279  1.00 28.50 ? 159 GLU A CA  1 
ATOM   1311 C  C   . GLU A 1 159 ? -10.398 -9.611  -4.146  1.00 29.47 ? 159 GLU A C   1 
ATOM   1312 O  O   . GLU A 1 159 ? -10.627 -8.878  -3.184  1.00 27.59 ? 159 GLU A O   1 
ATOM   1313 C  CB  . GLU A 1 159 ? -10.340 -8.773  -6.499  1.00 33.91 ? 159 GLU A CB  1 
ATOM   1314 C  CG  . GLU A 1 159 ? -11.730 -8.252  -6.141  1.00 42.29 ? 159 GLU A CG  1 
ATOM   1315 C  CD  . GLU A 1 159 ? -12.479 -7.697  -7.336  1.00 45.64 ? 159 GLU A CD  1 
ATOM   1316 O  OE1 . GLU A 1 159 ? -12.131 -6.590  -7.793  1.00 46.41 ? 159 GLU A OE1 1 
ATOM   1317 O  OE2 . GLU A 1 159 ? -13.415 -8.371  -7.820  1.00 47.17 ? 159 GLU A OE2 1 
ATOM   1318 N  N   . ASP A 1 160 ? -10.914 -10.833 -4.267  1.00 25.93 ? 160 ASP A N   1 
ATOM   1319 C  CA  . ASP A 1 160 ? -11.789 -11.395 -3.239  1.00 25.16 ? 160 ASP A CA  1 
ATOM   1320 C  C   . ASP A 1 160 ? -11.036 -11.552 -1.927  1.00 21.80 ? 160 ASP A C   1 
ATOM   1321 O  O   . ASP A 1 160 ? -11.578 -11.295 -0.849  1.00 18.12 ? 160 ASP A O   1 
ATOM   1322 C  CB  . ASP A 1 160 ? -12.335 -12.760 -3.667  1.00 27.88 ? 160 ASP A CB  1 
ATOM   1323 C  CG  . ASP A 1 160 ? -13.239 -12.674 -4.880  1.00 36.67 ? 160 ASP A CG  1 
ATOM   1324 O  OD1 . ASP A 1 160 ? -14.094 -11.765 -4.913  1.00 35.00 ? 160 ASP A OD1 1 
ATOM   1325 O  OD2 . ASP A 1 160 ? -13.102 -13.520 -5.794  1.00 32.83 ? 160 ASP A OD2 1 
ATOM   1326 N  N   . ILE A 1 161 ? -9.784  -11.987 -2.029  1.00 20.55 ? 161 ILE A N   1 
ATOM   1327 C  CA  . ILE A 1 161 ? -8.943  -12.187 -0.859  1.00 21.11 ? 161 ILE A CA  1 
ATOM   1328 C  C   . ILE A 1 161 ? -8.713  -10.852 -0.167  1.00 20.80 ? 161 ILE A C   1 
ATOM   1329 O  O   . ILE A 1 161 ? -8.800  -10.755 1.057   1.00 22.61 ? 161 ILE A O   1 
ATOM   1330 C  CB  . ILE A 1 161 ? -7.593  -12.811 -1.259  1.00 25.08 ? 161 ILE A CB  1 
ATOM   1331 C  CG1 . ILE A 1 161 ? -7.836  -14.189 -1.878  1.00 21.80 ? 161 ILE A CG1 1 
ATOM   1332 C  CG2 . ILE A 1 161 ? -6.678  -12.916 -0.042  1.00 23.25 ? 161 ILE A CG2 1 
ATOM   1333 C  CD1 . ILE A 1 161 ? -6.610  -14.814 -2.498  1.00 24.79 ? 161 ILE A CD1 1 
ATOM   1334 N  N   . ILE A 1 162 ? -8.429  -9.825  -0.962  1.00 20.65 ? 162 ILE A N   1 
ATOM   1335 C  CA  . ILE A 1 162 ? -8.205  -8.483  -0.439  1.00 16.83 ? 162 ILE A CA  1 
ATOM   1336 C  C   . ILE A 1 162 ? -9.436  -8.001  0.318   1.00 18.25 ? 162 ILE A C   1 
ATOM   1337 O  O   . ILE A 1 162 ? -9.330  -7.524  1.447   1.00 19.00 ? 162 ILE A O   1 
ATOM   1338 C  CB  . ILE A 1 162 ? -7.898  -7.486  -1.577  1.00 17.13 ? 162 ILE A CB  1 
ATOM   1339 C  CG1 . ILE A 1 162 ? -6.471  -7.702  -2.090  1.00 23.04 ? 162 ILE A CG1 1 
ATOM   1340 C  CG2 . ILE A 1 162 ? -8.104  -6.060  -1.090  1.00 12.42 ? 162 ILE A CG2 1 
ATOM   1341 C  CD1 . ILE A 1 162 ? -6.096  -6.837  -3.297  1.00 11.22 ? 162 ILE A CD1 1 
ATOM   1342 N  N   . HIS A 1 163 ? -10.603 -8.122  -0.307  1.00 20.62 ? 163 HIS A N   1 
ATOM   1343 C  CA  . HIS A 1 163 ? -11.846 -7.693  0.325   1.00 25.60 ? 163 HIS A CA  1 
ATOM   1344 C  C   . HIS A 1 163 ? -12.191 -8.525  1.552   1.00 23.39 ? 163 HIS A C   1 
ATOM   1345 O  O   . HIS A 1 163 ? -12.842 -8.040  2.474   1.00 23.97 ? 163 HIS A O   1 
ATOM   1346 C  CB  . HIS A 1 163 ? -13.001 -7.736  -0.676  1.00 27.79 ? 163 HIS A CB  1 
ATOM   1347 C  CG  . HIS A 1 163 ? -12.997 -6.594  -1.636  1.00 37.74 ? 163 HIS A CG  1 
ATOM   1348 N  ND1 . HIS A 1 163 ? -12.509 -6.701  -2.923  1.00 40.39 ? 163 HIS A ND1 1 
ATOM   1349 C  CD2 . HIS A 1 163 ? -13.404 -5.312  -1.496  1.00 41.57 ? 163 HIS A CD2 1 
ATOM   1350 C  CE1 . HIS A 1 163 ? -12.619 -5.535  -3.530  1.00 40.08 ? 163 HIS A CE1 1 
ATOM   1351 N  NE2 . HIS A 1 163 ? -13.160 -4.673  -2.687  1.00 45.54 ? 163 HIS A NE2 1 
ATOM   1352 N  N   . ALA A 1 164 ? -11.757 -9.779  1.563   1.00 21.27 ? 164 ALA A N   1 
ATOM   1353 C  CA  . ALA A 1 164 ? -12.020 -10.649 2.702   1.00 20.11 ? 164 ALA A CA  1 
ATOM   1354 C  C   . ALA A 1 164 ? -11.226 -10.152 3.903   1.00 17.18 ? 164 ALA A C   1 
ATOM   1355 O  O   . ALA A 1 164 ? -11.724 -10.132 5.028   1.00 16.93 ? 164 ALA A O   1 
ATOM   1356 C  CB  . ALA A 1 164 ? -11.628 -12.083 2.371   1.00 22.31 ? 164 ALA A CB  1 
ATOM   1357 N  N   . ILE A 1 165 ? -9.983  -9.759  3.648   1.00 17.44 ? 165 ILE A N   1 
ATOM   1358 C  CA  . ILE A 1 165 ? -9.101  -9.257  4.694   1.00 16.15 ? 165 ILE A CA  1 
ATOM   1359 C  C   . ILE A 1 165 ? -9.702  -8.008  5.332   1.00 16.41 ? 165 ILE A C   1 
ATOM   1360 O  O   . ILE A 1 165 ? -9.609  -7.811  6.542   1.00 19.63 ? 165 ILE A O   1 
ATOM   1361 C  CB  . ILE A 1 165 ? -7.709  -8.944  4.117   1.00 17.20 ? 165 ILE A CB  1 
ATOM   1362 C  CG1 . ILE A 1 165 ? -7.029  -10.254 3.698   1.00 17.54 ? 165 ILE A CG1 1 
ATOM   1363 C  CG2 . ILE A 1 165 ? -6.874  -8.188  5.133   1.00 10.14 ? 165 ILE A CG2 1 
ATOM   1364 C  CD1 . ILE A 1 165 ? -5.706  -10.075 2.983   1.00 14.26 ? 165 ILE A CD1 1 
ATOM   1365 N  N   . GLU A 1 166 ? -10.329 -7.175  4.511   1.00 15.35 ? 166 GLU A N   1 
ATOM   1366 C  CA  . GLU A 1 166 ? -10.966 -5.958  4.996   1.00 19.19 ? 166 GLU A CA  1 
ATOM   1367 C  C   . GLU A 1 166 ? -12.044 -6.313  6.015   1.00 20.66 ? 166 GLU A C   1 
ATOM   1368 O  O   . GLU A 1 166 ? -12.096 -5.730  7.100   1.00 21.18 ? 166 GLU A O   1 
ATOM   1369 C  CB  . GLU A 1 166 ? -11.601 -5.191  3.832   1.00 20.44 ? 166 GLU A CB  1 
ATOM   1370 C  CG  . GLU A 1 166 ? -10.611 -4.716  2.791   1.00 35.91 ? 166 GLU A CG  1 
ATOM   1371 C  CD  . GLU A 1 166 ? -11.292 -4.177  1.550   1.00 48.24 ? 166 GLU A CD  1 
ATOM   1372 O  OE1 . GLU A 1 166 ? -12.124 -3.252  1.679   1.00 52.49 ? 166 GLU A OE1 1 
ATOM   1373 O  OE2 . GLU A 1 166 ? -10.995 -4.680  0.445   1.00 56.77 ? 166 GLU A OE2 1 
ATOM   1374 N  N   . TRP A 1 167 ? -12.906 -7.264  5.656   1.00 19.54 ? 167 TRP A N   1 
ATOM   1375 C  CA  . TRP A 1 167 ? -13.985 -7.701  6.539   1.00 17.65 ? 167 TRP A CA  1 
ATOM   1376 C  C   . TRP A 1 167 ? -13.446 -8.301  7.833   1.00 16.56 ? 167 TRP A C   1 
ATOM   1377 O  O   . TRP A 1 167 ? -13.898 -7.954  8.923   1.00 18.09 ? 167 TRP A O   1 
ATOM   1378 C  CB  . TRP A 1 167 ? -14.875 -8.730  5.833   1.00 20.04 ? 167 TRP A CB  1 
ATOM   1379 C  CG  . TRP A 1 167 ? -15.819 -8.141  4.827   1.00 17.33 ? 167 TRP A CG  1 
ATOM   1380 C  CD1 . TRP A 1 167 ? -15.690 -8.154  3.468   1.00 17.54 ? 167 TRP A CD1 1 
ATOM   1381 C  CD2 . TRP A 1 167 ? -17.039 -7.444  5.106   1.00 19.86 ? 167 TRP A CD2 1 
ATOM   1382 N  NE1 . TRP A 1 167 ? -16.753 -7.507  2.883   1.00 13.87 ? 167 TRP A NE1 1 
ATOM   1383 C  CE2 . TRP A 1 167 ? -17.596 -7.061  3.867   1.00 16.31 ? 167 TRP A CE2 1 
ATOM   1384 C  CE3 . TRP A 1 167 ? -17.715 -7.104  6.288   1.00 17.84 ? 167 TRP A CE3 1 
ATOM   1385 C  CZ2 . TRP A 1 167 ? -18.800 -6.358  3.773   1.00 18.58 ? 167 TRP A CZ2 1 
ATOM   1386 C  CZ3 . TRP A 1 167 ? -18.911 -6.407  6.196   1.00 17.35 ? 167 TRP A CZ3 1 
ATOM   1387 C  CH2 . TRP A 1 167 ? -19.441 -6.040  4.945   1.00 19.78 ? 167 TRP A CH2 1 
ATOM   1388 N  N   . LEU A 1 168 ? -12.481 -9.207  7.710   1.00 16.10 ? 168 LEU A N   1 
ATOM   1389 C  CA  . LEU A 1 168 ? -11.884 -9.840  8.881   1.00 19.71 ? 168 LEU A CA  1 
ATOM   1390 C  C   . LEU A 1 168 ? -11.212 -8.778  9.738   1.00 19.20 ? 168 LEU A C   1 
ATOM   1391 O  O   . LEU A 1 168 ? -11.259 -8.825  10.964  1.00 22.01 ? 168 LEU A O   1 
ATOM   1392 C  CB  . LEU A 1 168 ? -10.855 -10.886 8.452   1.00 20.34 ? 168 LEU A CB  1 
ATOM   1393 C  CG  . LEU A 1 168 ? -11.390 -12.112 7.710   1.00 21.39 ? 168 LEU A CG  1 
ATOM   1394 C  CD1 . LEU A 1 168 ? -10.233 -12.973 7.225   1.00 20.76 ? 168 LEU A CD1 1 
ATOM   1395 C  CD2 . LEU A 1 168 ? -12.289 -12.911 8.638   1.00 24.24 ? 168 LEU A CD2 1 
ATOM   1396 N  N   . SER A 1 169 ? -10.587 -7.816  9.074   1.00 21.83 ? 169 SER A N   1 
ATOM   1397 C  CA  . SER A 1 169 ? -9.905  -6.725  9.752   1.00 24.16 ? 169 SER A CA  1 
ATOM   1398 C  C   . SER A 1 169 ? -10.917 -5.817  10.444  1.00 22.76 ? 169 SER A C   1 
ATOM   1399 O  O   . SER A 1 169 ? -10.681 -5.342  11.556  1.00 25.11 ? 169 SER A O   1 
ATOM   1400 C  CB  . SER A 1 169 ? -9.087  -5.916  8.744   1.00 21.35 ? 169 SER A CB  1 
ATOM   1401 O  OG  . SER A 1 169 ? -8.502  -4.787  9.362   1.00 32.39 ? 169 SER A OG  1 
ATOM   1402 N  N   . THR A 1 170 ? -12.044 -5.583  9.779   1.00 23.43 ? 170 THR A N   1 
ATOM   1403 C  CA  . THR A 1 170 ? -13.104 -4.742  10.323  1.00 20.02 ? 170 THR A CA  1 
ATOM   1404 C  C   . THR A 1 170 ? -13.715 -5.405  11.550  1.00 20.11 ? 170 THR A C   1 
ATOM   1405 O  O   . THR A 1 170 ? -13.998 -4.741  12.546  1.00 19.47 ? 170 THR A O   1 
ATOM   1406 C  CB  . THR A 1 170 ? -14.213 -4.490  9.278   1.00 23.48 ? 170 THR A CB  1 
ATOM   1407 O  OG1 . THR A 1 170 ? -13.681 -3.705  8.204   1.00 23.32 ? 170 THR A OG1 1 
ATOM   1408 C  CG2 . THR A 1 170 ? -15.391 -3.749  9.905   1.00 15.68 ? 170 THR A CG2 1 
ATOM   1409 N  N   . ALA A 1 171 ? -13.919 -6.716  11.472  1.00 21.75 ? 171 ALA A N   1 
ATOM   1410 C  CA  . ALA A 1 171 ? -14.483 -7.463  12.592  1.00 23.94 ? 171 ALA A CA  1 
ATOM   1411 C  C   . ALA A 1 171 ? -13.549 -7.326  13.790  1.00 25.37 ? 171 ALA A C   1 
ATOM   1412 O  O   . ALA A 1 171 ? -13.995 -7.302  14.940  1.00 23.84 ? 171 ALA A O   1 
ATOM   1413 C  CB  . ALA A 1 171 ? -14.642 -8.924  12.219  1.00 18.24 ? 171 ALA A CB  1 
ATOM   1414 N  N   . GLU A 1 172 ? -12.251 -7.235  13.507  1.00 26.22 ? 172 GLU A N   1 
ATOM   1415 C  CA  . GLU A 1 172 ? -11.238 -7.081  14.549  1.00 27.62 ? 172 GLU A CA  1 
ATOM   1416 C  C   . GLU A 1 172 ? -11.400 -5.735  15.249  1.00 26.20 ? 172 GLU A C   1 
ATOM   1417 O  O   . GLU A 1 172 ? -11.573 -5.672  16.466  1.00 26.19 ? 172 GLU A O   1 
ATOM   1418 C  CB  . GLU A 1 172 ? -9.840  -7.178  13.938  1.00 29.16 ? 172 GLU A CB  1 
ATOM   1419 C  CG  . GLU A 1 172 ? -9.081  -8.432  14.332  1.00 35.56 ? 172 GLU A CG  1 
ATOM   1420 C  CD  . GLU A 1 172 ? -8.547  -8.359  15.747  1.00 39.48 ? 172 GLU A CD  1 
ATOM   1421 O  OE1 . GLU A 1 172 ? -7.632  -7.543  15.993  1.00 41.88 ? 172 GLU A OE1 1 
ATOM   1422 O  OE2 . GLU A 1 172 ? -9.043  -9.110  16.615  1.00 42.36 ? 172 GLU A OE2 1 
ATOM   1423 N  N   . LEU A 1 173 ? -11.354 -4.661  14.467  1.00 24.56 ? 173 LEU A N   1 
ATOM   1424 C  CA  . LEU A 1 173 ? -11.501 -3.318  15.010  1.00 20.55 ? 173 LEU A CA  1 
ATOM   1425 C  C   . LEU A 1 173 ? -12.788 -3.199  15.828  1.00 20.17 ? 173 LEU A C   1 
ATOM   1426 O  O   . LEU A 1 173 ? -12.835 -2.484  16.829  1.00 18.59 ? 173 LEU A O   1 
ATOM   1427 C  CB  . LEU A 1 173 ? -11.503 -2.298  13.869  1.00 21.42 ? 173 LEU A CB  1 
ATOM   1428 C  CG  . LEU A 1 173 ? -10.186 -2.175  13.085  1.00 24.65 ? 173 LEU A CG  1 
ATOM   1429 C  CD1 . LEU A 1 173 ? -10.396 -1.338  11.828  1.00 17.13 ? 173 LEU A CD1 1 
ATOM   1430 C  CD2 . LEU A 1 173 ? -9.118  -1.552  13.975  1.00 17.91 ? 173 LEU A CD2 1 
ATOM   1431 N  N   . ALA A 1 174 ? -13.821 -3.923  15.404  1.00 19.61 ? 174 ALA A N   1 
ATOM   1432 C  CA  . ALA A 1 174 ? -15.117 -3.905  16.075  1.00 18.80 ? 174 ALA A CA  1 
ATOM   1433 C  C   . ALA A 1 174 ? -15.071 -4.466  17.496  1.00 22.44 ? 174 ALA A C   1 
ATOM   1434 O  O   . ALA A 1 174 ? -15.963 -4.203  18.298  1.00 24.58 ? 174 ALA A O   1 
ATOM   1435 C  CB  . ALA A 1 174 ? -16.131 -4.671  15.250  1.00 17.89 ? 174 ALA A CB  1 
ATOM   1436 N  N   . ARG A 1 175 ? -14.042 -5.244  17.807  1.00 24.11 ? 175 ARG A N   1 
ATOM   1437 C  CA  . ARG A 1 175 ? -13.909 -5.807  19.143  1.00 27.22 ? 175 ARG A CA  1 
ATOM   1438 C  C   . ARG A 1 175 ? -13.066 -4.888  20.025  1.00 29.46 ? 175 ARG A C   1 
ATOM   1439 O  O   . ARG A 1 175 ? -12.867 -5.156  21.213  1.00 29.74 ? 175 ARG A O   1 
ATOM   1440 C  CB  . ARG A 1 175 ? -13.273 -7.201  19.079  1.00 23.68 ? 175 ARG A CB  1 
ATOM   1441 C  CG  . ARG A 1 175 ? -14.215 -8.302  18.603  1.00 20.03 ? 175 ARG A CG  1 
ATOM   1442 C  CD  . ARG A 1 175 ? -13.572 -9.683  18.738  1.00 24.31 ? 175 ARG A CD  1 
ATOM   1443 N  NE  . ARG A 1 175 ? -12.529 -9.938  17.744  1.00 25.56 ? 175 ARG A NE  1 
ATOM   1444 C  CZ  . ARG A 1 175 ? -12.765 -10.214 16.465  1.00 24.13 ? 175 ARG A CZ  1 
ATOM   1445 N  NH1 . ARG A 1 175 ? -14.012 -10.274 16.015  1.00 23.87 ? 175 ARG A NH1 1 
ATOM   1446 N  NH2 . ARG A 1 175 ? -11.759 -10.439 15.632  1.00 21.67 ? 175 ARG A NH2 1 
ATOM   1447 N  N   . ASP A 1 176 ? -12.586 -3.798  19.433  1.00 30.98 ? 176 ASP A N   1 
ATOM   1448 C  CA  . ASP A 1 176 ? -11.756 -2.820  20.130  1.00 29.03 ? 176 ASP A CA  1 
ATOM   1449 C  C   . ASP A 1 176 ? -12.583 -1.612  20.577  1.00 27.86 ? 176 ASP A C   1 
ATOM   1450 O  O   . ASP A 1 176 ? -12.887 -0.727  19.775  1.00 22.74 ? 176 ASP A O   1 
ATOM   1451 C  CB  . ASP A 1 176 ? -10.627 -2.352  19.207  1.00 29.16 ? 176 ASP A CB  1 
ATOM   1452 C  CG  . ASP A 1 176 ? -9.723  -1.320  19.860  1.00 30.67 ? 176 ASP A CG  1 
ATOM   1453 O  OD1 . ASP A 1 176 ? -10.144 -0.699  20.859  1.00 28.73 ? 176 ASP A OD1 1 
ATOM   1454 O  OD2 . ASP A 1 176 ? -8.593  -1.119  19.363  1.00 27.49 ? 176 ASP A OD2 1 
ATOM   1455 N  N   . GLU A 1 177 ? -12.931 -1.574  21.859  1.00 28.84 ? 177 GLU A N   1 
ATOM   1456 C  CA  . GLU A 1 177 ? -13.720 -0.480  22.412  1.00 28.98 ? 177 GLU A CA  1 
ATOM   1457 C  C   . GLU A 1 177 ? -13.074 0.892   22.234  1.00 28.65 ? 177 GLU A C   1 
ATOM   1458 O  O   . GLU A 1 177 ? -13.771 1.896   22.088  1.00 31.33 ? 177 GLU A O   1 
ATOM   1459 C  CB  . GLU A 1 177 ? -13.993 -0.731  23.892  1.00 32.13 ? 177 GLU A CB  1 
ATOM   1460 C  CG  . GLU A 1 177 ? -14.961 -1.873  24.145  1.00 40.02 ? 177 GLU A CG  1 
ATOM   1461 C  CD  . GLU A 1 177 ? -15.327 -2.006  25.606  1.00 42.14 ? 177 GLU A CD  1 
ATOM   1462 O  OE1 . GLU A 1 177 ? -15.720 -0.988  26.215  1.00 46.26 ? 177 GLU A OE1 1 
ATOM   1463 O  OE2 . GLU A 1 177 ? -15.229 -3.128  26.144  1.00 47.28 ? 177 GLU A OE2 1 
ATOM   1464 N  N   . GLU A 1 178 ? -11.747 0.943   22.252  1.00 25.56 ? 178 GLU A N   1 
ATOM   1465 C  CA  . GLU A 1 178 ? -11.058 2.212   22.062  1.00 26.33 ? 178 GLU A CA  1 
ATOM   1466 C  C   . GLU A 1 178 ? -11.387 2.693   20.658  1.00 26.57 ? 178 GLU A C   1 
ATOM   1467 O  O   . GLU A 1 178 ? -11.681 3.870   20.439  1.00 25.63 ? 178 GLU A O   1 
ATOM   1468 C  CB  . GLU A 1 178 ? -9.543  2.048   22.187  1.00 27.22 ? 178 GLU A CB  1 
ATOM   1469 C  CG  . GLU A 1 178 ? -8.787  3.369   22.067  1.00 35.65 ? 178 GLU A CG  1 
ATOM   1470 C  CD  . GLU A 1 178 ? -7.284  3.184   21.965  1.00 38.48 ? 178 GLU A CD  1 
ATOM   1471 O  OE1 . GLU A 1 178 ? -6.785  2.120   22.396  1.00 33.66 ? 178 GLU A OE1 1 
ATOM   1472 O  OE2 . GLU A 1 178 ? -6.601  4.107   21.464  1.00 34.27 ? 178 GLU A OE2 1 
ATOM   1473 N  N   . TYR A 1 179 ? -11.335 1.761   19.711  1.00 25.94 ? 179 TYR A N   1 
ATOM   1474 C  CA  . TYR A 1 179 ? -11.621 2.057   18.315  1.00 24.67 ? 179 TYR A CA  1 
ATOM   1475 C  C   . TYR A 1 179 ? -13.052 2.557   18.155  1.00 25.34 ? 179 TYR A C   1 
ATOM   1476 O  O   . TYR A 1 179 ? -13.297 3.558   17.476  1.00 22.96 ? 179 TYR A O   1 
ATOM   1477 C  CB  . TYR A 1 179 ? -11.424 0.811   17.445  1.00 21.70 ? 179 TYR A CB  1 
ATOM   1478 C  CG  . TYR A 1 179 ? -11.670 1.098   15.991  1.00 14.58 ? 179 TYR A CG  1 
ATOM   1479 C  CD1 . TYR A 1 179 ? -10.739 1.815   15.236  1.00 15.19 ? 179 TYR A CD1 1 
ATOM   1480 C  CD2 . TYR A 1 179 ? -12.867 0.727   15.382  1.00 15.14 ? 179 TYR A CD2 1 
ATOM   1481 C  CE1 . TYR A 1 179 ? -10.994 2.160   13.914  1.00 19.94 ? 179 TYR A CE1 1 
ATOM   1482 C  CE2 . TYR A 1 179 ? -13.135 1.067   14.053  1.00 18.98 ? 179 TYR A CE2 1 
ATOM   1483 C  CZ  . TYR A 1 179 ? -12.194 1.782   13.326  1.00 21.53 ? 179 TYR A CZ  1 
ATOM   1484 O  OH  . TYR A 1 179 ? -12.441 2.108   12.014  1.00 24.59 ? 179 TYR A OH  1 
ATOM   1485 N  N   . LEU A 1 180 ? -13.995 1.847   18.772  1.00 24.76 ? 180 LEU A N   1 
ATOM   1486 C  CA  . LEU A 1 180 ? -15.401 2.226   18.719  1.00 24.00 ? 180 LEU A CA  1 
ATOM   1487 C  C   . LEU A 1 180 ? -15.581 3.656   19.218  1.00 23.89 ? 180 LEU A C   1 
ATOM   1488 O  O   . LEU A 1 180 ? -16.310 4.441   18.618  1.00 23.14 ? 180 LEU A O   1 
ATOM   1489 C  CB  . LEU A 1 180 ? -16.237 1.268   19.568  1.00 23.34 ? 180 LEU A CB  1 
ATOM   1490 C  CG  . LEU A 1 180 ? -16.284 -0.170  19.050  1.00 27.12 ? 180 LEU A CG  1 
ATOM   1491 C  CD1 . LEU A 1 180 ? -17.160 -1.008  19.956  1.00 28.38 ? 180 LEU A CD1 1 
ATOM   1492 C  CD2 . LEU A 1 180 ? -16.826 -0.187  17.626  1.00 31.28 ? 180 LEU A CD2 1 
ATOM   1493 N  N   . GLU A 1 181 ? -14.908 3.988   20.317  1.00 22.91 ? 181 GLU A N   1 
ATOM   1494 C  CA  . GLU A 1 181 ? -14.986 5.334   20.872  1.00 22.26 ? 181 GLU A CA  1 
ATOM   1495 C  C   . GLU A 1 181 ? -14.386 6.331   19.887  1.00 18.83 ? 181 GLU A C   1 
ATOM   1496 O  O   . GLU A 1 181 ? -14.923 7.422   19.689  1.00 19.27 ? 181 GLU A O   1 
ATOM   1497 C  CB  . GLU A 1 181 ? -14.244 5.412   22.211  1.00 17.68 ? 181 GLU A CB  1 
ATOM   1498 C  CG  . GLU A 1 181 ? -14.069 6.831   22.726  1.00 27.96 ? 181 GLU A CG  1 
ATOM   1499 C  CD  . GLU A 1 181 ? -13.596 6.880   24.166  1.00 39.11 ? 181 GLU A CD  1 
ATOM   1500 O  OE1 . GLU A 1 181 ? -14.347 6.415   25.049  1.00 45.67 ? 181 GLU A OE1 1 
ATOM   1501 O  OE2 . GLU A 1 181 ? -12.477 7.382   24.416  1.00 33.97 ? 181 GLU A OE2 1 
ATOM   1502 N  N   . LEU A 1 182 ? -13.269 5.953   19.274  1.00 17.58 ? 182 LEU A N   1 
ATOM   1503 C  CA  . LEU A 1 182 ? -12.618 6.814   18.297  1.00 18.03 ? 182 LEU A CA  1 
ATOM   1504 C  C   . LEU A 1 182 ? -13.555 7.018   17.117  1.00 19.38 ? 182 LEU A C   1 
ATOM   1505 O  O   . LEU A 1 182 ? -13.673 8.126   16.592  1.00 22.22 ? 182 LEU A O   1 
ATOM   1506 C  CB  . LEU A 1 182 ? -11.302 6.195   17.816  1.00 17.62 ? 182 LEU A CB  1 
ATOM   1507 C  CG  . LEU A 1 182 ? -10.163 6.178   18.844  1.00 17.07 ? 182 LEU A CG  1 
ATOM   1508 C  CD1 . LEU A 1 182 ? -8.980  5.389   18.312  1.00 18.46 ? 182 LEU A CD1 1 
ATOM   1509 C  CD2 . LEU A 1 182 ? -9.755  7.605   19.164  1.00 16.61 ? 182 LEU A CD2 1 
ATOM   1510 N  N   . LEU A 1 183 ? -14.233 5.946   16.715  1.00 18.56 ? 183 LEU A N   1 
ATOM   1511 C  CA  . LEU A 1 183 ? -15.163 5.999   15.595  1.00 16.59 ? 183 LEU A CA  1 
ATOM   1512 C  C   . LEU A 1 183 ? -16.328 6.952   15.860  1.00 18.94 ? 183 LEU A C   1 
ATOM   1513 O  O   . LEU A 1 183 ? -16.777 7.655   14.955  1.00 18.26 ? 183 LEU A O   1 
ATOM   1514 C  CB  . LEU A 1 183 ? -15.701 4.597   15.287  1.00 16.10 ? 183 LEU A CB  1 
ATOM   1515 C  CG  . LEU A 1 183 ? -16.755 4.491   14.180  1.00 15.91 ? 183 LEU A CG  1 
ATOM   1516 C  CD1 . LEU A 1 183 ? -16.187 5.031   12.874  1.00 17.63 ? 183 LEU A CD1 1 
ATOM   1517 C  CD2 . LEU A 1 183 ? -17.184 3.048   14.013  1.00 9.94  ? 183 LEU A CD2 1 
ATOM   1518 N  N   . LYS A 1 184 ? -16.818 6.971   17.097  1.00 20.12 ? 184 LYS A N   1 
ATOM   1519 C  CA  . LYS A 1 184 ? -17.935 7.843   17.454  1.00 22.64 ? 184 LYS A CA  1 
ATOM   1520 C  C   . LYS A 1 184 ? -17.520 9.312   17.538  1.00 22.35 ? 184 LYS A C   1 
ATOM   1521 O  O   . LYS A 1 184 ? -18.298 10.201  17.205  1.00 24.51 ? 184 LYS A O   1 
ATOM   1522 C  CB  . LYS A 1 184 ? -18.560 7.396   18.774  1.00 26.67 ? 184 LYS A CB  1 
ATOM   1523 C  CG  . LYS A 1 184 ? -19.276 6.058   18.689  1.00 28.95 ? 184 LYS A CG  1 
ATOM   1524 C  CD  . LYS A 1 184 ? -20.007 5.749   19.980  1.00 32.62 ? 184 LYS A CD  1 
ATOM   1525 C  CE  . LYS A 1 184 ? -19.041 5.626   21.151  1.00 43.39 ? 184 LYS A CE  1 
ATOM   1526 N  NZ  . LYS A 1 184 ? -18.050 4.530   20.951  1.00 45.97 ? 184 LYS A NZ  1 
ATOM   1527 N  N   . ARG A 1 185 ? -16.298 9.568   17.983  1.00 26.05 ? 185 ARG A N   1 
ATOM   1528 C  CA  . ARG A 1 185 ? -15.802 10.938  18.062  1.00 27.95 ? 185 ARG A CA  1 
ATOM   1529 C  C   . ARG A 1 185 ? -15.734 11.503  16.638  1.00 28.75 ? 185 ARG A C   1 
ATOM   1530 O  O   . ARG A 1 185 ? -16.117 12.649  16.391  1.00 25.35 ? 185 ARG A O   1 
ATOM   1531 C  CB  . ARG A 1 185 ? -14.412 10.959  18.702  1.00 27.12 ? 185 ARG A CB  1 
ATOM   1532 C  CG  . ARG A 1 185 ? -14.381 11.355  20.174  1.00 32.44 ? 185 ARG A CG  1 
ATOM   1533 C  CD  . ARG A 1 185 ? -14.416 12.875  20.362  1.00 32.68 ? 185 ARG A CD  1 
ATOM   1534 N  NE  . ARG A 1 185 ? -15.768 13.425  20.419  1.00 32.35 ? 185 ARG A NE  1 
ATOM   1535 C  CZ  . ARG A 1 185 ? -16.041 14.723  20.505  1.00 36.35 ? 185 ARG A CZ  1 
ATOM   1536 N  NH1 . ARG A 1 185 ? -15.058 15.613  20.543  1.00 38.00 ? 185 ARG A NH1 1 
ATOM   1537 N  NH2 . ARG A 1 185 ? -17.299 15.139  20.560  1.00 43.83 ? 185 ARG A NH2 1 
ATOM   1538 N  N   . LEU A 1 186 ? -15.249 10.687  15.703  1.00 27.20 ? 186 LEU A N   1 
ATOM   1539 C  CA  . LEU A 1 186 ? -15.141 11.108  14.311  1.00 24.13 ? 186 LEU A CA  1 
ATOM   1540 C  C   . LEU A 1 186 ? -16.520 11.539  13.821  1.00 23.92 ? 186 LEU A C   1 
ATOM   1541 O  O   . LEU A 1 186 ? -16.662 12.561  13.150  1.00 24.05 ? 186 LEU A O   1 
ATOM   1542 C  CB  . LEU A 1 186 ? -14.624 9.963   13.436  1.00 18.99 ? 186 LEU A CB  1 
ATOM   1543 C  CG  . LEU A 1 186 ? -14.444 10.311  11.954  1.00 23.32 ? 186 LEU A CG  1 
ATOM   1544 C  CD1 . LEU A 1 186 ? -13.245 11.247  11.790  1.00 11.16 ? 186 LEU A CD1 1 
ATOM   1545 C  CD2 . LEU A 1 186 ? -14.258 9.031   11.134  1.00 19.32 ? 186 LEU A CD2 1 
ATOM   1546 N  N   . GLY A 1 187 ? -17.532 10.750  14.171  1.00 21.30 ? 187 GLY A N   1 
ATOM   1547 C  CA  . GLY A 1 187 ? -18.886 11.068  13.765  1.00 22.72 ? 187 GLY A CA  1 
ATOM   1548 C  C   . GLY A 1 187 ? -19.359 12.402  14.314  1.00 26.41 ? 187 GLY A C   1 
ATOM   1549 O  O   . GLY A 1 187 ? -20.223 13.049  13.724  1.00 28.09 ? 187 GLY A O   1 
ATOM   1550 N  N   . SER A 1 188 ? -18.787 12.820  15.440  1.00 25.76 ? 188 SER A N   1 
ATOM   1551 C  CA  . SER A 1 188 ? -19.159 14.085  16.061  1.00 29.93 ? 188 SER A CA  1 
ATOM   1552 C  C   . SER A 1 188 ? -18.350 15.235  15.473  1.00 30.97 ? 188 SER A C   1 
ATOM   1553 O  O   . SER A 1 188 ? -18.869 16.327  15.251  1.00 33.53 ? 188 SER A O   1 
ATOM   1554 C  CB  . SER A 1 188 ? -18.918 14.023  17.574  1.00 30.67 ? 188 SER A CB  1 
ATOM   1555 O  OG  . SER A 1 188 ? -19.691 13.003  18.181  1.00 35.41 ? 188 SER A OG  1 
ATOM   1556 N  N   . ILE A 1 189 ? -17.075 14.970  15.220  1.00 30.52 ? 189 ILE A N   1 
ATOM   1557 C  CA  . ILE A 1 189 ? -16.154 15.961  14.683  1.00 31.40 ? 189 ILE A CA  1 
ATOM   1558 C  C   . ILE A 1 189 ? -16.347 16.348  13.215  1.00 34.84 ? 189 ILE A C   1 
ATOM   1559 O  O   . ILE A 1 189 ? -16.201 17.522  12.870  1.00 35.27 ? 189 ILE A O   1 
ATOM   1560 C  CB  . ILE A 1 189 ? -14.693 15.485  14.869  1.00 29.95 ? 189 ILE A CB  1 
ATOM   1561 C  CG1 . ILE A 1 189 ? -14.316 15.554  16.349  1.00 33.30 ? 189 ILE A CG1 1 
ATOM   1562 C  CG2 . ILE A 1 189 ? -13.744 16.328  14.024  1.00 32.95 ? 189 ILE A CG2 1 
ATOM   1563 C  CD1 . ILE A 1 189 ? -12.935 15.008  16.655  1.00 30.42 ? 189 ILE A CD1 1 
ATOM   1564 N  N   . LEU A 1 190 ? -16.663 15.375  12.360  1.00 35.68 ? 190 LEU A N   1 
ATOM   1565 C  CA  . LEU A 1 190 ? -16.831 15.631  10.925  1.00 36.63 ? 190 LEU A CA  1 
ATOM   1566 C  C   . LEU A 1 190 ? -18.260 15.778  10.398  1.00 36.42 ? 190 LEU A C   1 
ATOM   1567 O  O   . LEU A 1 190 ? -18.891 14.789  10.031  1.00 37.17 ? 190 LEU A O   1 
ATOM   1568 C  CB  . LEU A 1 190 ? -16.134 14.531  10.118  1.00 33.19 ? 190 LEU A CB  1 
ATOM   1569 C  CG  . LEU A 1 190 ? -14.851 14.879  9.356   1.00 34.56 ? 190 LEU A CG  1 
ATOM   1570 C  CD1 . LEU A 1 190 ? -14.342 13.643  8.619   1.00 23.52 ? 190 LEU A CD1 1 
ATOM   1571 C  CD2 . LEU A 1 190 ? -15.120 16.012  8.375   1.00 17.64 ? 190 LEU A CD2 1 
ATOM   1572 N  N   . LYS A 1 191 ? -18.751 17.014  10.333  1.00 38.22 ? 191 LYS A N   1 
ATOM   1573 C  CA  . LYS A 1 191 ? -20.096 17.290  9.826   1.00 41.27 ? 191 LYS A CA  1 
ATOM   1574 C  C   . LYS A 1 191 ? -20.160 18.649  9.129   1.00 42.79 ? 191 LYS A C   1 
ATOM   1575 O  O   . LYS A 1 191 ? -20.796 18.737  8.056   1.00 41.98 ? 191 LYS A O   1 
ATOM   1576 C  CB  . LYS A 1 191 ? -21.131 17.252  10.955  1.00 44.73 ? 191 LYS A CB  1 
ATOM   1577 C  CG  . LYS A 1 191 ? -21.350 15.879  11.561  1.00 49.09 ? 191 LYS A CG  1 
ATOM   1578 C  CD  . LYS A 1 191 ? -20.736 15.788  12.946  1.00 54.04 ? 191 LYS A CD  1 
ATOM   1579 C  CE  . LYS A 1 191 ? -21.529 16.601  13.960  1.00 55.92 ? 191 LYS A CE  1 
ATOM   1580 N  NZ  . LYS A 1 191 ? -22.901 16.052  14.170  1.00 53.72 ? 191 LYS A NZ  1 
HETATM 1581 O  O   . HOH B 2 .   ? 1.578   8.827   12.552  1.00 17.87 ? 193 HOH A O   1 
HETATM 1582 O  O   . HOH B 2 .   ? 14.323  -8.094  -6.050  1.00 13.52 ? 194 HOH A O   1 
HETATM 1583 O  O   . HOH B 2 .   ? -3.966  20.408  6.673   1.00 30.21 ? 195 HOH A O   1 
HETATM 1584 O  O   . HOH B 2 .   ? 9.573   13.717  16.653  1.00 20.64 ? 196 HOH A O   1 
HETATM 1585 O  O   . HOH B 2 .   ? -16.975 -7.444  0.125   1.00 32.68 ? 197 HOH A O   1 
HETATM 1586 O  O   . HOH B 2 .   ? -11.317 4.659   7.588   1.00 24.75 ? 198 HOH A O   1 
HETATM 1587 O  O   . HOH B 2 .   ? 11.807  1.773   -25.604 1.00 28.86 ? 199 HOH A O   1 
HETATM 1588 O  O   . HOH B 2 .   ? -1.304  10.245  -8.314  1.00 37.89 ? 200 HOH A O   1 
HETATM 1589 O  O   . HOH B 2 .   ? -4.802  -5.844  15.664  1.00 23.00 ? 201 HOH A O   1 
HETATM 1590 O  O   . HOH B 2 .   ? 12.956  -3.593  -18.712 1.00 17.77 ? 202 HOH A O   1 
HETATM 1591 O  O   . HOH B 2 .   ? -5.394  -2.817  15.762  1.00 16.91 ? 203 HOH A O   1 
HETATM 1592 O  O   . HOH B 2 .   ? -4.848  4.863   19.472  1.00 29.57 ? 204 HOH A O   1 
HETATM 1593 O  O   . HOH B 2 .   ? 16.508  -2.474  -15.580 1.00 34.24 ? 205 HOH A O   1 
HETATM 1594 O  O   . HOH B 2 .   ? -3.786  -1.356  17.414  1.00 20.53 ? 206 HOH A O   1 
HETATM 1595 O  O   . HOH B 2 .   ? 0.033   -4.318  -3.695  1.00 33.95 ? 207 HOH A O   1 
HETATM 1596 O  O   . HOH B 2 .   ? 20.659  -4.611  -25.878 1.00 33.52 ? 208 HOH A O   1 
HETATM 1597 O  O   . HOH B 2 .   ? 15.856  -9.370  -10.186 1.00 19.18 ? 209 HOH A O   1 
HETATM 1598 O  O   . HOH B 2 .   ? -4.193  -1.657  -13.725 1.00 19.25 ? 210 HOH A O   1 
HETATM 1599 O  O   . HOH B 2 .   ? 5.469   -12.876 -14.001 1.00 29.76 ? 211 HOH A O   1 
HETATM 1600 O  O   . HOH B 2 .   ? -11.689 -11.098 12.478  1.00 18.26 ? 212 HOH A O   1 
HETATM 1601 O  O   . HOH B 2 .   ? -12.701 -15.860 -7.164  1.00 30.72 ? 213 HOH A O   1 
HETATM 1602 O  O   . HOH B 2 .   ? 9.431   -6.686  5.161   1.00 29.82 ? 214 HOH A O   1 
HETATM 1603 O  O   . HOH B 2 .   ? 4.329   3.513   16.171  1.00 33.46 ? 215 HOH A O   1 
HETATM 1604 O  O   . HOH B 2 .   ? -3.257  6.338   -12.642 1.00 42.52 ? 216 HOH A O   1 
HETATM 1605 O  O   . HOH B 2 .   ? 4.561   -11.589 -11.862 1.00 32.57 ? 217 HOH A O   1 
# 
